data_3U9U
#
_entry.id   3U9U
#
_cell.length_a   83.121
_cell.length_b   110.914
_cell.length_c   362.051
_cell.angle_alpha   90.00
_cell.angle_beta   90.00
_cell.angle_gamma   90.00
#
_symmetry.space_group_name_H-M   'P 21 21 21'
#
loop_
_entity.id
_entity.type
_entity.pdbx_description
1 polymer 'Fab Heavy Chain'
2 polymer 'Fab Light Chain'
3 polymer 'Receptor tyrosine-protein kinase erbB-4'
#
loop_
_entity_poly.entity_id
_entity_poly.type
_entity_poly.pdbx_seq_one_letter_code
_entity_poly.pdbx_strand_id
1 'polypeptide(L)'
;QVTLKESGPGILQPSQTLSLTCSFSGFSLSTYGIGVGWIRQPSGKGLEWLAHIWWNDNKYYNIALRSRLTISKDTSNNQV
FLKIASVDTADTATYYCARIPDDHYFDYWGQGTTLTVSSAKTTAPSVYPLAPVCGDTTGSSVTLGCLVKGYFPEPVTLTW
NSGSLSSGVHTFPAVLQSDLYTLSSSVTVTSSTWPSQSITCNVAHPASSTKVDKKIEPRGPTIK
;
A,C
2 'polypeptide(L)'
;DVLMTQTPLSLPVSLGDQASISCRSSQSIVHSNGNTYLEWYLQKPGQSPKLLIYKVSNRFSGVPDRFSGSGSGTDFTLKI
SRVEAEDLGVYYCFQGSHVPWTFGGGTKLEIKRADAAPTVSIFPPSSEQLTSGGASVVCFLNNFYPKDINVKWKIDGSER
QNGVLNSWTDQDSKDSTYSMSSTLTLTKDEYERHNSYTCEATHKTSTSPIVKSFNRNEC
;
B,D
3 'polypeptide(L)'
;QSVCAGTENKLSSLSDLEQQYRALRKYYENCEVVMGNLEITSIEHNRDLSFLRSVREVTGYVLVALNQFRYLPLENLRII
RGTKLYEDRYALAIFLNYRKDGNFGLQELGLKNLTEILNGGVYVDQNKFLCYADTIHWQDIVRNPWPSNLTLVSTNGSSG
CGRCHKSCTGRCWGPTENHCQTLTRTVCAEQCDGRCYGPYVSDCCHRECAGGCSGPKDTDCFACMNFNDSGACVTQCPQT
FVYNPTTFQLEHNFNAKYTYGAFCVKKCPHNFVVDSSSCVRACPSSKMEVEENGIKMCKPCTDICPKACDGIGTGSLMSA
QTVDSSNIDKFINCTKINGNLIFLVTGIHGDPYNAIEAIDPEKLNVFRTVREITGFLNIQSWPPNMTDFSVFSNLVTIGG
RVLYSGLSLLILKQQGITSLQFQSLKEISAGNIYITDNSNLCYYHTINWTTLFSTINQRIVIRDNRKAENCTAEGMVCNH
LCSSDGCWGPGPDQCLSCRRFSRGRICIESCNLYDGEFREFENDSICVECDPQCEKMEDGLLTCHGPGPDNCTKCSHFKD
GPNCVEKCPDGLQGANSFIFKYADPDRECHPCHPNCTQGCNGPTSHDCIYYPWTGHSTLPQHART
;
E,F
#
# COMPACT_ATOMS: atom_id res chain seq x y z
N GLN A 1 -4.94 11.48 -13.66
CA GLN A 1 -4.97 12.70 -14.44
C GLN A 1 -3.75 13.60 -14.19
N VAL A 2 -3.67 14.27 -13.01
CA VAL A 2 -2.61 15.19 -12.55
C VAL A 2 -1.56 15.63 -13.59
N THR A 3 -1.75 16.82 -14.16
CA THR A 3 -0.83 17.40 -15.14
C THR A 3 -0.44 18.86 -14.80
N LEU A 4 0.85 19.18 -14.95
CA LEU A 4 1.45 20.50 -14.74
C LEU A 4 2.24 20.89 -16.00
N LYS A 5 1.85 21.99 -16.64
CA LYS A 5 2.46 22.53 -17.86
C LYS A 5 2.92 23.94 -17.55
N GLU A 6 4.16 24.26 -17.86
CA GLU A 6 4.63 25.61 -17.60
C GLU A 6 5.03 26.38 -18.83
N SER A 7 4.39 27.57 -19.04
CA SER A 7 4.60 28.48 -20.15
C SER A 7 5.62 29.56 -19.78
N GLY A 8 6.61 29.76 -20.65
CA GLY A 8 7.66 30.76 -20.48
C GLY A 8 8.06 31.51 -21.74
N PRO A 9 8.88 32.58 -21.61
CA PRO A 9 9.33 33.32 -22.80
C PRO A 9 10.39 32.52 -23.57
N GLY A 10 11.07 31.64 -22.83
CA GLY A 10 12.13 30.77 -23.31
C GLY A 10 13.47 31.42 -23.55
N ILE A 11 13.46 32.68 -24.05
CA ILE A 11 14.69 33.41 -24.38
C ILE A 11 14.46 34.91 -24.25
N LEU A 12 15.30 35.59 -23.44
CA LEU A 12 15.20 37.04 -23.24
C LEU A 12 16.48 37.78 -22.87
N GLN A 13 16.56 39.10 -23.17
CA GLN A 13 17.72 39.97 -22.94
C GLN A 13 17.99 40.27 -21.47
N PRO A 14 19.26 40.42 -21.04
CA PRO A 14 19.52 40.75 -19.63
C PRO A 14 18.83 42.01 -19.16
N SER A 15 18.43 41.99 -17.89
CA SER A 15 17.75 43.05 -17.16
C SER A 15 16.26 43.24 -17.50
N GLN A 16 15.70 42.32 -18.32
CA GLN A 16 14.28 42.29 -18.63
C GLN A 16 13.60 41.56 -17.48
N THR A 17 12.25 41.56 -17.45
CA THR A 17 11.55 40.84 -16.38
C THR A 17 10.96 39.51 -16.86
N LEU A 18 11.41 38.40 -16.23
CA LEU A 18 10.94 37.04 -16.50
C LEU A 18 9.60 36.82 -15.83
N SER A 19 8.63 36.40 -16.62
CA SER A 19 7.25 36.14 -16.18
C SER A 19 6.86 34.78 -16.73
N LEU A 20 6.57 33.79 -15.83
CA LEU A 20 6.18 32.42 -16.20
C LEU A 20 4.90 31.90 -15.53
N THR A 21 4.14 31.08 -16.27
CA THR A 21 2.84 30.53 -15.84
C THR A 21 2.79 29.00 -15.75
N CYS A 22 2.54 28.49 -14.55
CA CYS A 22 2.34 27.07 -14.32
C CYS A 22 0.83 26.80 -14.43
N SER A 23 0.36 26.33 -15.59
CA SER A 23 -1.04 25.99 -15.76
C SER A 23 -1.16 24.55 -15.35
N PHE A 24 -2.28 24.14 -14.72
CA PHE A 24 -2.45 22.75 -14.26
C PHE A 24 -3.87 22.19 -14.26
N SER A 25 -3.97 20.86 -14.26
CA SER A 25 -5.21 20.08 -14.20
C SER A 25 -5.02 18.84 -13.29
N GLY A 26 -6.14 18.21 -12.92
CA GLY A 26 -6.15 17.05 -12.03
C GLY A 26 -6.25 17.36 -10.54
N PHE A 27 -6.22 18.65 -10.17
CA PHE A 27 -6.32 19.14 -8.79
C PHE A 27 -6.56 20.64 -8.75
N SER A 28 -7.22 21.14 -7.70
CA SER A 28 -7.47 22.57 -7.59
C SER A 28 -6.72 23.17 -6.41
N LEU A 29 -6.27 24.44 -6.54
CA LEU A 29 -5.56 25.15 -5.46
C LEU A 29 -6.57 25.71 -4.43
N SER A 30 -7.87 25.52 -4.75
CA SER A 30 -9.01 25.87 -3.90
C SER A 30 -9.22 24.75 -2.86
N THR A 31 -8.63 23.55 -3.09
CA THR A 31 -8.72 22.43 -2.15
C THR A 31 -7.82 22.70 -0.95
N TYR A 32 -8.09 21.99 0.15
CA TYR A 32 -7.37 22.06 1.42
C TYR A 32 -5.88 21.69 1.26
N GLY A 33 -5.02 22.21 2.13
CA GLY A 33 -3.59 21.89 2.17
C GLY A 33 -2.74 21.99 0.91
N ILE A 34 -3.37 21.95 -0.28
CA ILE A 34 -2.71 22.00 -1.58
C ILE A 34 -1.90 23.27 -1.85
N GLY A 35 -0.72 23.08 -2.43
CA GLY A 35 0.23 24.13 -2.76
C GLY A 35 1.00 23.83 -4.02
N VAL A 36 1.47 24.86 -4.74
CA VAL A 36 2.24 24.74 -5.98
C VAL A 36 3.54 25.52 -5.77
N GLY A 37 4.65 24.97 -6.23
CA GLY A 37 5.95 25.60 -6.07
C GLY A 37 6.81 25.69 -7.32
N TRP A 38 7.90 26.48 -7.23
CA TRP A 38 8.85 26.66 -8.32
C TRP A 38 10.27 26.25 -7.96
N ILE A 39 10.90 25.45 -8.87
CA ILE A 39 12.27 24.93 -8.80
C ILE A 39 13.00 25.21 -10.14
N ARG A 40 14.29 25.56 -10.07
CA ARG A 40 15.06 25.82 -11.27
C ARG A 40 16.24 24.90 -11.34
N GLN A 41 16.52 24.40 -12.53
CA GLN A 41 17.65 23.51 -12.78
C GLN A 41 18.58 24.13 -13.83
N PRO A 42 19.79 24.57 -13.39
CA PRO A 42 20.73 25.13 -14.37
C PRO A 42 21.46 24.07 -15.18
N SER A 43 21.35 24.16 -16.51
CA SER A 43 22.02 23.39 -17.57
C SER A 43 22.93 22.17 -17.18
N GLY A 44 22.36 21.17 -16.50
CA GLY A 44 23.12 19.99 -16.09
C GLY A 44 23.83 20.19 -14.77
N LYS A 45 23.04 20.57 -13.74
CA LYS A 45 23.43 20.80 -12.36
C LYS A 45 22.23 20.50 -11.49
N GLY A 46 22.45 20.49 -10.18
CA GLY A 46 21.45 20.20 -9.15
C GLY A 46 20.28 21.16 -9.08
N LEU A 47 19.19 20.70 -8.49
CA LEU A 47 17.99 21.52 -8.39
C LEU A 47 18.10 22.58 -7.29
N GLU A 48 17.26 23.62 -7.39
CA GLU A 48 17.19 24.74 -6.45
C GLU A 48 15.75 25.24 -6.36
N TRP A 49 15.18 25.23 -5.12
CA TRP A 49 13.82 25.72 -4.83
C TRP A 49 13.85 27.25 -4.85
N LEU A 50 12.84 27.85 -5.52
CA LEU A 50 12.71 29.30 -5.63
C LEU A 50 11.68 29.85 -4.66
N ALA A 51 10.42 29.44 -4.86
CA ALA A 51 9.26 29.88 -4.07
C ALA A 51 8.03 28.96 -4.25
N HIS A 52 7.02 29.15 -3.39
CA HIS A 52 5.76 28.42 -3.46
C HIS A 52 4.68 29.16 -2.70
N ILE A 53 3.43 28.92 -3.13
CA ILE A 53 2.22 29.48 -2.55
C ILE A 53 1.26 28.34 -2.18
N TRP A 54 0.64 28.47 -0.98
CA TRP A 54 -0.32 27.54 -0.41
C TRP A 54 -1.72 27.98 -0.72
N TRP A 55 -2.67 27.03 -0.64
CA TRP A 55 -4.12 27.23 -0.85
C TRP A 55 -4.71 28.51 -0.19
N ASN A 56 -4.22 28.85 1.04
CA ASN A 56 -4.63 29.97 1.88
C ASN A 56 -3.90 31.28 1.52
N ASP A 57 -3.12 31.27 0.41
CA ASP A 57 -2.34 32.39 -0.11
C ASP A 57 -1.09 32.76 0.74
N ASN A 58 -0.49 31.76 1.43
CA ASN A 58 0.74 32.04 2.16
C ASN A 58 1.88 31.75 1.19
N LYS A 59 2.73 32.75 0.96
CA LYS A 59 3.84 32.65 0.02
C LYS A 59 5.17 32.50 0.75
N TYR A 60 5.98 31.55 0.30
CA TYR A 60 7.33 31.29 0.83
C TYR A 60 8.33 31.43 -0.30
N TYR A 61 9.32 32.31 -0.11
CA TYR A 61 10.33 32.64 -1.11
C TYR A 61 11.71 32.28 -0.62
N ASN A 62 12.63 32.00 -1.56
CA ASN A 62 14.02 31.73 -1.23
C ASN A 62 14.65 33.02 -0.70
N ILE A 63 15.18 32.96 0.53
CA ILE A 63 15.84 34.07 1.21
C ILE A 63 17.04 34.59 0.39
N ALA A 64 17.56 33.76 -0.52
CA ALA A 64 18.69 34.05 -1.39
C ALA A 64 18.36 35.08 -2.46
N LEU A 65 17.17 34.98 -3.09
CA LEU A 65 16.78 35.89 -4.17
C LEU A 65 15.72 36.91 -3.76
N ARG A 66 14.72 36.45 -2.98
CA ARG A 66 13.64 37.21 -2.31
C ARG A 66 12.97 38.38 -3.05
N SER A 67 13.70 39.53 -3.14
CA SER A 67 13.36 40.83 -3.69
C SER A 67 12.90 40.83 -5.14
N ARG A 68 13.52 39.96 -5.97
CA ARG A 68 13.21 39.83 -7.39
C ARG A 68 11.98 38.97 -7.59
N LEU A 69 11.74 38.06 -6.63
CA LEU A 69 10.65 37.09 -6.64
C LEU A 69 9.28 37.55 -6.16
N THR A 70 8.26 37.23 -6.97
CA THR A 70 6.84 37.49 -6.69
C THR A 70 6.03 36.33 -7.24
N ILE A 71 5.31 35.65 -6.34
CA ILE A 71 4.48 34.51 -6.73
C ILE A 71 3.03 34.79 -6.44
N SER A 72 2.16 34.55 -7.42
CA SER A 72 0.74 34.75 -7.22
C SER A 72 -0.08 33.69 -7.90
N LYS A 73 -1.15 33.27 -7.25
CA LYS A 73 -2.03 32.26 -7.81
C LYS A 73 -3.23 32.91 -8.49
N ASP A 74 -4.03 32.07 -9.16
CA ASP A 74 -5.28 32.40 -9.83
C ASP A 74 -6.15 31.16 -9.72
N THR A 75 -6.77 31.03 -8.56
CA THR A 75 -7.60 29.92 -8.15
C THR A 75 -8.68 29.51 -9.18
N SER A 76 -9.43 30.50 -9.71
CA SER A 76 -10.50 30.28 -10.68
C SER A 76 -10.11 29.50 -11.95
N ASN A 77 -8.95 29.82 -12.57
CA ASN A 77 -8.48 29.18 -13.82
C ASN A 77 -7.29 28.22 -13.71
N ASN A 78 -7.02 27.71 -12.47
CA ASN A 78 -5.95 26.74 -12.16
C ASN A 78 -4.54 27.16 -12.68
N GLN A 79 -4.08 28.37 -12.32
CA GLN A 79 -2.79 28.91 -12.77
C GLN A 79 -2.02 29.55 -11.66
N VAL A 80 -0.69 29.42 -11.72
CA VAL A 80 0.27 30.02 -10.77
C VAL A 80 1.33 30.77 -11.60
N PHE A 81 1.69 31.97 -11.17
CA PHE A 81 2.65 32.77 -11.89
C PHE A 81 3.81 33.15 -11.04
N LEU A 82 5.02 32.85 -11.52
CA LEU A 82 6.22 33.31 -10.83
C LEU A 82 6.88 34.37 -11.72
N LYS A 83 7.27 35.50 -11.11
CA LYS A 83 7.89 36.62 -11.82
C LYS A 83 9.21 37.01 -11.15
N ILE A 84 10.33 36.91 -11.91
CA ILE A 84 11.67 37.28 -11.45
C ILE A 84 12.05 38.56 -12.17
N ALA A 85 12.55 39.55 -11.42
CA ALA A 85 12.85 40.84 -12.01
C ALA A 85 14.33 41.05 -12.27
N SER A 86 14.63 41.79 -13.38
CA SER A 86 15.97 42.16 -13.84
C SER A 86 16.92 40.96 -13.81
N VAL A 87 16.66 40.03 -14.73
CA VAL A 87 17.38 38.77 -14.91
C VAL A 87 18.75 38.96 -15.55
N ASP A 88 19.68 38.02 -15.32
CA ASP A 88 21.04 38.01 -15.87
C ASP A 88 21.43 36.58 -16.33
N THR A 89 22.59 36.41 -17.02
CA THR A 89 23.05 35.09 -17.50
C THR A 89 23.05 33.99 -16.42
N ALA A 90 23.05 34.40 -15.14
CA ALA A 90 23.00 33.51 -13.99
C ALA A 90 21.64 32.80 -13.84
N ASP A 91 20.60 33.34 -14.51
CA ASP A 91 19.25 32.80 -14.47
C ASP A 91 18.89 31.97 -15.70
N THR A 92 19.92 31.55 -16.47
CA THR A 92 19.74 30.67 -17.62
C THR A 92 19.56 29.27 -17.00
N ALA A 93 18.28 28.82 -16.87
CA ALA A 93 17.94 27.50 -16.31
C ALA A 93 16.63 26.95 -16.87
N THR A 94 16.23 25.75 -16.39
CA THR A 94 14.96 25.10 -16.71
C THR A 94 14.11 25.29 -15.48
N TYR A 95 12.92 25.84 -15.64
CA TYR A 95 12.07 26.16 -14.52
C TYR A 95 10.94 25.15 -14.41
N TYR A 96 10.83 24.46 -13.26
CA TYR A 96 9.78 23.47 -13.01
C TYR A 96 8.84 23.95 -11.93
N CYS A 97 7.56 23.64 -12.09
CA CYS A 97 6.53 23.89 -11.08
C CYS A 97 6.06 22.52 -10.61
N ALA A 98 5.93 22.36 -9.29
CA ALA A 98 5.51 21.09 -8.72
C ALA A 98 4.45 21.25 -7.64
N ARG A 99 3.53 20.29 -7.56
CA ARG A 99 2.43 20.25 -6.61
C ARG A 99 2.86 19.77 -5.21
N ILE A 100 2.36 20.42 -4.16
CA ILE A 100 2.62 20.03 -2.78
C ILE A 100 1.36 19.28 -2.24
N PRO A 101 1.41 17.96 -2.03
CA PRO A 101 0.20 17.26 -1.62
C PRO A 101 0.06 17.24 -0.08
N ASP A 102 -0.43 18.36 0.50
CA ASP A 102 -0.52 18.52 1.96
C ASP A 102 0.93 18.56 2.51
N ASP A 103 1.42 17.54 3.25
CA ASP A 103 2.81 17.50 3.74
C ASP A 103 3.85 18.32 2.96
N HIS A 104 4.83 18.83 3.68
CA HIS A 104 5.92 19.66 3.18
C HIS A 104 6.93 18.93 2.25
N TYR A 105 6.61 18.90 0.95
CA TYR A 105 7.40 18.33 -0.16
C TYR A 105 6.61 18.33 -1.49
N PHE A 106 7.31 18.12 -2.63
CA PHE A 106 6.72 18.07 -3.96
C PHE A 106 6.48 16.65 -4.43
N ASP A 107 5.37 16.41 -5.13
CA ASP A 107 5.08 15.07 -5.60
C ASP A 107 5.03 14.93 -7.10
N TYR A 108 4.29 15.82 -7.77
CA TYR A 108 4.20 15.76 -9.23
C TYR A 108 4.78 17.00 -9.87
N TRP A 109 5.89 16.83 -10.59
CA TRP A 109 6.55 17.93 -11.27
C TRP A 109 6.07 17.96 -12.71
N GLY A 110 6.24 19.10 -13.36
CA GLY A 110 5.86 19.27 -14.75
C GLY A 110 7.04 19.09 -15.71
N GLN A 111 6.76 19.18 -17.03
CA GLN A 111 7.76 19.08 -18.09
C GLN A 111 8.93 20.05 -17.89
N GLY A 112 8.62 21.28 -17.50
CA GLY A 112 9.60 22.33 -17.22
C GLY A 112 10.11 23.11 -18.41
N THR A 113 9.70 24.41 -18.51
CA THR A 113 10.14 25.32 -19.58
C THR A 113 11.62 25.70 -19.41
N THR A 114 12.33 25.95 -20.53
CA THR A 114 13.76 26.25 -20.48
C THR A 114 14.01 27.68 -20.84
N LEU A 115 14.56 28.46 -19.89
CA LEU A 115 14.85 29.86 -20.13
C LEU A 115 16.32 30.13 -20.35
N THR A 116 16.60 30.99 -21.34
CA THR A 116 17.93 31.43 -21.69
C THR A 116 18.04 32.99 -21.74
N VAL A 117 18.83 33.55 -20.79
CA VAL A 117 19.05 34.99 -20.62
C VAL A 117 20.38 35.31 -21.28
N SER A 118 20.33 36.08 -22.39
CA SER A 118 21.52 36.48 -23.18
C SER A 118 21.31 37.71 -24.08
N SER A 119 22.38 38.46 -24.23
CA SER A 119 22.50 39.65 -25.06
C SER A 119 22.62 39.25 -26.54
N ALA A 120 23.18 38.04 -26.81
CA ALA A 120 23.42 37.45 -28.13
C ALA A 120 22.23 37.52 -29.06
N LYS A 121 22.53 37.66 -30.37
CA LYS A 121 21.54 37.73 -31.44
C LYS A 121 21.52 36.39 -32.21
N THR A 122 20.38 36.05 -32.86
CA THR A 122 20.21 34.82 -33.63
C THR A 122 21.30 34.69 -34.71
N THR A 123 22.07 33.59 -34.64
CA THR A 123 23.23 33.30 -35.50
C THR A 123 23.23 31.85 -35.98
N ALA A 124 23.36 31.64 -37.30
CA ALA A 124 23.40 30.30 -37.89
C ALA A 124 24.75 29.63 -37.62
N PRO A 125 24.80 28.29 -37.53
CA PRO A 125 26.08 27.64 -37.20
C PRO A 125 27.01 27.48 -38.38
N SER A 126 28.31 27.55 -38.08
CA SER A 126 29.39 27.37 -39.05
C SER A 126 29.87 25.94 -38.86
N VAL A 127 29.54 25.06 -39.80
CA VAL A 127 29.89 23.64 -39.73
C VAL A 127 31.28 23.49 -40.32
N TYR A 128 32.20 22.93 -39.53
CA TYR A 128 33.55 22.72 -39.97
C TYR A 128 33.83 21.22 -40.00
N PRO A 129 34.25 20.69 -41.16
CA PRO A 129 34.53 19.25 -41.22
C PRO A 129 35.90 18.93 -40.65
N LEU A 130 35.99 17.78 -39.96
CA LEU A 130 37.26 17.37 -39.38
C LEU A 130 37.70 16.04 -39.96
N ALA A 131 38.62 16.11 -40.95
CA ALA A 131 39.23 14.97 -41.59
C ALA A 131 40.54 14.69 -40.86
N PRO A 132 41.04 13.43 -40.84
CA PRO A 132 42.27 13.14 -40.08
C PRO A 132 43.56 13.74 -40.66
N VAL A 133 44.62 13.78 -39.82
CA VAL A 133 45.95 14.33 -40.11
C VAL A 133 46.57 13.76 -41.42
N CYS A 134 47.52 14.52 -42.04
CA CYS A 134 48.23 14.15 -43.27
C CYS A 134 49.18 12.97 -43.02
N SER A 140 42.03 -1.93 -39.84
CA SER A 140 42.18 -0.53 -39.49
C SER A 140 40.82 0.17 -39.40
N SER A 141 40.79 1.29 -38.67
CA SER A 141 39.59 2.10 -38.44
C SER A 141 39.92 3.57 -38.59
N VAL A 142 38.94 4.38 -39.03
CA VAL A 142 39.10 5.83 -39.25
C VAL A 142 38.10 6.69 -38.46
N THR A 143 38.63 7.71 -37.76
CA THR A 143 37.84 8.66 -36.97
C THR A 143 37.74 10.02 -37.68
N LEU A 144 36.49 10.45 -37.91
CA LEU A 144 36.10 11.70 -38.54
C LEU A 144 35.32 12.52 -37.53
N GLY A 145 35.38 13.82 -37.70
CA GLY A 145 34.70 14.77 -36.82
C GLY A 145 33.88 15.79 -37.57
N CYS A 146 33.13 16.59 -36.79
CA CYS A 146 32.29 17.65 -37.33
C CYS A 146 32.16 18.71 -36.29
N LEU A 147 32.79 19.86 -36.48
CA LEU A 147 32.72 20.95 -35.51
C LEU A 147 31.68 22.04 -35.91
N VAL A 148 30.59 22.12 -35.14
CA VAL A 148 29.54 23.11 -35.31
C VAL A 148 29.97 24.23 -34.38
N LYS A 149 30.13 25.45 -34.90
CA LYS A 149 30.61 26.55 -34.10
C LYS A 149 29.84 27.84 -34.29
N GLY A 150 29.81 28.63 -33.22
CA GLY A 150 29.21 29.96 -33.15
C GLY A 150 27.77 30.08 -33.56
N TYR A 151 26.87 29.43 -32.81
CA TYR A 151 25.45 29.53 -33.08
C TYR A 151 24.66 30.02 -31.90
N PHE A 152 23.48 30.55 -32.19
CA PHE A 152 22.58 31.06 -31.18
C PHE A 152 21.11 31.10 -31.63
N PRO A 153 20.18 30.71 -30.75
CA PRO A 153 20.39 30.11 -29.44
C PRO A 153 20.52 28.59 -29.59
N GLU A 154 20.49 27.90 -28.46
CA GLU A 154 20.50 26.46 -28.46
C GLU A 154 19.03 26.03 -28.73
N PRO A 155 18.75 24.91 -29.40
CA PRO A 155 19.61 23.79 -29.75
C PRO A 155 19.87 23.57 -31.24
N VAL A 156 20.88 22.73 -31.55
CA VAL A 156 21.23 22.33 -32.91
C VAL A 156 21.09 20.81 -32.97
N THR A 157 20.65 20.26 -34.13
CA THR A 157 20.50 18.80 -34.32
C THR A 157 21.47 18.28 -35.40
N LEU A 158 22.37 17.37 -35.03
CA LEU A 158 23.39 16.83 -35.90
C LEU A 158 23.17 15.34 -36.21
N THR A 159 23.23 14.97 -37.49
CA THR A 159 23.16 13.57 -37.96
C THR A 159 24.30 13.29 -38.95
N TRP A 160 24.59 12.02 -39.19
CA TRP A 160 25.58 11.68 -40.19
C TRP A 160 24.83 10.97 -41.27
N ASN A 161 25.29 11.11 -42.53
CA ASN A 161 24.68 10.56 -43.75
C ASN A 161 23.13 10.55 -43.71
N SER A 162 22.55 11.68 -43.22
CA SER A 162 21.13 11.91 -43.01
C SER A 162 20.44 10.82 -42.19
N GLY A 163 21.10 10.45 -41.09
CA GLY A 163 20.62 9.43 -40.15
C GLY A 163 20.97 7.98 -40.47
N SER A 164 21.56 7.72 -41.66
CA SER A 164 21.95 6.37 -42.11
C SER A 164 23.05 5.83 -41.19
N LEU A 165 24.06 6.67 -40.90
CA LEU A 165 25.17 6.35 -40.02
C LEU A 165 24.76 6.65 -38.58
N SER A 166 24.82 5.63 -37.72
CA SER A 166 24.39 5.69 -36.31
C SER A 166 25.41 5.02 -35.37
N SER A 167 26.11 3.99 -35.87
CA SER A 167 27.11 3.23 -35.13
C SER A 167 28.40 4.05 -34.90
N GLY A 168 28.89 4.04 -33.67
CA GLY A 168 30.12 4.72 -33.28
C GLY A 168 30.08 6.23 -33.36
N VAL A 169 28.86 6.80 -33.22
CA VAL A 169 28.61 8.24 -33.28
C VAL A 169 28.60 8.78 -31.86
N HIS A 170 29.29 9.92 -31.65
CA HIS A 170 29.42 10.55 -30.34
C HIS A 170 29.17 12.04 -30.41
N THR A 171 27.91 12.50 -30.34
CA THR A 171 27.63 13.94 -30.32
C THR A 171 27.94 14.43 -28.90
N PHE A 172 28.71 15.50 -28.76
CA PHE A 172 29.05 16.04 -27.44
C PHE A 172 28.12 17.18 -27.05
N PRO A 173 27.83 17.40 -25.75
CA PRO A 173 27.00 18.54 -25.35
C PRO A 173 27.62 19.88 -25.74
N ALA A 174 26.77 20.90 -25.90
CA ALA A 174 27.25 22.23 -26.30
C ALA A 174 27.98 22.96 -25.17
N VAL A 175 29.02 23.73 -25.50
CA VAL A 175 29.77 24.56 -24.56
C VAL A 175 29.65 26.04 -24.94
N LEU A 176 29.31 26.93 -23.98
CA LEU A 176 29.20 28.35 -24.30
C LEU A 176 30.56 29.01 -24.56
N GLN A 177 30.90 29.10 -25.88
CA GLN A 177 32.15 29.62 -26.41
C GLN A 177 32.43 31.01 -25.89
N SER A 178 31.56 31.99 -26.21
CA SER A 178 31.69 33.37 -25.72
C SER A 178 30.30 33.91 -25.37
N ASP A 179 29.57 34.42 -26.39
CA ASP A 179 28.19 34.91 -26.29
C ASP A 179 27.31 33.80 -26.94
N LEU A 180 27.99 32.93 -27.75
CA LEU A 180 27.46 31.82 -28.56
C LEU A 180 27.99 30.43 -28.14
N TYR A 181 27.26 29.37 -28.58
CA TYR A 181 27.55 27.95 -28.33
C TYR A 181 28.38 27.32 -29.43
N THR A 182 28.93 26.14 -29.14
CA THR A 182 29.78 25.31 -30.01
C THR A 182 29.52 23.88 -29.62
N LEU A 183 29.67 22.92 -30.56
CA LEU A 183 29.55 21.50 -30.28
C LEU A 183 30.27 20.68 -31.33
N SER A 184 30.60 19.45 -30.98
CA SER A 184 31.24 18.51 -31.88
C SER A 184 30.56 17.15 -31.83
N SER A 185 30.91 16.28 -32.81
CA SER A 185 30.40 14.92 -32.94
C SER A 185 31.39 14.09 -33.73
N SER A 186 31.95 13.07 -33.09
CA SER A 186 32.90 12.18 -33.73
C SER A 186 32.14 11.03 -34.36
N VAL A 187 32.69 10.46 -35.43
CA VAL A 187 32.12 9.30 -36.10
C VAL A 187 33.25 8.36 -36.47
N THR A 188 33.14 7.08 -36.08
CA THR A 188 34.19 6.11 -36.39
C THR A 188 33.66 5.04 -37.33
N VAL A 189 34.39 4.83 -38.43
CA VAL A 189 34.03 3.86 -39.47
C VAL A 189 35.24 2.99 -39.84
N THR A 190 35.00 1.85 -40.51
CA THR A 190 36.05 0.96 -40.99
C THR A 190 36.89 1.68 -42.08
N SER A 191 38.22 1.51 -42.10
CA SER A 191 39.08 2.14 -43.11
C SER A 191 38.66 1.95 -44.60
N SER A 192 37.77 0.97 -44.87
CA SER A 192 37.25 0.64 -46.20
C SER A 192 35.97 1.39 -46.54
N THR A 193 35.29 1.97 -45.54
CA THR A 193 34.05 2.73 -45.66
C THR A 193 34.37 4.14 -46.14
N TRP A 194 35.40 4.76 -45.54
CA TRP A 194 35.84 6.12 -45.84
C TRP A 194 37.37 6.17 -46.12
N PRO A 195 37.88 6.96 -47.11
CA PRO A 195 37.21 7.94 -47.99
C PRO A 195 36.23 7.39 -49.01
N SER A 196 36.54 6.21 -49.60
CA SER A 196 35.79 5.46 -50.63
C SER A 196 34.29 5.80 -50.75
N GLN A 197 33.58 5.84 -49.61
CA GLN A 197 32.16 6.19 -49.54
C GLN A 197 32.02 7.47 -48.77
N SER A 198 31.33 8.44 -49.35
CA SER A 198 31.13 9.79 -48.80
C SER A 198 30.41 9.84 -47.47
N ILE A 199 31.04 10.52 -46.49
CA ILE A 199 30.45 10.74 -45.18
C ILE A 199 30.10 12.22 -45.04
N THR A 200 28.82 12.47 -44.86
CA THR A 200 28.28 13.83 -44.80
C THR A 200 27.63 14.06 -43.45
N CYS A 201 28.05 15.13 -42.77
CA CYS A 201 27.60 15.55 -41.46
C CYS A 201 26.46 16.53 -41.65
N ASN A 202 25.24 16.19 -41.22
CA ASN A 202 24.12 17.11 -41.37
C ASN A 202 23.73 17.78 -40.09
N VAL A 203 23.67 19.11 -40.12
CA VAL A 203 23.35 20.00 -39.02
C VAL A 203 22.05 20.75 -39.35
N ALA A 204 21.22 21.00 -38.32
CA ALA A 204 19.97 21.71 -38.46
C ALA A 204 19.77 22.58 -37.24
N HIS A 205 19.66 23.90 -37.51
CA HIS A 205 19.45 24.97 -36.51
C HIS A 205 18.02 25.52 -36.67
N PRO A 206 17.06 25.00 -35.89
CA PRO A 206 15.67 25.42 -36.06
C PRO A 206 15.44 26.92 -35.91
N ALA A 207 16.13 27.55 -34.94
CA ALA A 207 16.01 28.97 -34.64
C ALA A 207 16.31 29.87 -35.82
N SER A 208 17.45 29.64 -36.50
CA SER A 208 17.87 30.42 -37.67
C SER A 208 17.42 29.80 -39.01
N SER A 209 16.58 28.72 -38.96
CA SER A 209 16.07 27.96 -40.11
C SER A 209 17.22 27.66 -41.08
N THR A 210 18.25 27.00 -40.54
CA THR A 210 19.49 26.67 -41.23
C THR A 210 19.71 25.17 -41.17
N LYS A 211 19.64 24.52 -42.34
CA LYS A 211 19.88 23.09 -42.51
C LYS A 211 21.11 22.99 -43.41
N VAL A 212 22.17 22.37 -42.90
CA VAL A 212 23.43 22.26 -43.62
C VAL A 212 23.97 20.83 -43.72
N ASP A 213 24.49 20.46 -44.92
CA ASP A 213 25.16 19.19 -45.22
C ASP A 213 26.64 19.52 -45.40
N LYS A 214 27.53 18.77 -44.75
CA LYS A 214 28.98 18.98 -44.83
C LYS A 214 29.71 17.70 -45.17
N LYS A 215 30.07 17.54 -46.43
CA LYS A 215 30.77 16.36 -46.90
C LYS A 215 32.19 16.44 -46.36
N ILE A 216 32.57 15.50 -45.51
CA ILE A 216 33.91 15.50 -44.97
C ILE A 216 34.84 14.71 -45.92
N GLU A 217 35.67 15.45 -46.68
CA GLU A 217 36.63 14.97 -47.68
C GLU A 217 38.01 14.86 -47.04
N PRO A 218 38.97 14.07 -47.57
CA PRO A 218 40.28 13.98 -46.91
C PRO A 218 41.07 15.28 -46.98
N ARG A 219 41.90 15.50 -45.95
CA ARG A 219 42.76 16.67 -45.77
C ARG A 219 43.79 16.78 -46.91
N GLY A 220 43.68 17.86 -47.68
CA GLY A 220 44.55 18.17 -48.80
C GLY A 220 45.64 19.16 -48.41
N PRO A 221 46.72 19.29 -49.21
CA PRO A 221 47.79 20.22 -48.83
C PRO A 221 47.63 21.65 -49.35
N THR A 222 48.18 22.61 -48.62
CA THR A 222 48.09 24.01 -49.01
C THR A 222 49.19 24.84 -48.35
N ILE A 223 50.04 25.46 -49.17
CA ILE A 223 51.13 26.28 -48.67
C ILE A 223 50.98 27.73 -49.12
N LYS A 224 51.09 28.65 -48.17
CA LYS A 224 50.97 30.07 -48.45
C LYS A 224 52.34 30.71 -48.72
N ASP B 1 18.44 27.07 5.43
CA ASP B 1 19.76 26.89 4.82
C ASP B 1 20.44 25.64 5.40
N VAL B 2 19.83 24.48 5.12
CA VAL B 2 20.30 23.17 5.54
C VAL B 2 21.21 22.63 4.42
N LEU B 3 22.44 22.22 4.76
CA LEU B 3 23.33 21.69 3.72
C LEU B 3 23.12 20.17 3.55
N MET B 4 22.63 19.75 2.37
CA MET B 4 22.39 18.35 2.03
C MET B 4 23.61 17.81 1.29
N THR B 5 24.24 16.74 1.81
CA THR B 5 25.47 16.14 1.29
C THR B 5 25.29 14.69 0.85
N GLN B 6 25.39 14.42 -0.45
CA GLN B 6 25.25 13.06 -0.95
C GLN B 6 26.55 12.29 -1.13
N THR B 7 26.48 10.95 -0.98
CA THR B 7 27.64 10.06 -1.08
C THR B 7 27.26 8.75 -1.81
N PRO B 8 27.95 8.42 -2.92
CA PRO B 8 29.02 9.19 -3.59
C PRO B 8 28.45 10.14 -4.67
N LEU B 9 29.33 10.76 -5.46
CA LEU B 9 28.88 11.62 -6.55
C LEU B 9 28.44 10.71 -7.71
N SER B 10 29.24 9.67 -7.98
CA SER B 10 29.01 8.66 -9.00
C SER B 10 28.99 7.27 -8.36
N LEU B 11 27.96 6.46 -8.65
CA LEU B 11 27.88 5.11 -8.09
C LEU B 11 28.04 4.01 -9.16
N PRO B 12 29.23 3.38 -9.28
CA PRO B 12 29.37 2.30 -10.28
C PRO B 12 28.89 0.96 -9.72
N VAL B 13 27.74 0.48 -10.24
CA VAL B 13 27.09 -0.77 -9.82
C VAL B 13 26.82 -1.71 -10.99
N SER B 14 26.90 -3.03 -10.78
CA SER B 14 26.54 -3.95 -11.86
C SER B 14 25.02 -4.16 -11.83
N LEU B 15 24.45 -4.88 -12.79
CA LEU B 15 23.01 -5.10 -12.76
C LEU B 15 22.63 -6.24 -11.85
N GLY B 16 21.60 -6.03 -11.04
CA GLY B 16 21.13 -6.99 -10.05
C GLY B 16 21.85 -6.84 -8.72
N ASP B 17 22.86 -5.94 -8.69
CA ASP B 17 23.68 -5.60 -7.54
C ASP B 17 22.87 -4.79 -6.55
N GLN B 18 23.32 -4.83 -5.31
CA GLN B 18 22.77 -4.08 -4.20
C GLN B 18 23.46 -2.69 -4.20
N ALA B 19 22.67 -1.59 -4.18
CA ALA B 19 23.19 -0.21 -4.21
C ALA B 19 22.65 0.63 -3.07
N SER B 20 23.55 1.41 -2.46
CA SER B 20 23.22 2.27 -1.31
C SER B 20 23.73 3.73 -1.46
N ILE B 21 22.80 4.69 -1.54
CA ILE B 21 23.08 6.13 -1.63
C ILE B 21 22.98 6.76 -0.24
N SER B 22 24.02 7.51 0.15
CA SER B 22 24.16 8.16 1.44
C SER B 22 23.84 9.68 1.36
N CYS B 23 22.91 10.19 2.22
CA CYS B 23 22.53 11.60 2.37
C CYS B 23 22.84 12.03 3.82
N ARG B 24 23.36 13.25 4.03
CA ARG B 24 23.71 13.73 5.36
C ARG B 24 23.55 15.23 5.44
N SER B 25 22.63 15.71 6.29
CA SER B 25 22.35 17.15 6.44
C SER B 25 23.18 17.89 7.50
N SER B 26 23.35 19.21 7.31
CA SER B 26 24.12 20.09 8.20
C SER B 26 23.49 20.23 9.58
N GLN B 27 22.18 19.95 9.67
CA GLN B 27 21.42 20.02 10.91
C GLN B 27 20.25 19.03 10.92
N SER B 28 19.59 18.94 12.08
CA SER B 28 18.42 18.11 12.35
C SER B 28 17.26 18.56 11.45
N ILE B 29 16.66 17.61 10.72
CA ILE B 29 15.55 17.92 9.82
C ILE B 29 14.20 17.39 10.29
N VAL B 30 13.90 17.65 11.55
CA VAL B 30 12.63 17.25 12.13
C VAL B 30 11.80 18.50 12.19
N HIS B 31 10.72 18.52 11.42
CA HIS B 31 9.79 19.65 11.33
C HIS B 31 8.96 19.75 12.61
N SER B 32 8.58 21.00 13.01
CA SER B 32 7.77 21.34 14.19
C SER B 32 6.65 20.36 14.50
N ASN B 33 5.97 19.84 13.46
CA ASN B 33 4.87 18.87 13.54
C ASN B 33 5.30 17.42 13.87
N GLY B 34 6.60 17.21 14.11
CA GLY B 34 7.15 15.91 14.48
C GLY B 34 7.68 15.06 13.34
N ASN B 35 7.10 15.23 12.15
CA ASN B 35 7.46 14.49 10.95
C ASN B 35 8.81 14.94 10.36
N THR B 36 9.65 13.96 9.95
CA THR B 36 10.95 14.21 9.28
C THR B 36 10.64 14.17 7.80
N TYR B 37 11.01 15.25 7.07
CA TYR B 37 10.69 15.39 5.65
C TYR B 37 11.82 15.12 4.66
N LEU B 38 12.29 13.88 4.62
CA LEU B 38 13.35 13.50 3.71
C LEU B 38 12.74 12.79 2.52
N GLU B 39 13.03 13.29 1.32
CA GLU B 39 12.53 12.79 0.05
C GLU B 39 13.65 12.34 -0.86
N TRP B 40 13.32 11.46 -1.81
CA TRP B 40 14.28 10.95 -2.78
C TRP B 40 13.69 11.02 -4.15
N TYR B 41 14.29 11.86 -4.99
CA TYR B 41 13.85 12.05 -6.35
C TYR B 41 14.81 11.40 -7.35
N LEU B 42 14.24 10.80 -8.38
CA LEU B 42 15.04 10.20 -9.43
C LEU B 42 14.73 10.94 -10.69
N GLN B 43 15.77 11.54 -11.27
CA GLN B 43 15.67 12.29 -12.52
C GLN B 43 16.38 11.53 -13.62
N LYS B 44 15.61 11.06 -14.62
CA LYS B 44 16.23 10.31 -15.70
C LYS B 44 16.73 11.27 -16.77
N PRO B 45 17.73 10.91 -17.61
CA PRO B 45 18.24 11.89 -18.58
C PRO B 45 17.19 12.45 -19.53
N GLY B 46 17.14 13.77 -19.59
CA GLY B 46 16.20 14.50 -20.42
C GLY B 46 14.78 14.49 -19.91
N GLN B 47 14.64 14.39 -18.58
CA GLN B 47 13.34 14.38 -17.91
C GLN B 47 13.33 15.19 -16.59
N SER B 48 12.12 15.52 -16.13
CA SER B 48 11.90 16.22 -14.87
C SER B 48 12.10 15.21 -13.76
N PRO B 49 12.50 15.61 -12.52
CA PRO B 49 12.63 14.59 -11.47
C PRO B 49 11.28 14.01 -11.07
N LYS B 50 11.33 12.80 -10.54
CA LYS B 50 10.17 12.03 -10.10
C LYS B 50 10.45 11.49 -8.68
N LEU B 51 9.46 11.60 -7.79
CA LEU B 51 9.54 11.17 -6.40
C LEU B 51 9.51 9.65 -6.23
N LEU B 52 10.39 9.16 -5.35
CA LEU B 52 10.52 7.74 -4.97
C LEU B 52 10.07 7.49 -3.50
N ILE B 53 10.83 8.04 -2.55
CA ILE B 53 10.57 7.92 -1.13
C ILE B 53 10.23 9.31 -0.57
N TYR B 54 9.20 9.39 0.27
CA TYR B 54 8.80 10.63 0.91
C TYR B 54 8.70 10.32 2.35
N LYS B 55 9.05 11.27 3.23
CA LYS B 55 9.02 11.07 4.68
C LYS B 55 9.93 9.88 5.15
N VAL B 56 11.20 9.93 4.76
CA VAL B 56 12.27 8.99 5.08
C VAL B 56 12.11 7.56 4.61
N SER B 57 10.91 6.99 4.71
CA SER B 57 10.71 5.58 4.39
C SER B 57 9.56 5.18 3.46
N ASN B 58 8.52 6.02 3.36
CA ASN B 58 7.33 5.71 2.58
C ASN B 58 7.57 5.79 1.08
N ARG B 59 7.10 4.74 0.34
CA ARG B 59 7.25 4.62 -1.12
C ARG B 59 6.12 5.35 -1.87
N PHE B 60 6.47 6.04 -2.98
CA PHE B 60 5.51 6.75 -3.82
C PHE B 60 4.86 5.81 -4.86
N SER B 61 3.91 6.31 -5.65
CA SER B 61 3.16 5.56 -6.67
C SER B 61 4.10 4.92 -7.68
N GLY B 62 3.96 3.61 -7.86
CA GLY B 62 4.77 2.84 -8.80
C GLY B 62 6.25 2.85 -8.49
N VAL B 63 6.59 2.90 -7.20
CA VAL B 63 7.98 2.82 -6.74
C VAL B 63 8.10 1.40 -6.17
N PRO B 64 8.89 0.52 -6.80
CA PRO B 64 8.89 -0.88 -6.38
C PRO B 64 9.44 -1.21 -5.00
N ASP B 65 9.21 -2.45 -4.61
CA ASP B 65 9.58 -3.10 -3.35
C ASP B 65 11.08 -3.06 -3.10
N ARG B 66 11.85 -2.94 -4.17
CA ARG B 66 13.30 -2.91 -4.22
C ARG B 66 13.88 -1.65 -3.54
N PHE B 67 13.19 -0.52 -3.64
CA PHE B 67 13.63 0.75 -3.04
C PHE B 67 13.23 0.84 -1.57
N SER B 68 14.21 1.19 -0.71
CA SER B 68 13.96 1.36 0.72
C SER B 68 14.74 2.52 1.31
N GLY B 69 14.04 3.37 2.04
CA GLY B 69 14.62 4.54 2.68
C GLY B 69 14.75 4.40 4.18
N SER B 70 15.89 4.84 4.73
CA SER B 70 16.19 4.78 6.16
C SER B 70 16.93 6.02 6.68
N GLY B 71 17.39 5.92 7.93
CA GLY B 71 18.13 6.95 8.64
C GLY B 71 17.26 7.81 9.54
N SER B 72 17.90 8.66 10.36
CA SER B 72 17.23 9.59 11.28
C SER B 72 18.14 10.72 11.76
N GLY B 73 17.59 11.93 11.82
CA GLY B 73 18.25 13.14 12.31
C GLY B 73 19.31 13.76 11.41
N THR B 74 20.42 13.04 11.18
CA THR B 74 21.52 13.54 10.37
C THR B 74 21.82 12.64 9.19
N ASP B 75 22.19 11.38 9.44
CA ASP B 75 22.51 10.39 8.40
C ASP B 75 21.23 9.70 7.92
N PHE B 76 21.00 9.63 6.60
CA PHE B 76 19.85 8.99 5.95
C PHE B 76 20.40 8.17 4.80
N THR B 77 19.69 7.11 4.38
CA THR B 77 20.18 6.22 3.31
C THR B 77 19.09 5.59 2.49
N LEU B 78 19.31 5.54 1.17
CA LEU B 78 18.41 4.90 0.21
C LEU B 78 19.09 3.63 -0.26
N LYS B 79 18.37 2.50 -0.23
CA LYS B 79 18.85 1.20 -0.68
C LYS B 79 18.00 0.67 -1.81
N ILE B 80 18.66 0.38 -2.95
CA ILE B 80 18.10 -0.21 -4.17
C ILE B 80 18.81 -1.56 -4.23
N SER B 81 18.08 -2.65 -4.00
CA SER B 81 18.69 -3.98 -3.89
C SER B 81 19.04 -4.80 -5.14
N ARG B 82 18.20 -4.75 -6.19
CA ARG B 82 18.45 -5.55 -7.39
C ARG B 82 18.39 -4.71 -8.66
N VAL B 83 19.27 -3.69 -8.73
CA VAL B 83 19.43 -2.70 -9.80
C VAL B 83 19.05 -3.18 -11.21
N GLU B 84 18.09 -2.48 -11.85
CA GLU B 84 17.57 -2.71 -13.21
C GLU B 84 17.84 -1.48 -14.08
N ALA B 85 17.62 -1.62 -15.42
CA ALA B 85 17.82 -0.57 -16.41
C ALA B 85 17.06 0.73 -16.09
N GLU B 86 15.80 0.57 -15.67
CA GLU B 86 14.85 1.62 -15.30
C GLU B 86 15.35 2.42 -14.10
N ASP B 87 16.17 1.79 -13.25
CA ASP B 87 16.69 2.37 -12.01
C ASP B 87 17.92 3.27 -12.09
N LEU B 88 18.42 3.54 -13.30
CA LEU B 88 19.61 4.39 -13.46
C LEU B 88 19.26 5.86 -13.66
N GLY B 89 20.11 6.74 -13.15
CA GLY B 89 19.90 8.16 -13.28
C GLY B 89 20.48 8.95 -12.14
N VAL B 90 19.99 10.18 -11.95
CA VAL B 90 20.45 11.03 -10.88
C VAL B 90 19.44 11.11 -9.75
N TYR B 91 19.92 10.77 -8.53
CA TYR B 91 19.18 10.76 -7.28
C TYR B 91 19.49 11.97 -6.46
N TYR B 92 18.46 12.59 -5.85
CA TYR B 92 18.65 13.76 -5.01
C TYR B 92 17.86 13.61 -3.72
N CYS B 93 18.52 13.80 -2.56
CA CYS B 93 17.81 13.79 -1.29
C CYS B 93 17.35 15.21 -1.06
N PHE B 94 16.08 15.39 -0.68
CA PHE B 94 15.47 16.71 -0.49
C PHE B 94 14.95 16.87 0.90
N GLN B 95 14.91 18.10 1.42
CA GLN B 95 14.29 18.32 2.72
C GLN B 95 13.11 19.32 2.69
N GLY B 96 11.99 18.95 3.29
CA GLY B 96 10.83 19.83 3.36
C GLY B 96 10.60 20.35 4.76
N SER B 97 11.53 20.05 5.68
CA SER B 97 11.42 20.44 7.09
C SER B 97 11.65 21.93 7.36
N HIS B 98 12.75 22.50 6.85
CA HIS B 98 13.05 23.91 7.10
C HIS B 98 13.15 24.74 5.84
N VAL B 99 12.57 25.94 5.90
CA VAL B 99 12.57 26.91 4.80
C VAL B 99 13.86 27.77 4.95
N PRO B 100 14.73 27.91 3.91
CA PRO B 100 14.62 27.38 2.53
C PRO B 100 14.82 25.88 2.38
N TRP B 101 13.87 25.27 1.63
CA TRP B 101 13.85 23.86 1.26
C TRP B 101 15.07 23.63 0.37
N THR B 102 15.85 22.61 0.68
CA THR B 102 17.09 22.35 -0.06
C THR B 102 17.15 20.94 -0.60
N PHE B 103 17.83 20.77 -1.75
CA PHE B 103 18.07 19.49 -2.40
C PHE B 103 19.51 19.10 -2.20
N GLY B 104 19.82 17.84 -2.42
CA GLY B 104 21.18 17.33 -2.33
C GLY B 104 21.92 17.62 -3.62
N GLY B 105 23.24 17.42 -3.61
CA GLY B 105 24.10 17.65 -4.77
C GLY B 105 23.77 16.76 -5.96
N GLY B 106 23.32 15.54 -5.65
CA GLY B 106 22.95 14.50 -6.60
C GLY B 106 23.95 13.35 -6.63
N THR B 107 23.43 12.13 -6.87
CA THR B 107 24.23 10.89 -7.01
C THR B 107 23.84 10.26 -8.34
N LYS B 108 24.83 9.93 -9.15
CA LYS B 108 24.58 9.32 -10.45
C LYS B 108 24.74 7.78 -10.44
N LEU B 109 23.62 7.06 -10.60
CA LEU B 109 23.69 5.62 -10.65
C LEU B 109 24.09 5.21 -12.05
N GLU B 110 25.32 4.70 -12.18
CA GLU B 110 25.88 4.27 -13.46
C GLU B 110 26.29 2.78 -13.44
N ILE B 111 26.37 2.12 -14.61
CA ILE B 111 26.75 0.71 -14.70
C ILE B 111 28.24 0.49 -14.89
N LYS B 112 28.85 -0.31 -14.01
CA LYS B 112 30.26 -0.68 -14.08
C LYS B 112 30.57 -1.80 -15.08
N ARG B 113 31.67 -1.62 -15.80
CA ARG B 113 32.14 -2.56 -16.80
C ARG B 113 33.65 -2.72 -16.71
N ALA B 114 34.21 -3.53 -17.64
CA ALA B 114 35.63 -3.81 -17.75
C ALA B 114 36.41 -2.53 -18.05
N ASP B 115 37.70 -2.46 -17.69
CA ASP B 115 38.49 -1.28 -17.98
C ASP B 115 38.85 -1.16 -19.46
N ALA B 116 38.65 0.04 -20.01
CA ALA B 116 38.93 0.32 -21.43
C ALA B 116 39.69 1.63 -21.57
N ALA B 117 40.70 1.64 -22.44
CA ALA B 117 41.54 2.82 -22.69
C ALA B 117 40.95 3.69 -23.80
N PRO B 118 41.15 5.03 -23.74
CA PRO B 118 40.60 5.90 -24.79
C PRO B 118 41.30 5.77 -26.14
N THR B 119 40.59 6.17 -27.21
CA THR B 119 41.12 6.21 -28.58
C THR B 119 41.26 7.70 -28.92
N VAL B 120 42.49 8.23 -28.77
CA VAL B 120 42.74 9.64 -29.07
C VAL B 120 42.79 9.90 -30.56
N SER B 121 42.12 10.99 -31.00
CA SER B 121 42.07 11.39 -32.40
C SER B 121 42.26 12.90 -32.47
N ILE B 122 43.45 13.35 -32.91
CA ILE B 122 43.76 14.78 -33.03
C ILE B 122 43.32 15.35 -34.40
N PHE B 123 42.64 16.50 -34.37
CA PHE B 123 42.18 17.13 -35.62
C PHE B 123 42.70 18.55 -35.79
N PRO B 124 43.58 18.78 -36.80
CA PRO B 124 44.09 20.14 -37.04
C PRO B 124 42.96 21.08 -37.48
N PRO B 125 43.16 22.42 -37.53
CA PRO B 125 42.07 23.29 -37.99
C PRO B 125 41.81 23.09 -39.48
N SER B 126 40.53 22.94 -39.86
CA SER B 126 40.09 22.72 -41.24
C SER B 126 40.42 23.85 -42.19
N SER B 127 40.53 23.52 -43.50
CA SER B 127 40.79 24.50 -44.57
C SER B 127 39.64 25.53 -44.58
N GLU B 128 38.38 25.04 -44.38
CA GLU B 128 37.13 25.80 -44.31
C GLU B 128 37.14 26.80 -43.16
N GLN B 129 37.79 26.46 -42.03
CA GLN B 129 37.87 27.33 -40.86
C GLN B 129 39.01 28.32 -40.97
N LEU B 130 40.17 27.89 -41.49
CA LEU B 130 41.32 28.78 -41.61
C LEU B 130 41.09 29.97 -42.53
N THR B 131 40.31 29.77 -43.62
CA THR B 131 39.94 30.82 -44.57
C THR B 131 39.10 31.88 -43.85
N SER B 132 38.19 31.45 -42.97
CA SER B 132 37.34 32.34 -42.19
C SER B 132 38.09 33.17 -41.15
N GLY B 133 39.20 32.66 -40.60
CA GLY B 133 40.02 33.40 -39.66
C GLY B 133 40.35 32.75 -38.34
N GLY B 134 39.56 31.75 -37.95
CA GLY B 134 39.75 31.00 -36.70
C GLY B 134 40.64 29.78 -36.83
N ALA B 135 40.95 29.13 -35.70
CA ALA B 135 41.80 27.93 -35.71
C ALA B 135 41.60 27.04 -34.48
N SER B 136 40.49 26.27 -34.48
CA SER B 136 40.15 25.34 -33.40
C SER B 136 40.79 23.97 -33.69
N VAL B 137 41.45 23.40 -32.67
CA VAL B 137 42.14 22.11 -32.70
C VAL B 137 41.39 21.08 -31.81
N VAL B 138 40.63 20.18 -32.45
CA VAL B 138 39.78 19.20 -31.76
C VAL B 138 40.55 17.93 -31.40
N CYS B 139 40.18 17.34 -30.26
CA CYS B 139 40.75 16.11 -29.79
C CYS B 139 39.64 15.29 -29.19
N PHE B 140 39.41 14.11 -29.74
CA PHE B 140 38.39 13.21 -29.21
C PHE B 140 39.06 12.05 -28.49
N LEU B 141 38.61 11.79 -27.27
CA LEU B 141 39.07 10.70 -26.43
C LEU B 141 37.85 9.82 -26.36
N ASN B 142 37.86 8.73 -27.11
CA ASN B 142 36.67 7.88 -27.19
C ASN B 142 36.72 6.53 -26.52
N ASN B 143 35.54 6.12 -26.02
CA ASN B 143 35.25 4.85 -25.37
C ASN B 143 36.25 4.41 -24.29
N PHE B 144 36.10 4.95 -23.07
CA PHE B 144 36.94 4.64 -21.93
C PHE B 144 36.13 4.34 -20.67
N TYR B 145 36.79 3.77 -19.65
CA TYR B 145 36.20 3.43 -18.35
C TYR B 145 37.31 3.29 -17.26
N PRO B 146 37.22 3.91 -16.05
CA PRO B 146 36.14 4.75 -15.50
C PRO B 146 36.04 6.15 -16.11
N LYS B 147 34.96 6.88 -15.80
CA LYS B 147 34.68 8.22 -16.30
C LYS B 147 35.76 9.27 -16.07
N ASP B 148 36.51 9.17 -14.95
CA ASP B 148 37.56 10.17 -14.69
C ASP B 148 38.79 10.08 -15.57
N ILE B 149 39.03 11.18 -16.31
CA ILE B 149 40.14 11.34 -17.25
C ILE B 149 40.75 12.74 -17.11
N ASN B 150 41.91 12.98 -17.76
CA ASN B 150 42.61 14.26 -17.75
C ASN B 150 43.41 14.49 -19.07
N VAL B 151 43.19 15.67 -19.67
CA VAL B 151 43.86 16.06 -20.91
C VAL B 151 44.76 17.27 -20.70
N LYS B 152 45.97 17.21 -21.28
CA LYS B 152 46.96 18.28 -21.27
C LYS B 152 47.28 18.67 -22.71
N TRP B 153 47.26 19.98 -23.02
CA TRP B 153 47.57 20.47 -24.35
C TRP B 153 48.98 21.04 -24.34
N LYS B 154 49.87 20.51 -25.21
CA LYS B 154 51.28 20.91 -25.32
C LYS B 154 51.66 21.49 -26.70
N ILE B 155 51.68 22.82 -26.81
CA ILE B 155 52.07 23.52 -28.04
C ILE B 155 53.58 23.68 -28.00
N ASP B 156 54.28 23.03 -28.95
CA ASP B 156 55.74 23.01 -29.08
C ASP B 156 56.44 22.54 -27.79
N GLY B 157 55.73 21.69 -27.03
CA GLY B 157 56.18 21.16 -25.75
C GLY B 157 55.63 21.93 -24.57
N SER B 158 55.44 23.26 -24.73
CA SER B 158 54.92 24.14 -23.68
C SER B 158 53.44 23.91 -23.45
N GLU B 159 53.07 23.65 -22.18
CA GLU B 159 51.69 23.38 -21.78
C GLU B 159 50.84 24.64 -21.83
N ARG B 160 49.59 24.49 -22.29
CA ARG B 160 48.61 25.59 -22.36
C ARG B 160 47.46 25.27 -21.40
N GLN B 161 47.05 26.26 -20.60
CA GLN B 161 45.97 26.12 -19.62
C GLN B 161 44.70 26.76 -20.15
N ASN B 162 44.83 28.05 -20.54
CA ASN B 162 43.77 28.95 -20.99
C ASN B 162 43.46 28.81 -22.48
N GLY B 163 42.17 28.72 -22.78
CA GLY B 163 41.65 28.59 -24.14
C GLY B 163 41.17 27.20 -24.50
N VAL B 164 40.99 26.32 -23.48
CA VAL B 164 40.55 24.93 -23.65
C VAL B 164 39.10 24.76 -23.23
N LEU B 165 38.31 24.07 -24.08
CA LEU B 165 36.90 23.78 -23.85
C LEU B 165 36.61 22.30 -24.03
N ASN B 166 36.18 21.66 -22.92
CA ASN B 166 35.88 20.23 -22.86
C ASN B 166 34.40 19.94 -22.65
N SER B 167 33.96 18.83 -23.25
CA SER B 167 32.60 18.33 -23.10
C SER B 167 32.67 16.83 -22.98
N TRP B 168 31.80 16.26 -22.12
CA TRP B 168 31.76 14.83 -21.85
C TRP B 168 30.38 14.27 -22.15
N THR B 169 30.35 13.09 -22.78
CA THR B 169 29.09 12.42 -23.09
C THR B 169 28.63 11.65 -21.85
N ASP B 170 27.38 11.18 -21.89
CA ASP B 170 26.84 10.32 -20.84
C ASP B 170 27.41 8.90 -21.01
N GLN B 171 26.92 7.93 -20.24
CA GLN B 171 27.42 6.57 -20.39
C GLN B 171 26.77 5.93 -21.60
N ASP B 172 27.53 5.14 -22.34
CA ASP B 172 27.04 4.50 -23.54
C ASP B 172 25.95 3.50 -23.28
N SER B 173 24.87 3.57 -24.09
CA SER B 173 23.70 2.68 -24.01
C SER B 173 24.08 1.24 -24.31
N LYS B 174 25.02 1.06 -25.26
CA LYS B 174 25.52 -0.24 -25.70
C LYS B 174 26.74 -0.70 -24.89
N ASP B 175 27.94 -0.15 -25.18
CA ASP B 175 29.21 -0.52 -24.54
C ASP B 175 29.53 0.05 -23.14
N SER B 176 28.65 0.87 -22.58
CA SER B 176 28.80 1.47 -21.24
C SER B 176 30.12 2.19 -20.94
N THR B 177 30.67 2.86 -21.97
CA THR B 177 31.90 3.66 -21.89
C THR B 177 31.59 5.16 -22.03
N TYR B 178 32.55 6.00 -21.65
CA TYR B 178 32.44 7.45 -21.74
C TYR B 178 33.33 7.98 -22.83
N SER B 179 32.98 9.13 -23.38
CA SER B 179 33.73 9.83 -24.42
C SER B 179 33.85 11.32 -24.07
N MET B 180 34.95 11.95 -24.49
CA MET B 180 35.24 13.33 -24.19
C MET B 180 35.88 14.02 -25.37
N SER B 181 35.38 15.22 -25.70
CA SER B 181 35.92 16.11 -26.73
C SER B 181 36.68 17.23 -26.00
N SER B 182 37.80 17.70 -26.57
CA SER B 182 38.63 18.75 -25.96
C SER B 182 39.10 19.65 -27.04
N THR B 183 38.52 20.88 -27.13
CA THR B 183 38.80 21.88 -28.18
C THR B 183 39.65 23.05 -27.74
N LEU B 184 40.91 23.07 -28.19
CA LEU B 184 41.82 24.16 -27.91
C LEU B 184 41.58 25.25 -28.98
N THR B 185 40.83 26.32 -28.61
CA THR B 185 40.53 27.42 -29.53
C THR B 185 41.66 28.43 -29.56
N LEU B 186 42.09 28.78 -30.79
CA LEU B 186 43.19 29.70 -31.06
C LEU B 186 42.87 30.64 -32.21
N THR B 187 43.51 31.84 -32.22
CA THR B 187 43.36 32.79 -33.32
C THR B 187 44.27 32.27 -34.43
N LYS B 188 44.01 32.62 -35.69
CA LYS B 188 44.87 32.18 -36.78
C LYS B 188 46.31 32.70 -36.58
N ASP B 189 46.48 33.98 -36.21
CA ASP B 189 47.78 34.62 -35.94
C ASP B 189 48.63 33.83 -34.94
N GLU B 190 48.03 33.34 -33.84
CA GLU B 190 48.69 32.53 -32.81
C GLU B 190 49.11 31.18 -33.40
N TYR B 191 48.16 30.52 -34.10
CA TYR B 191 48.34 29.21 -34.70
C TYR B 191 49.40 29.23 -35.78
N GLU B 192 49.45 30.30 -36.58
CA GLU B 192 50.39 30.51 -37.68
C GLU B 192 51.86 30.77 -37.24
N ARG B 193 52.14 30.75 -35.92
CA ARG B 193 53.47 30.95 -35.36
C ARG B 193 54.16 29.62 -35.01
N HIS B 194 53.44 28.78 -34.24
CA HIS B 194 53.86 27.48 -33.69
C HIS B 194 53.73 26.31 -34.64
N ASN B 195 54.43 25.19 -34.35
CA ASN B 195 54.46 24.00 -35.19
C ASN B 195 53.82 22.72 -34.59
N SER B 196 54.40 22.18 -33.50
CA SER B 196 53.90 20.96 -32.85
C SER B 196 52.68 21.20 -31.98
N TYR B 197 51.61 20.42 -32.23
CA TYR B 197 50.38 20.49 -31.46
C TYR B 197 50.09 19.12 -30.87
N THR B 198 50.19 18.99 -29.53
CA THR B 198 49.96 17.73 -28.80
C THR B 198 48.82 17.80 -27.80
N CYS B 199 48.03 16.73 -27.81
CA CYS B 199 46.86 16.48 -26.99
C CYS B 199 47.19 15.21 -26.20
N GLU B 200 47.88 15.44 -25.09
CA GLU B 200 48.37 14.45 -24.14
C GLU B 200 47.25 14.03 -23.18
N ALA B 201 46.97 12.71 -23.08
CA ALA B 201 45.90 12.23 -22.21
C ALA B 201 46.34 11.18 -21.19
N THR B 202 45.85 11.32 -19.94
CA THR B 202 46.15 10.40 -18.82
C THR B 202 44.88 9.74 -18.31
N HIS B 203 44.93 8.40 -18.14
CA HIS B 203 43.81 7.56 -17.67
C HIS B 203 44.41 6.38 -16.91
N LYS B 204 43.69 5.87 -15.90
CA LYS B 204 44.16 4.75 -15.05
C LYS B 204 44.58 3.45 -15.77
N THR B 205 44.06 3.22 -17.00
CA THR B 205 44.36 2.04 -17.82
C THR B 205 45.86 1.77 -18.03
N SER B 206 46.68 2.85 -18.11
CA SER B 206 48.12 2.79 -18.30
C SER B 206 48.85 3.88 -17.48
N THR B 207 50.09 3.59 -17.03
CA THR B 207 50.96 4.47 -16.24
C THR B 207 51.41 5.72 -17.02
N SER B 208 51.90 5.51 -18.27
CA SER B 208 52.37 6.57 -19.16
C SER B 208 51.24 7.21 -19.98
N PRO B 209 51.27 8.55 -20.22
CA PRO B 209 50.18 9.19 -20.99
C PRO B 209 50.06 8.76 -22.46
N ILE B 210 48.83 8.95 -23.04
CA ILE B 210 48.50 8.65 -24.44
C ILE B 210 48.60 9.93 -25.31
N VAL B 211 49.81 10.17 -25.82
CA VAL B 211 50.16 11.30 -26.70
C VAL B 211 49.57 11.12 -28.10
N LYS B 212 49.01 12.22 -28.64
CA LYS B 212 48.48 12.27 -29.99
C LYS B 212 48.83 13.66 -30.54
N SER B 213 49.67 13.71 -31.60
CA SER B 213 50.19 14.96 -32.13
C SER B 213 50.30 15.06 -33.64
N PHE B 214 50.36 16.32 -34.12
CA PHE B 214 50.54 16.75 -35.50
C PHE B 214 51.46 17.98 -35.57
N ASN B 215 52.02 18.24 -36.78
CA ASN B 215 52.88 19.38 -37.10
C ASN B 215 52.25 20.28 -38.19
N ARG B 216 52.27 21.62 -37.95
CA ARG B 216 51.71 22.65 -38.82
C ARG B 216 52.38 22.73 -40.22
N ASN B 217 53.50 22.04 -40.39
CA ASN B 217 54.19 22.02 -41.66
C ASN B 217 53.36 21.43 -42.75
N GLU B 218 53.13 20.13 -42.66
CA GLU B 218 52.37 19.37 -43.64
C GLU B 218 50.95 19.87 -43.71
N CYS B 219 50.37 20.17 -42.56
CA CYS B 219 49.01 20.63 -42.53
C CYS B 219 48.82 21.74 -41.53
N GLN C 1 26.72 -32.55 32.59
CA GLN C 1 25.81 -31.88 31.66
C GLN C 1 25.71 -32.58 30.30
N VAL C 2 24.54 -32.51 29.67
CA VAL C 2 24.27 -33.11 28.35
C VAL C 2 23.89 -31.99 27.38
N THR C 3 24.51 -31.96 26.18
CA THR C 3 24.24 -30.90 25.21
C THR C 3 24.14 -31.30 23.73
N LEU C 4 23.09 -30.77 23.05
CA LEU C 4 22.80 -31.01 21.63
C LEU C 4 22.59 -29.67 20.90
N LYS C 5 23.44 -29.40 19.91
CA LYS C 5 23.44 -28.18 19.10
C LYS C 5 23.03 -28.54 17.69
N GLU C 6 22.23 -27.69 17.04
CA GLU C 6 21.83 -27.98 15.67
C GLU C 6 22.35 -26.91 14.73
N SER C 7 23.20 -27.33 13.77
CA SER C 7 23.84 -26.48 12.77
C SER C 7 23.04 -26.59 11.48
N GLY C 8 22.60 -25.45 10.96
CA GLY C 8 21.79 -25.42 9.74
C GLY C 8 22.02 -24.23 8.82
N PRO C 9 21.53 -24.34 7.56
CA PRO C 9 21.67 -23.22 6.62
C PRO C 9 20.70 -22.11 6.96
N GLY C 10 19.60 -22.49 7.62
CA GLY C 10 18.53 -21.62 8.06
C GLY C 10 17.57 -21.16 6.98
N ILE C 11 18.08 -20.92 5.76
CA ILE C 11 17.28 -20.43 4.64
C ILE C 11 17.88 -20.89 3.31
N LEU C 12 17.09 -21.56 2.46
CA LEU C 12 17.55 -22.03 1.14
C LEU C 12 16.47 -22.20 0.06
N GLN C 13 16.88 -22.12 -1.24
CA GLN C 13 16.01 -22.21 -2.42
C GLN C 13 15.44 -23.59 -2.66
N PRO C 14 14.19 -23.72 -3.17
CA PRO C 14 13.64 -25.05 -3.45
C PRO C 14 14.51 -25.89 -4.36
N SER C 15 14.51 -27.19 -4.10
CA SER C 15 15.22 -28.24 -4.80
C SER C 15 16.72 -28.32 -4.54
N GLN C 16 17.20 -27.52 -3.57
CA GLN C 16 18.58 -27.57 -3.11
C GLN C 16 18.66 -28.70 -2.09
N THR C 17 19.87 -29.06 -1.65
CA THR C 17 20.00 -30.13 -0.65
C THR C 17 20.31 -29.58 0.74
N LEU C 18 19.41 -29.88 1.70
CA LEU C 18 19.52 -29.47 3.11
C LEU C 18 20.50 -30.41 3.82
N SER C 19 21.51 -29.83 4.48
CA SER C 19 22.55 -30.61 5.16
C SER C 19 22.75 -30.09 6.57
N LEU C 20 22.04 -30.69 7.53
CA LEU C 20 22.12 -30.28 8.93
C LEU C 20 23.09 -31.19 9.65
N THR C 21 23.65 -30.67 10.75
CA THR C 21 24.59 -31.41 11.61
C THR C 21 24.14 -31.23 13.06
N CYS C 22 23.97 -32.35 13.79
CA CYS C 22 23.68 -32.33 15.21
C CYS C 22 25.04 -32.44 15.86
N SER C 23 25.49 -31.36 16.49
CA SER C 23 26.78 -31.33 17.18
C SER C 23 26.44 -31.56 18.64
N PHE C 24 27.06 -32.56 19.25
CA PHE C 24 26.72 -32.93 20.63
C PHE C 24 27.91 -33.18 21.58
N SER C 25 27.63 -33.03 22.90
CA SER C 25 28.56 -33.21 24.02
C SER C 25 27.84 -33.90 25.20
N GLY C 26 28.60 -34.29 26.20
CA GLY C 26 28.06 -34.89 27.41
C GLY C 26 27.78 -36.38 27.37
N PHE C 27 28.00 -37.04 26.21
CA PHE C 27 27.80 -38.49 26.00
C PHE C 27 28.42 -38.91 24.68
N SER C 28 28.86 -40.17 24.57
CA SER C 28 29.44 -40.64 23.32
C SER C 28 28.57 -41.67 22.67
N LEU C 29 28.47 -41.61 21.33
CA LEU C 29 27.70 -42.52 20.47
C LEU C 29 28.48 -43.86 20.31
N SER C 30 29.71 -43.88 20.84
CA SER C 30 30.59 -45.05 20.87
C SER C 30 30.20 -45.94 22.06
N THR C 31 29.42 -45.40 23.03
CA THR C 31 28.96 -46.13 24.21
C THR C 31 27.73 -46.95 23.83
N TYR C 32 27.81 -48.26 24.03
CA TYR C 32 26.79 -49.26 23.71
C TYR C 32 25.38 -48.90 24.11
N GLY C 33 24.43 -49.17 23.22
CA GLY C 33 23.01 -48.92 23.40
C GLY C 33 22.53 -47.50 23.12
N ILE C 34 23.46 -46.53 22.98
CA ILE C 34 23.07 -45.14 22.74
C ILE C 34 22.69 -44.85 21.26
N GLY C 35 21.95 -43.76 21.01
CA GLY C 35 21.50 -43.35 19.69
C GLY C 35 21.03 -41.91 19.62
N VAL C 36 21.10 -41.28 18.41
CA VAL C 36 20.69 -39.87 18.22
C VAL C 36 19.66 -39.81 17.09
N GLY C 37 18.60 -39.01 17.26
CA GLY C 37 17.54 -38.87 16.27
C GLY C 37 17.18 -37.47 15.78
N TRP C 38 16.37 -37.38 14.69
CA TRP C 38 15.91 -36.12 14.11
C TRP C 38 14.35 -36.00 14.07
N ILE C 39 13.85 -34.81 14.51
CA ILE C 39 12.44 -34.44 14.61
C ILE C 39 12.20 -33.03 14.04
N ARG C 40 11.19 -32.87 13.18
CA ARG C 40 10.88 -31.57 12.60
C ARG C 40 9.53 -31.01 12.99
N GLN C 41 9.52 -29.76 13.44
CA GLN C 41 8.32 -29.07 13.88
C GLN C 41 7.91 -27.94 12.94
N PRO C 42 6.82 -28.13 12.17
CA PRO C 42 6.38 -27.06 11.26
C PRO C 42 5.63 -25.95 11.96
N SER C 43 6.12 -24.72 11.79
CA SER C 43 5.57 -23.42 12.22
C SER C 43 4.31 -23.37 13.14
N GLY C 44 4.37 -24.00 14.32
CA GLY C 44 3.24 -24.01 15.23
C GLY C 44 2.26 -25.14 14.94
N LYS C 45 2.81 -26.36 14.92
CA LYS C 45 2.13 -27.64 14.69
C LYS C 45 2.91 -28.72 15.42
N GLY C 46 2.34 -29.91 15.45
CA GLY C 46 2.88 -31.10 16.11
C GLY C 46 4.20 -31.60 15.58
N LEU C 47 4.91 -32.37 16.39
CA LEU C 47 6.19 -32.88 16.00
C LEU C 47 6.08 -34.09 15.03
N GLU C 48 7.18 -34.38 14.30
CA GLU C 48 7.26 -35.47 13.32
C GLU C 48 8.67 -36.06 13.36
N TRP C 49 8.79 -37.40 13.61
CA TRP C 49 10.09 -38.09 13.65
C TRP C 49 10.58 -38.28 12.21
N LEU C 50 11.86 -37.95 11.95
CA LEU C 50 12.49 -38.06 10.64
C LEU C 50 13.31 -39.32 10.45
N ALA C 51 14.36 -39.47 11.27
CA ALA C 51 15.28 -40.61 11.27
C ALA C 51 16.18 -40.59 12.51
N HIS C 52 16.82 -41.74 12.78
CA HIS C 52 17.78 -41.92 13.86
C HIS C 52 18.75 -43.03 13.57
N ILE C 53 19.93 -42.92 14.15
CA ILE C 53 21.00 -43.88 14.03
C ILE C 53 21.43 -44.31 15.43
N TRP C 54 21.77 -45.61 15.56
CA TRP C 54 22.21 -46.25 16.78
C TRP C 54 23.70 -46.40 16.78
N TRP C 55 24.28 -46.59 17.99
CA TRP C 55 25.71 -46.83 18.24
C TRP C 55 26.41 -47.81 17.24
N ASN C 56 25.68 -48.89 16.83
CA ASN C 56 26.12 -49.95 15.94
C ASN C 56 25.95 -49.59 14.44
N ASP C 57 25.57 -48.32 14.16
CA ASP C 57 25.33 -47.78 12.81
C ASP C 57 24.04 -48.33 12.12
N ASN C 58 23.01 -48.68 12.92
CA ASN C 58 21.74 -49.08 12.32
C ASN C 58 20.92 -47.84 12.19
N LYS C 59 20.48 -47.58 10.97
CA LYS C 59 19.73 -46.38 10.61
C LYS C 59 18.25 -46.67 10.38
N TYR C 60 17.38 -45.89 11.06
CA TYR C 60 15.93 -46.00 10.90
C TYR C 60 15.40 -44.68 10.37
N TYR C 61 14.65 -44.72 9.25
CA TYR C 61 14.09 -43.55 8.58
C TYR C 61 12.57 -43.60 8.45
N ASN C 62 11.93 -42.42 8.37
CA ASN C 62 10.49 -42.27 8.18
C ASN C 62 10.11 -42.70 6.75
N ILE C 63 9.21 -43.69 6.64
CA ILE C 63 8.76 -44.28 5.38
C ILE C 63 8.12 -43.34 4.35
N ALA C 64 7.36 -42.34 4.84
CA ALA C 64 6.67 -41.34 4.02
C ALA C 64 7.65 -40.56 3.14
N LEU C 65 8.80 -40.13 3.75
CA LEU C 65 9.92 -39.41 3.11
C LEU C 65 10.80 -40.45 2.42
N ARG C 66 10.84 -40.36 1.06
CA ARG C 66 11.49 -41.24 0.07
C ARG C 66 13.01 -41.50 0.22
N SER C 67 13.71 -41.35 -0.91
CA SER C 67 15.16 -41.44 -1.04
C SER C 67 15.75 -40.18 -0.38
N ARG C 68 14.85 -39.23 -0.13
CA ARG C 68 15.00 -37.92 0.46
C ARG C 68 16.03 -37.87 1.58
N LEU C 69 15.75 -38.59 2.69
CA LEU C 69 16.58 -38.65 3.89
C LEU C 69 17.81 -39.50 3.70
N THR C 70 18.87 -39.18 4.45
CA THR C 70 20.15 -39.90 4.46
C THR C 70 20.93 -39.51 5.73
N ILE C 71 20.86 -40.37 6.74
CA ILE C 71 21.54 -40.12 8.00
C ILE C 71 22.94 -40.72 7.97
N SER C 72 23.84 -40.23 8.83
CA SER C 72 25.23 -40.65 8.94
C SER C 72 25.78 -40.23 10.28
N LYS C 73 26.89 -40.80 10.71
CA LYS C 73 27.48 -40.40 11.99
C LYS C 73 28.97 -40.18 11.86
N ASP C 74 29.51 -39.39 12.78
CA ASP C 74 30.93 -39.13 12.92
C ASP C 74 31.26 -39.34 14.40
N THR C 75 31.19 -40.61 14.83
CA THR C 75 31.38 -41.09 16.19
C THR C 75 32.48 -40.35 16.95
N SER C 76 33.67 -40.30 16.34
CA SER C 76 34.91 -39.69 16.80
C SER C 76 34.80 -38.22 17.21
N ASN C 77 34.07 -37.40 16.43
CA ASN C 77 33.90 -35.97 16.66
C ASN C 77 32.57 -35.60 17.26
N ASN C 78 31.83 -36.60 17.75
CA ASN C 78 30.51 -36.45 18.37
C ASN C 78 29.55 -35.65 17.47
N GLN C 79 29.26 -36.19 16.27
CA GLN C 79 28.39 -35.53 15.28
C GLN C 79 27.52 -36.51 14.51
N VAL C 80 26.27 -36.12 14.26
CA VAL C 80 25.30 -36.85 13.42
C VAL C 80 24.88 -35.89 12.31
N PHE C 81 24.70 -36.40 11.08
CA PHE C 81 24.32 -35.55 9.95
C PHE C 81 23.12 -36.09 9.24
N LEU C 82 22.11 -35.25 9.07
CA LEU C 82 20.94 -35.63 8.29
C LEU C 82 20.96 -34.82 7.01
N LYS C 83 20.71 -35.51 5.87
CA LYS C 83 20.69 -34.89 4.54
C LYS C 83 19.35 -35.15 3.86
N ILE C 84 18.52 -34.11 3.76
CA ILE C 84 17.25 -34.22 3.06
C ILE C 84 17.57 -33.66 1.70
N ALA C 85 17.24 -34.40 0.67
CA ALA C 85 17.56 -33.98 -0.69
C ALA C 85 16.36 -33.40 -1.40
N SER C 86 16.60 -32.41 -2.28
CA SER C 86 15.63 -31.70 -3.11
C SER C 86 14.39 -31.28 -2.29
N VAL C 87 14.63 -30.31 -1.40
CA VAL C 87 13.66 -29.74 -0.46
C VAL C 87 12.65 -28.83 -1.13
N ASP C 88 11.47 -28.66 -0.52
CA ASP C 88 10.37 -27.81 -1.02
C ASP C 88 9.74 -27.02 0.16
N THR C 89 8.83 -26.06 -0.12
CA THR C 89 8.16 -25.26 0.92
C THR C 89 7.53 -26.09 2.05
N ALA C 90 7.29 -27.38 1.79
CA ALA C 90 6.75 -28.34 2.75
C ALA C 90 7.73 -28.66 3.89
N ASP C 91 9.03 -28.38 3.66
CA ASP C 91 10.10 -28.64 4.60
C ASP C 91 10.51 -27.41 5.40
N THR C 92 9.69 -26.35 5.36
CA THR C 92 9.92 -25.14 6.15
C THR C 92 9.47 -25.53 7.59
N ALA C 93 10.44 -25.96 8.44
CA ALA C 93 10.16 -26.37 9.81
C ALA C 93 11.35 -26.10 10.69
N THR C 94 11.28 -26.56 11.95
CA THR C 94 12.38 -26.49 12.92
C THR C 94 12.87 -27.92 13.15
N TYR C 95 14.16 -28.12 12.99
CA TYR C 95 14.71 -29.44 13.09
C TYR C 95 15.42 -29.60 14.43
N TYR C 96 14.99 -30.61 15.18
CA TYR C 96 15.59 -30.92 16.47
C TYR C 96 16.24 -32.28 16.39
N CYS C 97 17.38 -32.43 17.04
CA CYS C 97 18.07 -33.71 17.17
C CYS C 97 17.99 -34.06 18.66
N ALA C 98 17.68 -35.32 18.97
CA ALA C 98 17.53 -35.75 20.35
C ALA C 98 18.22 -37.09 20.61
N ARG C 99 18.76 -37.24 21.83
CA ARG C 99 19.46 -38.44 22.28
C ARG C 99 18.51 -39.56 22.71
N ILE C 100 18.86 -40.80 22.34
CA ILE C 100 18.11 -42.00 22.73
C ILE C 100 18.94 -42.72 23.83
N PRO C 101 18.42 -42.83 25.07
CA PRO C 101 19.22 -43.43 26.16
C PRO C 101 18.93 -44.92 26.39
N ASP C 102 19.45 -45.81 25.53
CA ASP C 102 19.11 -47.24 25.54
C ASP C 102 17.60 -47.34 25.08
N ASP C 103 16.62 -47.67 25.97
CA ASP C 103 15.20 -47.73 25.60
C ASP C 103 14.76 -46.85 24.42
N HIS C 104 13.78 -47.34 23.68
CA HIS C 104 13.19 -46.73 22.50
C HIS C 104 12.35 -45.45 22.79
N TYR C 105 13.03 -44.28 22.80
CA TYR C 105 12.49 -42.92 23.00
C TYR C 105 13.60 -41.88 23.16
N PHE C 106 13.24 -40.58 23.05
CA PHE C 106 14.16 -39.46 23.19
C PHE C 106 14.09 -38.84 24.58
N ASP C 107 15.25 -38.40 25.10
CA ASP C 107 15.27 -37.82 26.42
C ASP C 107 15.75 -36.38 26.44
N TYR C 108 16.87 -36.08 25.78
CA TYR C 108 17.39 -34.71 25.75
C TYR C 108 17.40 -34.16 24.35
N TRP C 109 16.57 -33.16 24.11
CA TRP C 109 16.48 -32.53 22.80
C TRP C 109 17.37 -31.28 22.81
N GLY C 110 17.71 -30.80 21.62
CA GLY C 110 18.49 -29.58 21.45
C GLY C 110 17.63 -28.35 21.25
N GLN C 111 18.25 -27.16 21.22
CA GLN C 111 17.52 -25.89 21.04
C GLN C 111 16.73 -25.89 19.70
N GLY C 112 17.33 -26.52 18.69
CA GLY C 112 16.74 -26.68 17.36
C GLY C 112 17.00 -25.56 16.39
N THR C 113 17.27 -25.94 15.13
CA THR C 113 17.49 -25.02 14.01
C THR C 113 16.18 -24.76 13.24
N THR C 114 16.01 -23.54 12.75
CA THR C 114 14.82 -23.14 12.01
C THR C 114 15.18 -22.99 10.55
N LEU C 115 14.62 -23.88 9.71
CA LEU C 115 14.86 -23.82 8.28
C LEU C 115 13.66 -23.30 7.52
N THR C 116 13.95 -22.45 6.54
CA THR C 116 12.96 -21.86 5.66
C THR C 116 13.34 -22.07 4.17
N VAL C 117 12.51 -22.88 3.46
CA VAL C 117 12.68 -23.23 2.05
C VAL C 117 11.76 -22.34 1.25
N SER C 118 12.34 -21.41 0.45
CA SER C 118 11.62 -20.43 -0.37
C SER C 118 12.41 -19.83 -1.53
N SER C 119 11.69 -19.57 -2.60
CA SER C 119 12.14 -18.95 -3.83
C SER C 119 12.36 -17.44 -3.62
N ALA C 120 11.57 -16.84 -2.68
CA ALA C 120 11.56 -15.42 -2.33
C ALA C 120 12.94 -14.83 -2.09
N LYS C 121 13.11 -13.55 -2.41
CA LYS C 121 14.35 -12.80 -2.23
C LYS C 121 14.19 -11.86 -1.05
N THR C 122 15.31 -11.49 -0.39
CA THR C 122 15.32 -10.60 0.78
C THR C 122 14.61 -9.27 0.45
N THR C 123 13.55 -8.95 1.23
CA THR C 123 12.69 -7.78 1.04
C THR C 123 12.42 -7.05 2.36
N ALA C 124 12.68 -5.74 2.40
CA ALA C 124 12.44 -4.94 3.60
C ALA C 124 10.92 -4.72 3.80
N PRO C 125 10.43 -4.74 5.05
CA PRO C 125 8.99 -4.55 5.27
C PRO C 125 8.45 -3.21 4.83
N SER C 126 7.13 -3.17 4.53
CA SER C 126 6.39 -1.95 4.19
C SER C 126 5.48 -1.69 5.38
N VAL C 127 5.95 -0.86 6.32
CA VAL C 127 5.25 -0.49 7.57
C VAL C 127 4.13 0.50 7.27
N TYR C 128 2.90 0.12 7.58
CA TYR C 128 1.76 0.97 7.32
C TYR C 128 1.07 1.33 8.62
N PRO C 129 0.86 2.65 8.89
CA PRO C 129 0.19 3.02 10.15
C PRO C 129 -1.33 2.87 10.05
N LEU C 130 -1.95 2.43 11.13
CA LEU C 130 -3.40 2.26 11.15
C LEU C 130 -4.02 3.14 12.21
N ALA C 131 -4.57 4.28 11.77
CA ALA C 131 -5.27 5.24 12.62
C ALA C 131 -6.77 4.86 12.57
N PRO C 132 -7.56 5.13 13.64
CA PRO C 132 -8.99 4.73 13.62
C PRO C 132 -9.87 5.54 12.66
N VAL C 133 -11.11 5.07 12.43
CA VAL C 133 -12.12 5.70 11.57
C VAL C 133 -12.37 7.22 11.91
N CYS C 134 -12.90 8.03 10.94
CA CYS C 134 -13.17 9.47 11.17
C CYS C 134 -14.29 9.70 12.18
N SER C 140 -13.43 7.77 25.34
CA SER C 140 -13.57 6.49 26.01
C SER C 140 -12.21 5.82 26.09
N SER C 141 -11.75 5.28 24.94
CA SER C 141 -10.49 4.59 24.68
C SER C 141 -10.30 4.47 23.18
N VAL C 142 -9.03 4.44 22.75
CA VAL C 142 -8.69 4.34 21.34
C VAL C 142 -7.70 3.22 21.01
N THR C 143 -8.00 2.50 19.91
CA THR C 143 -7.21 1.37 19.39
C THR C 143 -6.47 1.76 18.09
N LEU C 144 -5.14 1.62 18.12
CA LEU C 144 -4.23 1.97 17.01
C LEU C 144 -3.52 0.73 16.50
N GLY C 145 -3.23 0.73 15.23
CA GLY C 145 -2.56 -0.40 14.62
C GLY C 145 -1.29 -0.06 13.89
N CYS C 146 -0.59 -1.10 13.44
CA CYS C 146 0.64 -0.99 12.69
C CYS C 146 0.75 -2.21 11.82
N LEU C 147 0.56 -2.06 10.51
CA LEU C 147 0.65 -3.19 9.59
C LEU C 147 2.01 -3.27 8.88
N VAL C 148 2.81 -4.30 9.22
CA VAL C 148 4.10 -4.57 8.61
C VAL C 148 3.75 -5.51 7.47
N LYS C 149 4.04 -5.14 6.23
CA LYS C 149 3.61 -5.94 5.09
C LYS C 149 4.69 -6.29 4.07
N GLY C 150 4.65 -7.55 3.65
CA GLY C 150 5.48 -8.12 2.59
C GLY C 150 6.98 -8.01 2.79
N TYR C 151 7.52 -8.78 3.75
CA TYR C 151 8.95 -8.84 4.01
C TYR C 151 9.42 -10.26 3.88
N PHE C 152 10.72 -10.41 3.94
CA PHE C 152 11.38 -11.69 3.83
C PHE C 152 12.88 -11.64 4.17
N PRO C 153 13.35 -12.60 4.97
CA PRO C 153 12.59 -13.65 5.65
C PRO C 153 12.10 -13.14 7.00
N GLU C 154 11.50 -14.03 7.77
CA GLU C 154 11.12 -13.74 9.13
C GLU C 154 12.46 -13.85 9.91
N PRO C 155 12.67 -13.17 11.04
CA PRO C 155 11.72 -12.42 11.85
C PRO C 155 11.90 -10.91 11.82
N VAL C 156 10.85 -10.16 12.22
CA VAL C 156 10.88 -8.72 12.38
C VAL C 156 10.54 -8.41 13.81
N THR C 157 11.17 -7.38 14.38
CA THR C 157 10.91 -6.98 15.77
C THR C 157 10.18 -5.64 15.83
N LEU C 158 8.96 -5.65 16.38
CA LEU C 158 8.11 -4.48 16.48
C LEU C 158 7.94 -4.00 17.92
N THR C 159 8.16 -2.70 18.15
CA THR C 159 7.95 -2.03 19.45
C THR C 159 7.13 -0.75 19.26
N TRP C 160 6.59 -0.20 20.35
CA TRP C 160 5.88 1.06 20.27
C TRP C 160 6.62 2.03 21.16
N ASN C 161 6.73 3.29 20.70
CA ASN C 161 7.47 4.37 21.37
C ASN C 161 8.82 3.90 21.94
N SER C 162 9.55 3.10 21.12
CA SER C 162 10.84 2.46 21.41
C SER C 162 10.84 1.66 22.71
N GLY C 163 9.79 0.86 22.90
CA GLY C 163 9.62 0.00 24.06
C GLY C 163 8.97 0.62 25.28
N SER C 164 8.71 1.95 25.26
CA SER C 164 8.07 2.69 26.36
C SER C 164 6.66 2.14 26.61
N LEU C 165 5.86 1.99 25.53
CA LEU C 165 4.51 1.46 25.56
C LEU C 165 4.56 -0.05 25.50
N SER C 166 4.02 -0.69 26.53
CA SER C 166 3.97 -2.14 26.69
C SER C 166 2.56 -2.59 27.03
N SER C 167 1.79 -1.70 27.70
CA SER C 167 0.41 -1.93 28.14
C SER C 167 -0.57 -1.95 26.95
N GLY C 168 -1.40 -3.01 26.92
CA GLY C 168 -2.43 -3.21 25.92
C GLY C 168 -1.94 -3.40 24.50
N VAL C 169 -0.72 -3.95 24.36
CA VAL C 169 -0.06 -4.20 23.07
C VAL C 169 -0.32 -5.64 22.69
N HIS C 170 -0.66 -5.87 21.41
CA HIS C 170 -0.98 -7.21 20.88
C HIS C 170 -0.30 -7.48 19.56
N THR C 171 0.96 -7.94 19.57
CA THR C 171 1.64 -8.28 18.30
C THR C 171 1.09 -9.64 17.84
N PHE C 172 0.65 -9.74 16.58
CA PHE C 172 0.11 -10.99 16.07
C PHE C 172 1.18 -11.78 15.31
N PRO C 173 1.10 -13.13 15.29
CA PRO C 173 2.10 -13.91 14.54
C PRO C 173 2.06 -13.59 13.04
N ALA C 174 3.19 -13.82 12.33
CA ALA C 174 3.24 -13.52 10.90
C ALA C 174 2.47 -14.53 10.07
N VAL C 175 1.82 -14.07 9.01
CA VAL C 175 1.06 -14.91 8.07
C VAL C 175 1.70 -14.83 6.66
N LEU C 176 1.95 -15.99 6.01
CA LEU C 176 2.56 -15.97 4.69
C LEU C 176 1.59 -15.48 3.62
N GLN C 177 1.70 -14.16 3.31
CA GLN C 177 0.86 -13.42 2.38
C GLN C 177 0.85 -14.08 1.02
N SER C 178 2.02 -14.18 0.34
CA SER C 178 2.15 -14.83 -0.95
C SER C 178 3.44 -15.63 -1.00
N ASP C 179 4.57 -14.97 -1.32
CA ASP C 179 5.93 -15.52 -1.32
C ASP C 179 6.61 -14.92 -0.05
N LEU C 180 5.99 -13.83 0.48
CA LEU C 180 6.40 -12.98 1.62
C LEU C 180 5.40 -13.00 2.80
N TYR C 181 5.90 -12.61 4.00
CA TYR C 181 5.19 -12.53 5.28
C TYR C 181 4.61 -11.14 5.51
N THR C 182 3.64 -11.05 6.43
CA THR C 182 2.89 -9.86 6.86
C THR C 182 2.62 -10.06 8.34
N LEU C 183 2.52 -8.98 9.10
CA LEU C 183 2.14 -9.04 10.51
C LEU C 183 1.58 -7.73 11.01
N SER C 184 0.78 -7.78 12.08
CA SER C 184 0.20 -6.60 12.69
C SER C 184 0.43 -6.61 14.18
N SER C 185 0.27 -5.45 14.80
CA SER C 185 0.41 -5.25 16.24
C SER C 185 -0.51 -4.10 16.60
N SER C 186 -1.38 -4.30 17.59
CA SER C 186 -2.29 -3.27 18.01
C SER C 186 -1.92 -2.73 19.38
N VAL C 187 -2.29 -1.45 19.62
CA VAL C 187 -2.06 -0.72 20.87
C VAL C 187 -3.36 0.00 21.32
N THR C 188 -3.75 -0.15 22.61
CA THR C 188 -4.93 0.51 23.15
C THR C 188 -4.55 1.46 24.26
N VAL C 189 -5.01 2.73 24.13
CA VAL C 189 -4.78 3.85 25.03
C VAL C 189 -6.08 4.62 25.28
N THR C 190 -6.17 5.37 26.39
CA THR C 190 -7.34 6.21 26.63
C THR C 190 -7.27 7.38 25.66
N SER C 191 -8.43 7.87 25.25
CA SER C 191 -8.62 8.94 24.28
C SER C 191 -7.84 10.26 24.55
N SER C 192 -7.32 10.45 25.78
CA SER C 192 -6.53 11.61 26.20
C SER C 192 -5.01 11.39 26.00
N THR C 193 -4.60 10.14 25.75
CA THR C 193 -3.19 9.77 25.53
C THR C 193 -2.76 10.01 24.07
N TRP C 194 -3.67 9.71 23.12
CA TRP C 194 -3.48 9.88 21.68
C TRP C 194 -4.74 10.56 21.08
N PRO C 195 -4.65 11.52 20.11
CA PRO C 195 -3.47 12.03 19.37
C PRO C 195 -2.45 12.81 20.17
N SER C 196 -2.90 13.62 21.15
CA SER C 196 -2.13 14.49 22.06
C SER C 196 -0.65 14.14 22.27
N GLN C 197 -0.35 12.85 22.52
CA GLN C 197 1.01 12.33 22.66
C GLN C 197 1.28 11.41 21.48
N SER C 198 2.39 11.67 20.77
CA SER C 198 2.81 10.93 19.58
C SER C 198 3.08 9.45 19.82
N ILE C 199 2.42 8.59 19.05
CA ILE C 199 2.63 7.15 19.13
C ILE C 199 3.35 6.69 17.86
N THR C 200 4.56 6.15 18.07
CA THR C 200 5.43 5.73 17.00
C THR C 200 5.69 4.23 17.10
N CYS C 201 5.39 3.51 16.01
CA CYS C 201 5.53 2.08 15.88
C CYS C 201 6.91 1.80 15.29
N ASN C 202 7.82 1.19 16.04
CA ASN C 202 9.14 0.90 15.47
C ASN C 202 9.48 -0.54 15.18
N VAL C 203 9.72 -0.78 13.88
CA VAL C 203 9.99 -2.07 13.24
C VAL C 203 11.48 -2.20 12.92
N ALA C 204 12.00 -3.41 13.04
CA ALA C 204 13.40 -3.72 12.75
C ALA C 204 13.49 -5.09 12.12
N HIS C 205 14.02 -5.15 10.86
CA HIS C 205 14.20 -6.36 10.06
C HIS C 205 15.68 -6.62 9.92
N PRO C 206 16.22 -7.48 10.78
CA PRO C 206 17.66 -7.75 10.78
C PRO C 206 18.23 -8.22 9.46
N ALA C 207 17.51 -9.11 8.75
CA ALA C 207 17.93 -9.67 7.47
C ALA C 207 18.23 -8.62 6.41
N SER C 208 17.31 -7.64 6.22
CA SER C 208 17.47 -6.56 5.23
C SER C 208 18.11 -5.29 5.83
N SER C 209 18.57 -5.36 7.11
CA SER C 209 19.18 -4.26 7.88
C SER C 209 18.32 -2.99 7.73
N THR C 210 17.04 -3.13 8.10
CA THR C 210 16.01 -2.12 7.97
C THR C 210 15.40 -1.84 9.33
N LYS C 211 15.63 -0.62 9.85
CA LYS C 211 15.06 -0.15 11.10
C LYS C 211 14.16 1.03 10.74
N VAL C 212 12.87 0.94 11.05
CA VAL C 212 11.90 1.95 10.69
C VAL C 212 11.04 2.44 11.86
N ASP C 213 10.81 3.76 11.95
CA ASP C 213 9.92 4.42 12.92
C ASP C 213 8.73 4.94 12.13
N LYS C 214 7.51 4.73 12.62
CA LYS C 214 6.33 5.17 11.89
C LYS C 214 5.32 5.77 12.86
N LYS C 215 5.21 7.09 12.86
CA LYS C 215 4.30 7.84 13.71
C LYS C 215 2.88 7.68 13.17
N ILE C 216 1.94 7.27 14.03
CA ILE C 216 0.54 7.13 13.62
C ILE C 216 -0.13 8.46 13.89
N GLU C 217 -0.49 9.14 12.80
CA GLU C 217 -1.19 10.42 12.84
C GLU C 217 -2.69 10.19 12.58
N PRO C 218 -3.61 11.06 13.02
CA PRO C 218 -5.04 10.79 12.75
C PRO C 218 -5.43 10.89 11.28
N ARG C 219 -6.58 10.30 10.91
CA ARG C 219 -7.08 10.30 9.53
C ARG C 219 -7.55 11.71 9.08
N GLY C 220 -6.94 12.24 7.98
CA GLY C 220 -7.22 13.56 7.40
C GLY C 220 -7.46 13.54 5.88
N ASP D 1 3.20 -46.76 11.60
CA ASP D 1 2.14 -45.78 11.36
C ASP D 1 1.01 -46.01 12.35
N VAL D 2 1.30 -45.72 13.64
CA VAL D 2 0.37 -45.80 14.76
C VAL D 2 -0.27 -44.41 14.88
N LEU D 3 -1.61 -44.33 14.88
CA LEU D 3 -2.25 -43.02 15.03
C LEU D 3 -2.45 -42.66 16.50
N MET D 4 -1.75 -41.59 16.95
CA MET D 4 -1.84 -41.09 18.33
C MET D 4 -2.87 -39.95 18.38
N THR D 5 -3.92 -40.12 19.22
CA THR D 5 -5.05 -39.20 19.34
C THR D 5 -5.16 -38.61 20.74
N GLN D 6 -4.93 -37.29 20.89
CA GLN D 6 -5.03 -36.65 22.20
C GLN D 6 -6.40 -36.04 22.49
N THR D 7 -6.75 -35.97 23.79
CA THR D 7 -8.02 -35.44 24.28
C THR D 7 -7.84 -34.60 25.55
N PRO D 8 -8.23 -33.31 25.54
CA PRO D 8 -8.78 -32.54 24.41
C PRO D 8 -7.68 -31.82 23.63
N LEU D 9 -8.05 -30.95 22.70
CA LEU D 9 -7.07 -30.16 21.93
C LEU D 9 -6.59 -29.02 22.84
N SER D 10 -7.55 -28.39 23.54
CA SER D 10 -7.31 -27.29 24.49
C SER D 10 -7.90 -27.67 25.86
N LEU D 11 -7.11 -27.51 26.93
CA LEU D 11 -7.58 -27.83 28.27
C LEU D 11 -7.71 -26.59 29.17
N PRO D 12 -8.94 -26.06 29.38
CA PRO D 12 -9.07 -24.89 30.27
C PRO D 12 -9.17 -25.31 31.74
N VAL D 13 -8.11 -25.03 32.51
CA VAL D 13 -7.98 -25.38 33.94
C VAL D 13 -7.64 -24.19 34.83
N SER D 14 -8.16 -24.14 36.06
CA SER D 14 -7.78 -23.06 36.97
C SER D 14 -6.47 -23.45 37.65
N LEU D 15 -5.87 -22.57 38.46
CA LEU D 15 -4.63 -22.93 39.13
C LEU D 15 -4.91 -23.72 40.41
N GLY D 16 -4.13 -24.79 40.60
CA GLY D 16 -4.28 -25.70 41.74
C GLY D 16 -5.28 -26.80 41.45
N ASP D 17 -5.95 -26.70 40.28
CA ASP D 17 -6.95 -27.64 39.79
C ASP D 17 -6.28 -28.93 39.36
N GLN D 18 -7.07 -29.98 39.34
CA GLN D 18 -6.69 -31.30 38.90
C GLN D 18 -6.92 -31.36 37.37
N ALA D 19 -5.90 -31.76 36.58
CA ALA D 19 -5.97 -31.83 35.13
C ALA D 19 -5.59 -33.18 34.58
N SER D 20 -6.37 -33.66 33.60
CA SER D 20 -6.18 -34.98 32.99
C SER D 20 -6.19 -34.96 31.45
N ILE D 21 -5.03 -35.29 30.82
CA ILE D 21 -4.85 -35.37 29.36
C ILE D 21 -5.01 -36.84 28.91
N SER D 22 -5.87 -37.12 27.90
CA SER D 22 -6.15 -38.50 27.41
C SER D 22 -5.59 -38.86 26.00
N CYS D 23 -4.73 -39.91 25.92
CA CYS D 23 -4.12 -40.35 24.67
C CYS D 23 -4.44 -41.79 24.20
N ARG D 24 -5.29 -41.92 23.17
CA ARG D 24 -5.69 -43.18 22.55
C ARG D 24 -4.81 -43.41 21.28
N SER D 25 -4.40 -44.68 21.02
CA SER D 25 -3.61 -45.08 19.85
C SER D 25 -4.42 -45.99 18.93
N SER D 26 -4.10 -45.99 17.63
CA SER D 26 -4.79 -46.80 16.62
C SER D 26 -4.58 -48.30 16.83
N GLN D 27 -3.49 -48.67 17.51
CA GLN D 27 -3.15 -50.05 17.80
C GLN D 27 -2.37 -50.20 19.10
N SER D 28 -2.16 -51.45 19.49
CA SER D 28 -1.42 -51.87 20.67
C SER D 28 0.03 -51.41 20.55
N ILE D 29 0.53 -50.72 21.59
CA ILE D 29 1.90 -50.22 21.58
C ILE D 29 2.83 -50.93 22.56
N VAL D 30 2.79 -52.25 22.51
CA VAL D 30 3.66 -53.07 23.34
C VAL D 30 4.76 -53.55 22.40
N HIS D 31 5.98 -53.11 22.68
CA HIS D 31 7.18 -53.46 21.90
C HIS D 31 7.58 -54.91 22.16
N SER D 32 8.15 -55.58 21.14
CA SER D 32 8.63 -56.99 21.17
C SER D 32 9.28 -57.41 22.48
N ASN D 33 10.07 -56.50 23.10
CA ASN D 33 10.78 -56.71 24.38
C ASN D 33 9.87 -56.67 25.63
N GLY D 34 8.56 -56.54 25.43
CA GLY D 34 7.57 -56.55 26.51
C GLY D 34 7.17 -55.19 27.04
N ASN D 35 8.02 -54.19 26.84
CA ASN D 35 7.75 -52.85 27.34
C ASN D 35 6.79 -52.02 26.47
N THR D 36 5.94 -51.19 27.12
CA THR D 36 5.04 -50.26 26.44
C THR D 36 5.77 -48.94 26.51
N TYR D 37 6.08 -48.36 25.33
CA TYR D 37 6.85 -47.11 25.19
C TYR D 37 6.05 -45.81 25.01
N LEU D 38 5.28 -45.41 26.04
CA LEU D 38 4.50 -44.19 26.00
C LEU D 38 5.24 -43.14 26.77
N GLU D 39 5.44 -42.02 26.10
CA GLU D 39 6.14 -40.85 26.62
C GLU D 39 5.27 -39.61 26.60
N TRP D 40 5.61 -38.63 27.47
CA TRP D 40 4.90 -37.38 27.57
C TRP D 40 5.86 -36.25 27.59
N TYR D 41 5.81 -35.45 26.54
CA TYR D 41 6.68 -34.29 26.40
C TYR D 41 5.92 -32.99 26.63
N LEU D 42 6.56 -32.06 27.31
CA LEU D 42 5.98 -30.75 27.54
C LEU D 42 6.85 -29.74 26.85
N GLN D 43 6.25 -29.02 25.90
CA GLN D 43 6.94 -27.98 25.14
C GLN D 43 6.39 -26.62 25.58
N LYS D 44 7.26 -25.80 26.20
CA LYS D 44 6.80 -24.50 26.64
C LYS D 44 6.94 -23.49 25.50
N PRO D 45 6.20 -22.36 25.47
CA PRO D 45 6.30 -21.45 24.32
C PRO D 45 7.71 -20.93 24.07
N GLY D 46 8.16 -21.09 22.83
CA GLY D 46 9.48 -20.65 22.41
C GLY D 46 10.61 -21.53 22.91
N GLN D 47 10.32 -22.81 23.12
CA GLN D 47 11.29 -23.80 23.58
C GLN D 47 11.12 -25.17 22.90
N SER D 48 12.17 -25.99 22.99
CA SER D 48 12.18 -27.35 22.47
C SER D 48 11.39 -28.19 23.44
N PRO D 49 10.77 -29.32 23.03
CA PRO D 49 10.05 -30.14 24.00
C PRO D 49 10.99 -30.79 25.02
N LYS D 50 10.43 -31.09 26.19
CA LYS D 50 11.13 -31.67 27.32
C LYS D 50 10.31 -32.87 27.83
N LEU D 51 10.99 -33.99 28.12
CA LEU D 51 10.37 -35.22 28.60
C LEU D 51 9.90 -35.13 30.04
N LEU D 52 8.70 -35.67 30.31
CA LEU D 52 8.08 -35.75 31.64
C LEU D 52 7.95 -37.21 32.13
N ILE D 53 7.13 -37.98 31.43
CA ILE D 53 6.86 -39.38 31.70
C ILE D 53 7.44 -40.24 30.56
N TYR D 54 8.11 -41.34 30.91
CA TYR D 54 8.64 -42.26 29.93
C TYR D 54 8.21 -43.60 30.34
N LYS D 55 7.88 -44.42 29.36
CA LYS D 55 7.42 -45.79 29.59
C LYS D 55 6.15 -45.80 30.45
N VAL D 56 5.12 -45.08 29.97
CA VAL D 56 3.77 -44.98 30.53
C VAL D 56 3.64 -44.41 31.96
N SER D 57 4.55 -44.76 32.89
CA SER D 57 4.42 -44.29 34.27
C SER D 57 5.64 -43.64 34.92
N ASN D 58 6.83 -43.89 34.41
CA ASN D 58 8.03 -43.32 35.01
C ASN D 58 8.22 -41.86 34.73
N ARG D 59 8.59 -41.11 35.79
CA ARG D 59 8.90 -39.69 35.71
C ARG D 59 10.37 -39.52 35.38
N PHE D 60 10.65 -38.41 34.68
CA PHE D 60 11.98 -37.99 34.26
C PHE D 60 12.62 -37.02 35.26
N SER D 61 13.88 -36.63 35.03
CA SER D 61 14.64 -35.76 35.91
C SER D 61 13.92 -34.42 36.14
N GLY D 62 13.73 -34.07 37.40
CA GLY D 62 13.08 -32.82 37.78
C GLY D 62 11.64 -32.71 37.33
N VAL D 63 10.93 -33.84 37.28
CA VAL D 63 9.51 -33.89 36.93
C VAL D 63 8.84 -34.17 38.27
N PRO D 64 8.05 -33.22 38.80
CA PRO D 64 7.50 -33.37 40.15
C PRO D 64 6.52 -34.50 40.39
N ASP D 65 6.26 -34.75 41.68
CA ASP D 65 5.37 -35.76 42.24
C ASP D 65 3.93 -35.60 41.76
N ARG D 66 3.59 -34.39 41.33
CA ARG D 66 2.28 -33.97 40.83
C ARG D 66 1.90 -34.66 39.50
N PHE D 67 2.88 -34.94 38.65
CA PHE D 67 2.67 -35.60 37.36
C PHE D 67 2.61 -37.11 37.50
N SER D 68 1.56 -37.73 36.93
CA SER D 68 1.40 -39.19 36.95
C SER D 68 0.83 -39.75 35.64
N GLY D 69 1.49 -40.78 35.13
CA GLY D 69 1.10 -41.43 33.89
C GLY D 69 0.49 -42.80 34.10
N SER D 70 -0.60 -43.09 33.37
CA SER D 70 -1.33 -44.35 33.45
C SER D 70 -1.83 -44.87 32.08
N GLY D 71 -2.65 -45.92 32.13
CA GLY D 71 -3.24 -46.57 30.97
C GLY D 71 -2.47 -47.79 30.51
N SER D 72 -3.05 -48.55 29.57
CA SER D 72 -2.44 -49.76 28.99
C SER D 72 -3.12 -50.17 27.66
N GLY D 73 -2.28 -50.59 26.72
CA GLY D 73 -2.70 -51.07 25.40
C GLY D 73 -3.21 -50.05 24.40
N THR D 74 -4.36 -49.41 24.70
CA THR D 74 -4.97 -48.44 23.79
C THR D 74 -5.14 -47.09 24.47
N ASP D 75 -5.92 -46.99 25.55
CA ASP D 75 -6.15 -45.75 26.27
C ASP D 75 -5.06 -45.54 27.32
N PHE D 76 -4.46 -44.34 27.35
CA PHE D 76 -3.43 -43.91 28.29
C PHE D 76 -3.78 -42.53 28.78
N THR D 77 -3.33 -42.15 29.99
CA THR D 77 -3.69 -40.85 30.58
C THR D 77 -2.62 -40.24 31.47
N LEU D 78 -2.42 -38.92 31.34
CA LEU D 78 -1.51 -38.16 32.16
C LEU D 78 -2.35 -37.30 33.11
N LYS D 79 -2.01 -37.33 34.41
CA LYS D 79 -2.69 -36.55 35.44
C LYS D 79 -1.71 -35.60 36.13
N ILE D 80 -2.06 -34.31 36.10
CA ILE D 80 -1.35 -33.20 36.74
C ILE D 80 -2.35 -32.72 37.78
N SER D 81 -2.07 -32.96 39.07
CA SER D 81 -3.05 -32.68 40.14
C SER D 81 -3.21 -31.27 40.70
N ARG D 82 -2.12 -30.49 40.84
CA ARG D 82 -2.22 -29.16 41.43
C ARG D 82 -1.54 -28.11 40.56
N VAL D 83 -2.04 -27.99 39.31
CA VAL D 83 -1.57 -27.07 38.25
C VAL D 83 -0.95 -25.74 38.74
N GLU D 84 0.32 -25.49 38.34
CA GLU D 84 1.11 -24.29 38.63
C GLU D 84 1.49 -23.58 37.33
N ALA D 85 2.07 -22.37 37.43
CA ALA D 85 2.50 -21.56 36.30
C ALA D 85 3.48 -22.29 35.36
N GLU D 86 4.47 -23.00 35.94
CA GLU D 86 5.47 -23.76 35.20
C GLU D 86 4.95 -25.09 34.62
N ASP D 87 3.63 -25.27 34.59
CA ASP D 87 3.04 -26.50 34.10
C ASP D 87 2.14 -26.27 32.90
N LEU D 88 2.12 -25.04 32.37
CA LEU D 88 1.29 -24.72 31.19
C LEU D 88 2.09 -24.82 29.92
N GLY D 89 1.46 -25.34 28.88
CA GLY D 89 2.11 -25.49 27.58
C GLY D 89 1.47 -26.56 26.74
N VAL D 90 2.23 -27.08 25.78
CA VAL D 90 1.73 -28.12 24.90
C VAL D 90 2.34 -29.46 25.23
N TYR D 91 1.44 -30.43 25.49
CA TYR D 91 1.74 -31.82 25.84
C TYR D 91 1.56 -32.73 24.66
N TYR D 92 2.49 -33.66 24.44
CA TYR D 92 2.40 -34.61 23.33
C TYR D 92 2.69 -36.02 23.83
N CYS D 93 1.79 -36.97 23.52
CA CYS D 93 2.04 -38.37 23.85
C CYS D 93 2.79 -38.95 22.69
N PHE D 94 3.87 -39.67 22.97
CA PHE D 94 4.76 -40.24 21.94
C PHE D 94 4.85 -41.74 22.05
N GLN D 95 5.06 -42.43 20.95
CA GLN D 95 5.30 -43.86 21.06
C GLN D 95 6.67 -44.31 20.48
N GLY D 96 7.39 -45.13 21.24
CA GLY D 96 8.68 -45.64 20.79
C GLY D 96 8.61 -47.11 20.47
N SER D 97 7.40 -47.70 20.53
CA SER D 97 7.19 -49.14 20.30
C SER D 97 7.30 -49.58 18.85
N HIS D 98 6.61 -48.90 17.93
CA HIS D 98 6.67 -49.29 16.53
C HIS D 98 7.21 -48.21 15.61
N VAL D 99 8.04 -48.63 14.65
CA VAL D 99 8.64 -47.74 13.66
C VAL D 99 7.69 -47.68 12.45
N PRO D 100 7.27 -46.47 11.96
CA PRO D 100 7.66 -45.11 12.39
C PRO D 100 7.09 -44.66 13.73
N TRP D 101 8.01 -44.10 14.55
CA TRP D 101 7.75 -43.52 15.85
C TRP D 101 6.83 -42.31 15.60
N THR D 102 5.74 -42.22 16.35
CA THR D 102 4.77 -41.16 16.12
C THR D 102 4.48 -40.39 17.39
N PHE D 103 4.16 -39.09 17.24
CA PHE D 103 3.77 -38.20 18.32
C PHE D 103 2.28 -37.95 18.23
N GLY D 104 1.71 -37.45 19.31
CA GLY D 104 0.30 -37.08 19.35
C GLY D 104 0.11 -35.70 18.74
N GLY D 105 -1.15 -35.34 18.52
CA GLY D 105 -1.51 -34.04 17.95
C GLY D 105 -1.10 -32.86 18.81
N GLY D 106 -1.14 -33.07 20.12
CA GLY D 106 -0.82 -32.11 21.15
C GLY D 106 -2.05 -31.63 21.91
N THR D 107 -1.87 -31.33 23.21
CA THR D 107 -2.90 -30.79 24.11
C THR D 107 -2.35 -29.54 24.73
N LYS D 108 -3.11 -28.45 24.66
CA LYS D 108 -2.66 -27.17 25.20
C LYS D 108 -3.24 -26.88 26.60
N LEU D 109 -2.39 -26.88 27.61
CA LEU D 109 -2.85 -26.58 28.96
C LEU D 109 -2.92 -25.08 29.09
N GLU D 110 -4.14 -24.55 29.15
CA GLU D 110 -4.39 -23.11 29.26
C GLU D 110 -5.20 -22.77 30.54
N ILE D 111 -5.10 -21.52 31.04
CA ILE D 111 -5.80 -21.09 32.25
C ILE D 111 -7.17 -20.48 31.97
N LYS D 112 -8.20 -21.02 32.61
CA LYS D 112 -9.58 -20.53 32.51
C LYS D 112 -9.86 -19.30 33.37
N ARG D 113 -10.61 -18.36 32.81
CA ARG D 113 -10.99 -17.12 33.46
C ARG D 113 -12.45 -16.79 33.16
N ALA D 114 -12.90 -15.63 33.65
CA ALA D 114 -14.25 -15.11 33.45
C ALA D 114 -14.52 -14.84 31.99
N ASP D 115 -15.79 -14.87 31.56
CA ASP D 115 -16.12 -14.59 30.16
C ASP D 115 -15.97 -13.11 29.79
N ALA D 116 -15.30 -12.85 28.68
CA ALA D 116 -15.08 -11.49 28.19
C ALA D 116 -15.36 -11.40 26.71
N ALA D 117 -16.04 -10.31 26.30
CA ALA D 117 -16.40 -10.07 24.91
C ALA D 117 -15.29 -9.31 24.17
N PRO D 118 -15.11 -9.54 22.85
CA PRO D 118 -14.06 -8.82 22.12
C PRO D 118 -14.35 -7.34 21.90
N THR D 119 -13.28 -6.58 21.63
CA THR D 119 -13.34 -5.15 21.31
C THR D 119 -12.96 -5.04 19.84
N VAL D 120 -13.97 -4.95 18.96
CA VAL D 120 -13.72 -4.82 17.52
C VAL D 120 -13.25 -3.43 17.14
N SER D 121 -12.22 -3.37 16.29
CA SER D 121 -11.64 -2.13 15.80
C SER D 121 -11.37 -2.29 14.28
N ILE D 122 -12.20 -1.71 13.42
CA ILE D 122 -12.00 -1.78 11.98
C ILE D 122 -11.01 -0.67 11.58
N PHE D 123 -10.21 -0.91 10.55
CA PHE D 123 -9.26 0.08 10.06
C PHE D 123 -9.28 0.22 8.54
N PRO D 124 -9.65 1.41 8.00
CA PRO D 124 -9.60 1.63 6.55
C PRO D 124 -8.15 1.58 6.02
N PRO D 125 -7.91 1.50 4.69
CA PRO D 125 -6.53 1.49 4.21
C PRO D 125 -5.87 2.86 4.38
N SER D 126 -4.64 2.88 4.89
CA SER D 126 -3.84 4.09 5.14
C SER D 126 -3.48 4.88 3.89
N SER D 127 -3.21 6.19 4.08
CA SER D 127 -2.80 7.10 3.01
C SER D 127 -1.47 6.59 2.41
N GLU D 128 -0.56 6.11 3.30
CA GLU D 128 0.77 5.54 2.98
C GLU D 128 0.65 4.28 2.11
N GLN D 129 -0.40 3.47 2.33
CA GLN D 129 -0.63 2.25 1.55
C GLN D 129 -1.33 2.52 0.24
N LEU D 130 -2.32 3.45 0.22
CA LEU D 130 -3.07 3.75 -0.99
C LEU D 130 -2.20 4.34 -2.10
N THR D 131 -1.19 5.16 -1.73
CA THR D 131 -0.23 5.76 -2.67
C THR D 131 0.56 4.65 -3.36
N SER D 132 0.96 3.61 -2.61
CA SER D 132 1.69 2.46 -3.14
C SER D 132 0.87 1.58 -4.09
N GLY D 133 -0.45 1.48 -3.88
CA GLY D 133 -1.31 0.74 -4.78
C GLY D 133 -2.23 -0.30 -4.17
N GLY D 134 -1.92 -0.73 -2.95
CA GLY D 134 -2.71 -1.72 -2.22
C GLY D 134 -3.79 -1.13 -1.33
N ALA D 135 -4.61 -1.99 -0.69
CA ALA D 135 -5.69 -1.54 0.19
C ALA D 135 -6.13 -2.60 1.19
N SER D 136 -5.38 -2.76 2.30
CA SER D 136 -5.69 -3.75 3.34
C SER D 136 -6.64 -3.21 4.40
N VAL D 137 -7.74 -3.94 4.60
CA VAL D 137 -8.78 -3.64 5.58
C VAL D 137 -8.56 -4.52 6.83
N VAL D 138 -7.81 -3.98 7.81
CA VAL D 138 -7.46 -4.71 9.03
C VAL D 138 -8.60 -4.59 10.01
N CYS D 139 -8.74 -5.58 10.89
CA CYS D 139 -9.75 -5.68 11.92
C CYS D 139 -9.15 -6.38 13.13
N PHE D 140 -9.25 -5.79 14.31
CA PHE D 140 -8.72 -6.41 15.52
C PHE D 140 -9.87 -6.73 16.46
N LEU D 141 -9.90 -7.97 16.94
CA LEU D 141 -10.86 -8.48 17.92
C LEU D 141 -10.01 -8.69 19.14
N ASN D 142 -10.09 -7.79 20.11
CA ASN D 142 -9.22 -7.90 21.26
C ASN D 142 -9.83 -8.28 22.58
N ASN D 143 -9.01 -8.98 23.38
CA ASN D 143 -9.29 -9.47 24.74
C ASN D 143 -10.65 -10.15 24.92
N PHE D 144 -10.71 -11.45 24.58
CA PHE D 144 -11.91 -12.27 24.71
C PHE D 144 -11.61 -13.62 25.35
N TYR D 145 -12.68 -14.33 25.77
CA TYR D 145 -12.63 -15.66 26.39
C TYR D 145 -14.00 -16.39 26.28
N PRO D 146 -14.09 -17.67 25.84
CA PRO D 146 -13.04 -18.61 25.41
C PRO D 146 -12.40 -18.29 24.07
N LYS D 147 -11.31 -19.01 23.74
CA LYS D 147 -10.54 -18.81 22.51
C LYS D 147 -11.32 -18.95 21.21
N ASP D 148 -12.37 -19.79 21.16
CA ASP D 148 -13.14 -19.96 19.93
C ASP D 148 -14.02 -18.77 19.56
N ILE D 149 -13.75 -18.20 18.38
CA ILE D 149 -14.42 -17.05 17.80
C ILE D 149 -14.65 -17.27 16.29
N ASN D 150 -15.44 -16.39 15.65
CA ASN D 150 -15.73 -16.43 14.22
C ASN D 150 -15.97 -15.02 13.63
N VAL D 151 -15.27 -14.69 12.53
CA VAL D 151 -15.39 -13.40 11.86
C VAL D 151 -15.95 -13.57 10.45
N LYS D 152 -16.89 -12.69 10.07
CA LYS D 152 -17.51 -12.63 8.76
C LYS D 152 -17.24 -11.25 8.17
N TRP D 153 -16.78 -11.21 6.91
CA TRP D 153 -16.53 -9.95 6.22
C TRP D 153 -17.66 -9.70 5.23
N LYS D 154 -18.28 -8.53 5.34
CA LYS D 154 -19.38 -8.16 4.47
C LYS D 154 -19.05 -6.90 3.70
N ILE D 155 -19.06 -6.98 2.35
CA ILE D 155 -18.78 -5.84 1.49
C ILE D 155 -20.08 -5.45 0.78
N ASP D 156 -20.66 -4.29 1.17
CA ASP D 156 -21.94 -3.76 0.67
C ASP D 156 -23.06 -4.76 0.94
N GLY D 157 -23.00 -5.38 2.12
CA GLY D 157 -23.96 -6.38 2.57
C GLY D 157 -23.51 -7.81 2.33
N SER D 158 -23.12 -8.13 1.08
CA SER D 158 -22.70 -9.48 0.67
C SER D 158 -21.41 -9.95 1.33
N GLU D 159 -21.41 -11.20 1.80
CA GLU D 159 -20.32 -11.89 2.48
C GLU D 159 -19.18 -12.26 1.52
N ARG D 160 -17.94 -12.12 1.99
CA ARG D 160 -16.73 -12.47 1.24
C ARG D 160 -16.03 -13.61 1.98
N GLN D 161 -15.61 -14.64 1.23
CA GLN D 161 -14.93 -15.81 1.79
C GLN D 161 -13.43 -15.73 1.52
N ASN D 162 -13.09 -15.52 0.23
CA ASN D 162 -11.74 -15.49 -0.32
C ASN D 162 -11.09 -14.12 -0.21
N GLY D 163 -9.84 -14.11 0.23
CA GLY D 163 -9.04 -12.90 0.39
C GLY D 163 -8.87 -12.46 1.83
N VAL D 164 -9.20 -13.35 2.79
CA VAL D 164 -9.13 -13.08 4.23
C VAL D 164 -7.93 -13.79 4.87
N LEU D 165 -7.18 -13.06 5.70
CA LEU D 165 -6.02 -13.58 6.42
C LEU D 165 -6.11 -13.29 7.93
N ASN D 166 -6.23 -14.36 8.73
CA ASN D 166 -6.37 -14.26 10.18
C ASN D 166 -5.17 -14.79 10.94
N SER D 167 -4.89 -14.17 12.09
CA SER D 167 -3.83 -14.57 13.00
C SER D 167 -4.34 -14.41 14.41
N TRP D 168 -3.96 -15.35 15.29
CA TRP D 168 -4.39 -15.40 16.68
C TRP D 168 -3.20 -15.37 17.61
N THR D 169 -3.30 -14.59 18.69
CA THR D 169 -2.23 -14.52 19.69
C THR D 169 -2.38 -15.67 20.65
N ASP D 170 -1.35 -15.91 21.48
CA ASP D 170 -1.42 -16.91 22.54
C ASP D 170 -2.29 -16.36 23.71
N GLN D 171 -2.32 -17.06 24.85
CA GLN D 171 -3.11 -16.54 25.96
C GLN D 171 -2.33 -15.45 26.66
N ASP D 172 -3.03 -14.41 27.09
CA ASP D 172 -2.38 -13.26 27.74
C ASP D 172 -1.74 -13.62 29.06
N SER D 173 -0.50 -13.15 29.27
CA SER D 173 0.32 -13.36 30.47
C SER D 173 -0.34 -12.71 31.69
N LYS D 174 -0.97 -11.55 31.48
CA LYS D 174 -1.65 -10.78 32.50
C LYS D 174 -3.12 -11.17 32.64
N ASP D 175 -3.99 -10.68 31.72
CA ASP D 175 -5.44 -10.91 31.73
C ASP D 175 -6.00 -12.24 31.22
N SER D 176 -5.13 -13.16 30.76
CA SER D 176 -5.50 -14.48 30.27
C SER D 176 -6.60 -14.56 29.21
N THR D 177 -6.61 -13.55 28.32
CA THR D 177 -7.55 -13.44 27.20
C THR D 177 -6.82 -13.64 25.86
N TYR D 178 -7.60 -13.88 24.80
CA TYR D 178 -7.07 -14.10 23.46
C TYR D 178 -7.43 -12.91 22.60
N SER D 179 -6.62 -12.66 21.57
CA SER D 179 -6.81 -11.61 20.57
C SER D 179 -6.61 -12.16 19.15
N MET D 180 -7.32 -11.58 18.18
CA MET D 180 -7.30 -12.02 16.82
C MET D 180 -7.34 -10.85 15.87
N SER D 181 -6.45 -10.86 14.87
CA SER D 181 -6.39 -9.90 13.78
C SER D 181 -7.01 -10.58 12.54
N SER D 182 -7.74 -9.84 11.71
CA SER D 182 -8.37 -10.37 10.50
C SER D 182 -8.23 -9.33 9.41
N THR D 183 -7.29 -9.52 8.50
CA THR D 183 -7.02 -8.57 7.41
C THR D 183 -7.79 -8.97 6.16
N LEU D 184 -8.41 -8.02 5.47
CA LEU D 184 -9.06 -8.34 4.20
C LEU D 184 -8.20 -7.72 3.08
N THR D 185 -7.38 -8.56 2.41
CA THR D 185 -6.45 -8.11 1.37
C THR D 185 -7.05 -7.72 0.01
N LEU D 186 -6.93 -6.43 -0.31
CA LEU D 186 -7.47 -5.84 -1.54
C LEU D 186 -6.45 -4.95 -2.28
N THR D 187 -6.79 -4.57 -3.52
CA THR D 187 -6.03 -3.66 -4.36
C THR D 187 -6.71 -2.28 -4.32
N LYS D 188 -6.15 -1.27 -4.97
CA LYS D 188 -6.79 0.03 -4.95
C LYS D 188 -8.04 0.06 -5.84
N ASP D 189 -7.96 -0.49 -7.07
CA ASP D 189 -9.09 -0.50 -8.00
C ASP D 189 -10.23 -1.38 -7.51
N GLU D 190 -9.90 -2.50 -6.86
CA GLU D 190 -10.88 -3.45 -6.32
C GLU D 190 -11.59 -2.86 -5.11
N TYR D 191 -10.87 -2.06 -4.31
CA TYR D 191 -11.41 -1.40 -3.13
C TYR D 191 -12.28 -0.20 -3.52
N GLU D 192 -11.89 0.52 -4.57
CA GLU D 192 -12.60 1.70 -5.06
C GLU D 192 -13.78 1.35 -5.97
N ARG D 193 -14.21 0.08 -5.91
CA ARG D 193 -15.35 -0.48 -6.62
C ARG D 193 -16.52 -0.58 -5.65
N HIS D 194 -16.22 -0.84 -4.36
CA HIS D 194 -17.22 -0.99 -3.29
C HIS D 194 -17.12 0.07 -2.19
N ASN D 195 -18.25 0.34 -1.49
CA ASN D 195 -18.37 1.34 -0.44
C ASN D 195 -18.38 0.82 1.00
N SER D 196 -19.42 0.02 1.39
CA SER D 196 -19.57 -0.52 2.75
C SER D 196 -18.69 -1.74 3.01
N TYR D 197 -17.79 -1.61 4.00
CA TYR D 197 -16.88 -2.69 4.43
C TYR D 197 -17.19 -2.99 5.90
N THR D 198 -17.67 -4.24 6.18
CA THR D 198 -18.11 -4.69 7.51
C THR D 198 -17.37 -5.92 8.07
N CYS D 199 -16.85 -5.75 9.30
CA CYS D 199 -16.17 -6.77 10.07
C CYS D 199 -17.13 -7.25 11.15
N GLU D 200 -17.95 -8.25 10.82
CA GLU D 200 -18.98 -8.86 11.67
C GLU D 200 -18.36 -9.99 12.52
N ALA D 201 -18.45 -9.89 13.86
CA ALA D 201 -17.86 -10.84 14.82
C ALA D 201 -18.88 -11.59 15.71
N THR D 202 -18.79 -12.94 15.78
CA THR D 202 -19.66 -13.77 16.64
C THR D 202 -18.84 -14.48 17.72
N HIS D 203 -19.32 -14.42 18.98
CA HIS D 203 -18.67 -15.04 20.15
C HIS D 203 -19.76 -15.41 21.15
N LYS D 204 -19.55 -16.48 21.94
CA LYS D 204 -20.54 -16.97 22.92
C LYS D 204 -21.08 -15.97 23.96
N THR D 205 -20.31 -14.89 24.24
CA THR D 205 -20.65 -13.83 25.19
C THR D 205 -22.05 -13.20 24.97
N SER D 206 -22.48 -13.12 23.69
CA SER D 206 -23.79 -12.55 23.28
C SER D 206 -24.36 -13.33 22.08
N THR D 207 -25.71 -13.39 21.99
CA THR D 207 -26.47 -14.06 20.91
C THR D 207 -26.30 -13.40 19.54
N SER D 208 -26.43 -12.05 19.49
CA SER D 208 -26.30 -11.24 18.28
C SER D 208 -24.83 -10.86 17.97
N PRO D 209 -24.43 -10.83 16.67
CA PRO D 209 -23.03 -10.49 16.34
C PRO D 209 -22.61 -9.05 16.64
N ILE D 210 -21.28 -8.83 16.80
CA ILE D 210 -20.63 -7.55 17.07
C ILE D 210 -20.12 -6.91 15.77
N VAL D 211 -21.01 -6.14 15.12
CA VAL D 211 -20.76 -5.43 13.87
C VAL D 211 -19.87 -4.21 14.06
N LYS D 212 -18.91 -4.02 13.16
CA LYS D 212 -18.00 -2.88 13.15
C LYS D 212 -17.73 -2.57 11.68
N SER D 213 -18.17 -1.39 11.21
CA SER D 213 -18.07 -1.03 9.78
C SER D 213 -17.74 0.41 9.47
N PHE D 214 -17.31 0.64 8.20
CA PHE D 214 -16.98 1.96 7.67
C PHE D 214 -17.42 2.10 6.21
N ASN D 215 -17.55 3.35 5.75
CA ASN D 215 -17.95 3.72 4.39
C ASN D 215 -16.77 4.39 3.64
N ARG D 216 -16.49 3.93 2.42
CA ARG D 216 -15.40 4.44 1.58
C ARG D 216 -15.62 5.91 1.16
N ASN D 217 -16.87 6.34 1.18
CA ASN D 217 -17.22 7.69 0.81
C ASN D 217 -16.24 8.65 1.43
N GLU D 218 -16.41 8.88 2.72
CA GLU D 218 -15.60 9.75 3.52
C GLU D 218 -14.18 9.25 3.65
N CYS D 219 -14.06 7.95 3.81
CA CYS D 219 -12.75 7.32 3.97
C CYS D 219 -12.31 6.65 2.68
N SER E 2 -21.78 -62.39 -37.65
CA SER E 2 -22.28 -61.44 -36.66
C SER E 2 -21.26 -61.11 -35.57
N VAL E 3 -20.97 -59.81 -35.43
CA VAL E 3 -20.02 -59.23 -34.49
C VAL E 3 -20.74 -58.56 -33.33
N CYS E 4 -20.24 -58.80 -32.11
CA CYS E 4 -20.76 -58.23 -30.87
C CYS E 4 -19.66 -58.20 -29.82
N ALA E 5 -19.54 -57.10 -29.07
CA ALA E 5 -18.53 -56.97 -28.02
C ALA E 5 -18.96 -57.81 -26.82
N GLY E 6 -18.00 -58.45 -26.18
CA GLY E 6 -18.26 -59.30 -25.02
C GLY E 6 -18.53 -58.52 -23.75
N THR E 7 -17.93 -58.98 -22.65
CA THR E 7 -18.01 -58.37 -21.31
C THR E 7 -16.66 -58.52 -20.61
N GLU E 8 -16.46 -57.79 -19.51
CA GLU E 8 -15.23 -57.84 -18.71
C GLU E 8 -15.57 -57.80 -17.21
N ASN E 9 -16.76 -58.29 -16.85
CA ASN E 9 -17.28 -58.37 -15.49
C ASN E 9 -16.57 -59.42 -14.62
N LYS E 10 -16.07 -60.51 -15.23
CA LYS E 10 -15.44 -61.64 -14.55
C LYS E 10 -16.45 -62.36 -13.66
N LEU E 11 -16.17 -62.53 -12.36
CA LEU E 11 -17.07 -63.23 -11.43
C LEU E 11 -18.25 -62.36 -10.91
N SER E 12 -18.24 -61.04 -11.24
CA SER E 12 -19.28 -60.11 -10.82
C SER E 12 -20.61 -60.32 -11.56
N SER E 13 -21.55 -61.01 -10.89
CA SER E 13 -22.89 -61.30 -11.41
C SER E 13 -23.96 -60.59 -10.61
N LEU E 14 -25.12 -60.36 -11.25
CA LEU E 14 -26.29 -59.69 -10.67
C LEU E 14 -26.89 -60.42 -9.50
N SER E 15 -27.35 -59.66 -8.47
CA SER E 15 -28.05 -60.21 -7.30
C SER E 15 -29.36 -60.82 -7.76
N ASP E 16 -30.09 -60.12 -8.63
CA ASP E 16 -31.31 -60.59 -9.25
C ASP E 16 -30.85 -61.61 -10.30
N LEU E 17 -31.01 -62.90 -9.96
CA LEU E 17 -30.61 -64.02 -10.81
C LEU E 17 -31.38 -64.06 -12.14
N GLU E 18 -32.63 -63.55 -12.14
CA GLU E 18 -33.51 -63.45 -13.32
C GLU E 18 -32.92 -62.39 -14.28
N GLN E 19 -32.54 -61.21 -13.75
CA GLN E 19 -31.94 -60.12 -14.53
C GLN E 19 -30.57 -60.49 -15.14
N GLN E 20 -29.84 -61.44 -14.49
CA GLN E 20 -28.55 -61.96 -14.96
C GLN E 20 -28.76 -62.78 -16.24
N TYR E 21 -29.83 -63.62 -16.29
CA TYR E 21 -30.18 -64.41 -17.49
C TYR E 21 -30.65 -63.50 -18.62
N ARG E 22 -31.40 -62.42 -18.28
CA ARG E 22 -31.87 -61.43 -19.25
C ARG E 22 -30.65 -60.75 -19.90
N ALA E 23 -29.69 -60.29 -19.04
CA ALA E 23 -28.46 -59.61 -19.43
C ALA E 23 -27.60 -60.45 -20.36
N LEU E 24 -27.45 -61.76 -20.07
CA LEU E 24 -26.65 -62.69 -20.87
C LEU E 24 -27.22 -62.80 -22.29
N ARG E 25 -28.56 -62.94 -22.37
CA ARG E 25 -29.31 -63.02 -23.62
C ARG E 25 -29.06 -61.74 -24.45
N LYS E 26 -28.99 -60.57 -23.79
CA LYS E 26 -28.77 -59.25 -24.41
C LYS E 26 -27.40 -59.12 -25.11
N TYR E 27 -26.31 -59.64 -24.50
CA TYR E 27 -24.95 -59.56 -25.01
C TYR E 27 -24.60 -60.52 -26.16
N TYR E 28 -25.20 -61.72 -26.20
CA TYR E 28 -24.90 -62.70 -27.24
C TYR E 28 -26.15 -63.14 -28.03
N GLU E 29 -27.13 -62.21 -28.21
CA GLU E 29 -28.43 -62.42 -28.89
C GLU E 29 -28.37 -63.33 -30.12
N ASN E 30 -27.79 -62.84 -31.22
CA ASN E 30 -27.58 -63.55 -32.47
C ASN E 30 -26.17 -63.14 -32.91
N CYS E 31 -25.16 -63.69 -32.20
CA CYS E 31 -23.75 -63.36 -32.43
C CYS E 31 -23.00 -64.58 -32.91
N GLU E 32 -22.35 -64.46 -34.08
CA GLU E 32 -21.55 -65.53 -34.68
C GLU E 32 -20.13 -65.49 -34.10
N VAL E 33 -19.56 -64.26 -34.03
CA VAL E 33 -18.21 -64.00 -33.52
C VAL E 33 -18.24 -63.00 -32.36
N VAL E 34 -17.79 -63.47 -31.17
CA VAL E 34 -17.71 -62.63 -29.98
C VAL E 34 -16.42 -61.82 -30.07
N MET E 35 -16.55 -60.49 -30.13
CA MET E 35 -15.45 -59.53 -30.22
C MET E 35 -14.72 -59.32 -28.91
N GLY E 36 -15.32 -59.80 -27.84
CA GLY E 36 -14.76 -59.74 -26.50
C GLY E 36 -14.62 -61.12 -25.90
N ASN E 37 -15.14 -61.29 -24.69
CA ASN E 37 -15.07 -62.53 -23.94
C ASN E 37 -16.46 -63.12 -23.71
N LEU E 38 -16.57 -64.45 -23.74
CA LEU E 38 -17.83 -65.15 -23.50
C LEU E 38 -17.85 -65.57 -22.03
N GLU E 39 -18.55 -64.77 -21.21
CA GLU E 39 -18.67 -64.98 -19.76
C GLU E 39 -20.04 -65.50 -19.39
N ILE E 40 -20.14 -66.81 -19.11
CA ILE E 40 -21.37 -67.47 -18.68
C ILE E 40 -21.22 -67.66 -17.17
N THR E 41 -21.83 -66.76 -16.40
CA THR E 41 -21.72 -66.78 -14.94
C THR E 41 -23.03 -66.65 -14.20
N SER E 42 -23.18 -67.49 -13.14
CA SER E 42 -24.31 -67.56 -12.20
C SER E 42 -25.70 -67.68 -12.86
N ILE E 43 -25.92 -68.82 -13.53
CA ILE E 43 -27.17 -69.14 -14.21
C ILE E 43 -27.80 -70.39 -13.56
N GLU E 44 -29.12 -70.32 -13.26
CA GLU E 44 -29.93 -71.37 -12.59
C GLU E 44 -30.09 -72.68 -13.38
N HIS E 45 -30.75 -73.69 -12.76
CA HIS E 45 -30.98 -75.00 -13.37
C HIS E 45 -31.94 -75.01 -14.57
N ASN E 46 -33.23 -74.66 -14.38
CA ASN E 46 -34.21 -74.61 -15.47
C ASN E 46 -34.10 -73.30 -16.24
N ARG E 47 -33.08 -73.21 -17.12
CA ARG E 47 -32.81 -72.03 -17.96
C ARG E 47 -32.44 -72.49 -19.37
N ASP E 48 -32.98 -71.82 -20.41
CA ASP E 48 -32.74 -72.15 -21.82
C ASP E 48 -31.63 -71.33 -22.50
N LEU E 49 -30.47 -71.98 -22.70
CA LEU E 49 -29.30 -71.36 -23.31
C LEU E 49 -29.13 -71.78 -24.78
N SER E 50 -30.26 -72.11 -25.45
CA SER E 50 -30.28 -72.50 -26.87
C SER E 50 -29.64 -71.46 -27.79
N PHE E 51 -29.74 -70.16 -27.43
CA PHE E 51 -29.19 -69.03 -28.19
C PHE E 51 -27.65 -69.06 -28.35
N LEU E 52 -26.96 -69.82 -27.47
CA LEU E 52 -25.50 -69.96 -27.48
C LEU E 52 -24.98 -70.79 -28.66
N ARG E 53 -25.90 -71.39 -29.45
CA ARG E 53 -25.60 -72.18 -30.65
C ARG E 53 -25.21 -71.25 -31.81
N SER E 54 -25.52 -69.95 -31.68
CA SER E 54 -25.19 -68.93 -32.68
C SER E 54 -23.67 -68.66 -32.70
N VAL E 55 -22.99 -68.77 -31.53
CA VAL E 55 -21.55 -68.53 -31.34
C VAL E 55 -20.67 -69.61 -31.97
N ARG E 56 -19.75 -69.17 -32.86
CA ARG E 56 -18.80 -70.00 -33.60
C ARG E 56 -17.31 -69.66 -33.31
N GLU E 57 -17.02 -68.37 -32.97
CA GLU E 57 -15.68 -67.85 -32.71
C GLU E 57 -15.70 -66.88 -31.53
N VAL E 58 -14.74 -67.04 -30.60
CA VAL E 58 -14.54 -66.15 -29.45
C VAL E 58 -13.10 -65.64 -29.53
N THR E 59 -12.94 -64.33 -29.75
CA THR E 59 -11.63 -63.68 -29.90
C THR E 59 -10.85 -63.61 -28.58
N GLY E 60 -11.55 -63.35 -27.49
CA GLY E 60 -10.98 -63.27 -26.16
C GLY E 60 -10.96 -64.62 -25.49
N TYR E 61 -11.62 -64.72 -24.29
CA TYR E 61 -11.71 -65.96 -23.51
C TYR E 61 -13.16 -66.41 -23.24
N VAL E 62 -13.33 -67.69 -22.84
CA VAL E 62 -14.61 -68.29 -22.50
C VAL E 62 -14.58 -68.69 -21.01
N LEU E 63 -15.46 -68.07 -20.22
CA LEU E 63 -15.57 -68.29 -18.79
C LEU E 63 -16.94 -68.87 -18.38
N VAL E 64 -16.95 -70.16 -17.97
CA VAL E 64 -18.15 -70.86 -17.52
C VAL E 64 -17.94 -71.14 -16.02
N ALA E 65 -18.43 -70.24 -15.15
CA ALA E 65 -18.26 -70.38 -13.69
C ALA E 65 -19.53 -70.08 -12.89
N LEU E 66 -19.63 -70.65 -11.67
CA LEU E 66 -20.73 -70.48 -10.68
C LEU E 66 -22.14 -70.82 -11.20
N ASN E 67 -22.24 -71.78 -12.14
CA ASN E 67 -23.50 -72.17 -12.76
C ASN E 67 -24.27 -73.30 -12.07
N GLN E 68 -25.55 -73.48 -12.45
CA GLN E 68 -26.48 -74.49 -11.92
C GLN E 68 -27.21 -75.32 -13.00
N PHE E 69 -27.02 -74.98 -14.31
CA PHE E 69 -27.67 -75.66 -15.44
C PHE E 69 -27.05 -77.01 -15.84
N ARG E 70 -27.87 -77.87 -16.47
CA ARG E 70 -27.50 -79.21 -16.91
C ARG E 70 -26.51 -79.27 -18.09
N TYR E 71 -26.92 -78.74 -19.26
CA TYR E 71 -26.16 -78.79 -20.52
C TYR E 71 -25.71 -77.42 -21.04
N LEU E 72 -24.44 -77.35 -21.58
CA LEU E 72 -23.83 -76.15 -22.19
C LEU E 72 -23.99 -76.17 -23.74
N PRO E 73 -24.92 -75.33 -24.28
CA PRO E 73 -25.21 -75.36 -25.73
C PRO E 73 -24.32 -74.52 -26.64
N LEU E 74 -23.01 -74.77 -26.60
CA LEU E 74 -22.06 -74.04 -27.42
C LEU E 74 -21.50 -74.97 -28.51
N GLU E 75 -22.42 -75.69 -29.20
CA GLU E 75 -22.11 -76.68 -30.22
C GLU E 75 -21.37 -76.14 -31.44
N ASN E 76 -21.73 -74.92 -31.89
CA ASN E 76 -21.12 -74.30 -33.05
C ASN E 76 -19.75 -73.65 -32.82
N LEU E 77 -19.36 -73.41 -31.55
CA LEU E 77 -18.05 -72.81 -31.25
C LEU E 77 -16.91 -73.75 -31.64
N ARG E 78 -15.97 -73.23 -32.46
CA ARG E 78 -14.80 -73.94 -32.99
C ARG E 78 -13.47 -73.29 -32.58
N ILE E 79 -13.45 -71.96 -32.43
CA ILE E 79 -12.23 -71.26 -32.06
C ILE E 79 -12.35 -70.26 -30.91
N ILE E 80 -11.36 -70.35 -30.01
CA ILE E 80 -11.12 -69.44 -28.91
C ILE E 80 -9.71 -68.92 -29.19
N ARG E 81 -9.61 -67.67 -29.70
CA ARG E 81 -8.33 -67.06 -30.08
C ARG E 81 -7.38 -66.78 -28.92
N GLY E 82 -7.95 -66.44 -27.77
CA GLY E 82 -7.20 -66.19 -26.55
C GLY E 82 -6.32 -64.96 -26.61
N THR E 83 -6.81 -63.87 -27.27
CA THR E 83 -6.12 -62.58 -27.39
C THR E 83 -6.06 -61.94 -26.00
N LYS E 84 -7.12 -62.17 -25.21
CA LYS E 84 -7.25 -61.76 -23.83
C LYS E 84 -7.54 -63.03 -23.01
N LEU E 85 -6.94 -63.15 -21.81
CA LEU E 85 -7.12 -64.35 -21.00
C LEU E 85 -7.64 -64.08 -19.61
N TYR E 86 -8.52 -64.98 -19.13
CA TYR E 86 -9.05 -64.92 -17.77
C TYR E 86 -7.88 -65.29 -16.86
N GLU E 87 -7.60 -64.44 -15.85
CA GLU E 87 -6.49 -64.58 -14.88
C GLU E 87 -5.13 -64.50 -15.60
N ASP E 88 -5.15 -63.99 -16.86
CA ASP E 88 -4.01 -63.84 -17.77
C ASP E 88 -3.37 -65.16 -18.21
N ARG E 89 -3.98 -66.30 -17.80
CA ARG E 89 -3.47 -67.65 -18.09
C ARG E 89 -4.40 -68.54 -18.91
N TYR E 90 -5.70 -68.54 -18.62
CA TYR E 90 -6.63 -69.42 -19.32
C TYR E 90 -7.53 -68.76 -20.34
N ALA E 91 -7.81 -69.48 -21.44
CA ALA E 91 -8.71 -69.04 -22.51
C ALA E 91 -10.06 -69.72 -22.32
N LEU E 92 -10.06 -70.87 -21.65
CA LEU E 92 -11.26 -71.62 -21.34
C LEU E 92 -11.18 -71.99 -19.87
N ALA E 93 -12.16 -71.51 -19.09
CA ALA E 93 -12.22 -71.79 -17.67
C ALA E 93 -13.61 -72.25 -17.26
N ILE E 94 -13.72 -73.52 -16.88
CA ILE E 94 -14.96 -74.12 -16.40
C ILE E 94 -14.70 -74.59 -14.97
N PHE E 95 -15.28 -73.89 -13.99
CA PHE E 95 -15.10 -74.17 -12.57
C PHE E 95 -16.28 -73.79 -11.69
N LEU E 96 -16.43 -74.48 -10.54
CA LEU E 96 -17.44 -74.30 -9.49
C LEU E 96 -18.87 -74.18 -10.01
N ASN E 97 -19.25 -75.07 -10.94
CA ASN E 97 -20.56 -75.10 -11.57
C ASN E 97 -21.52 -76.11 -10.92
N TYR E 98 -21.72 -75.96 -9.59
CA TYR E 98 -22.60 -76.77 -8.74
C TYR E 98 -23.15 -75.94 -7.57
N ARG E 99 -24.30 -76.36 -7.00
CA ARG E 99 -24.84 -75.68 -5.82
C ARG E 99 -24.23 -76.40 -4.61
N LYS E 100 -23.39 -75.67 -3.81
CA LYS E 100 -22.72 -76.22 -2.62
C LYS E 100 -23.76 -76.79 -1.68
N ASP E 101 -23.86 -78.14 -1.66
CA ASP E 101 -24.81 -78.97 -0.93
C ASP E 101 -26.25 -78.78 -1.45
N GLY E 102 -26.41 -79.03 -2.75
CA GLY E 102 -27.68 -78.92 -3.45
C GLY E 102 -28.06 -80.21 -4.13
N ASN E 103 -28.32 -80.14 -5.45
CA ASN E 103 -28.68 -81.26 -6.32
C ASN E 103 -28.27 -80.95 -7.75
N PHE E 104 -28.60 -79.73 -8.20
CA PHE E 104 -28.34 -79.21 -9.55
C PHE E 104 -26.86 -78.89 -9.77
N GLY E 105 -26.50 -78.66 -11.03
CA GLY E 105 -25.14 -78.33 -11.44
C GLY E 105 -24.86 -78.76 -12.86
N LEU E 106 -23.63 -78.51 -13.32
CA LEU E 106 -23.23 -78.87 -14.68
C LEU E 106 -22.80 -80.33 -14.75
N GLN E 107 -23.33 -81.05 -15.76
CA GLN E 107 -23.10 -82.47 -15.99
C GLN E 107 -22.37 -82.73 -17.31
N GLU E 108 -22.85 -82.08 -18.40
CA GLU E 108 -22.40 -82.24 -19.78
C GLU E 108 -21.99 -80.93 -20.45
N LEU E 109 -20.87 -80.98 -21.20
CA LEU E 109 -20.30 -79.89 -22.02
C LEU E 109 -20.60 -80.23 -23.49
N GLY E 110 -21.08 -79.26 -24.25
CA GLY E 110 -21.41 -79.44 -25.66
C GLY E 110 -20.50 -78.66 -26.58
N LEU E 111 -19.24 -79.09 -26.67
CA LEU E 111 -18.26 -78.39 -27.51
C LEU E 111 -17.75 -79.34 -28.61
N LYS E 112 -18.70 -79.79 -29.46
CA LYS E 112 -18.51 -80.71 -30.59
C LYS E 112 -17.52 -80.18 -31.64
N ASN E 113 -17.74 -78.93 -32.10
CA ASN E 113 -16.92 -78.28 -33.11
C ASN E 113 -15.60 -77.68 -32.54
N LEU E 114 -15.55 -77.37 -31.22
CA LEU E 114 -14.35 -76.80 -30.58
C LEU E 114 -13.08 -77.63 -30.75
N THR E 115 -12.26 -77.22 -31.71
CA THR E 115 -11.02 -77.89 -32.08
C THR E 115 -9.74 -77.08 -31.92
N GLU E 116 -9.81 -75.73 -31.82
CA GLU E 116 -8.60 -74.92 -31.63
C GLU E 116 -8.69 -73.71 -30.69
N ILE E 117 -7.65 -73.58 -29.82
CA ILE E 117 -7.44 -72.49 -28.88
C ILE E 117 -6.06 -71.90 -29.19
N LEU E 118 -6.06 -70.88 -30.06
CA LEU E 118 -4.89 -70.18 -30.61
C LEU E 118 -3.80 -69.76 -29.65
N ASN E 119 -4.19 -69.32 -28.44
CA ASN E 119 -3.25 -68.89 -27.41
C ASN E 119 -3.89 -69.02 -26.03
N GLY E 120 -3.11 -69.50 -25.06
CA GLY E 120 -3.56 -69.66 -23.69
C GLY E 120 -3.79 -71.10 -23.27
N GLY E 121 -4.16 -71.28 -22.00
CA GLY E 121 -4.41 -72.60 -21.42
C GLY E 121 -5.86 -72.92 -21.16
N VAL E 122 -6.12 -74.07 -20.49
CA VAL E 122 -7.46 -74.56 -20.16
C VAL E 122 -7.53 -74.89 -18.67
N TYR E 123 -8.66 -74.54 -18.03
CA TYR E 123 -8.92 -74.84 -16.61
C TYR E 123 -10.27 -75.54 -16.46
N VAL E 124 -10.24 -76.85 -16.22
CA VAL E 124 -11.45 -77.64 -15.99
C VAL E 124 -11.24 -78.44 -14.69
N ASP E 125 -11.54 -77.80 -13.56
CA ASP E 125 -11.41 -78.34 -12.22
C ASP E 125 -12.55 -77.80 -11.34
N GLN E 126 -12.79 -78.43 -10.17
CA GLN E 126 -13.86 -78.05 -9.21
C GLN E 126 -15.28 -78.23 -9.77
N ASN E 127 -15.48 -79.28 -10.60
CA ASN E 127 -16.77 -79.65 -11.21
C ASN E 127 -17.14 -81.10 -10.83
N LYS E 128 -17.88 -81.25 -9.71
CA LYS E 128 -18.30 -82.53 -9.11
C LYS E 128 -19.21 -83.35 -10.03
N PHE E 129 -20.34 -82.78 -10.48
CA PHE E 129 -21.32 -83.44 -11.33
C PHE E 129 -20.89 -83.67 -12.79
N LEU E 130 -19.95 -82.83 -13.29
CA LEU E 130 -19.44 -82.88 -14.66
C LEU E 130 -18.57 -84.09 -15.00
N CYS E 131 -19.05 -84.90 -15.96
CA CYS E 131 -18.39 -86.09 -16.52
C CYS E 131 -18.03 -85.82 -18.00
N TYR E 132 -17.39 -86.82 -18.68
CA TYR E 132 -16.95 -86.79 -20.09
C TYR E 132 -15.84 -85.78 -20.44
N ALA E 133 -15.65 -84.74 -19.58
CA ALA E 133 -14.64 -83.68 -19.70
C ALA E 133 -13.25 -84.14 -19.23
N ASP E 134 -13.19 -85.33 -18.62
CA ASP E 134 -11.97 -85.96 -18.12
C ASP E 134 -11.33 -86.90 -19.18
N THR E 135 -12.18 -87.47 -20.10
CA THR E 135 -11.77 -88.39 -21.17
C THR E 135 -10.92 -87.66 -22.20
N ILE E 136 -11.32 -86.42 -22.52
CA ILE E 136 -10.74 -85.55 -23.55
C ILE E 136 -9.30 -85.06 -23.38
N HIS E 137 -8.56 -85.06 -24.51
CA HIS E 137 -7.17 -84.63 -24.62
C HIS E 137 -7.06 -83.25 -25.28
N TRP E 138 -6.63 -82.27 -24.48
CA TRP E 138 -6.49 -80.87 -24.83
C TRP E 138 -5.30 -80.53 -25.72
N GLN E 139 -4.28 -81.41 -25.78
CA GLN E 139 -3.06 -81.18 -26.55
C GLN E 139 -3.32 -81.05 -28.06
N ASP E 140 -4.50 -81.52 -28.51
CA ASP E 140 -4.98 -81.43 -29.88
C ASP E 140 -5.59 -80.02 -30.11
N ILE E 141 -6.40 -79.53 -29.14
CA ILE E 141 -7.08 -78.22 -29.18
C ILE E 141 -6.11 -77.07 -28.86
N VAL E 142 -5.26 -77.25 -27.82
CA VAL E 142 -4.24 -76.27 -27.41
C VAL E 142 -3.05 -76.32 -28.38
N ARG E 143 -2.80 -75.18 -29.06
CA ARG E 143 -1.72 -75.01 -30.05
C ARG E 143 -0.41 -74.50 -29.43
N ASN E 144 -0.48 -73.54 -28.49
CA ASN E 144 0.68 -72.96 -27.82
C ASN E 144 0.75 -73.37 -26.35
N CYS E 164 -19.40 -93.65 -22.65
CA CYS E 164 -18.93 -93.16 -23.94
C CYS E 164 -19.20 -94.12 -25.09
N HIS E 165 -19.33 -93.58 -26.31
CA HIS E 165 -19.59 -94.33 -27.55
C HIS E 165 -18.39 -95.17 -27.98
N LYS E 166 -18.67 -96.31 -28.62
CA LYS E 166 -17.65 -97.24 -29.12
C LYS E 166 -16.85 -96.68 -30.30
N SER E 167 -17.49 -95.80 -31.12
CA SER E 167 -16.90 -95.15 -32.29
C SER E 167 -15.68 -94.30 -31.95
N CYS E 168 -15.69 -93.68 -30.76
CA CYS E 168 -14.62 -92.81 -30.28
C CYS E 168 -13.66 -93.48 -29.28
N THR E 169 -14.20 -94.23 -28.29
CA THR E 169 -13.48 -94.97 -27.24
C THR E 169 -12.22 -94.27 -26.68
N GLY E 170 -12.46 -93.37 -25.73
CA GLY E 170 -11.41 -92.59 -25.08
C GLY E 170 -11.51 -91.11 -25.28
N ARG E 171 -12.11 -90.66 -26.42
CA ARG E 171 -12.23 -89.24 -26.76
C ARG E 171 -13.66 -88.79 -27.15
N CYS E 172 -14.49 -88.37 -26.16
CA CYS E 172 -15.85 -87.87 -26.42
C CYS E 172 -16.30 -86.75 -25.49
N TRP E 173 -17.22 -85.89 -25.98
CA TRP E 173 -17.83 -84.78 -25.25
C TRP E 173 -19.17 -85.22 -24.63
N GLY E 174 -19.93 -86.01 -25.39
CA GLY E 174 -21.22 -86.57 -24.97
C GLY E 174 -21.30 -88.07 -25.18
N PRO E 175 -22.41 -88.73 -24.76
CA PRO E 175 -22.49 -90.19 -24.94
C PRO E 175 -22.83 -90.64 -26.38
N THR E 176 -23.41 -89.72 -27.19
CA THR E 176 -23.83 -89.95 -28.59
C THR E 176 -22.66 -90.16 -29.56
N GLU E 177 -22.94 -90.69 -30.77
CA GLU E 177 -21.96 -90.98 -31.81
C GLU E 177 -21.37 -89.68 -32.40
N ASN E 178 -22.23 -88.67 -32.63
CA ASN E 178 -21.84 -87.36 -33.17
C ASN E 178 -21.14 -86.51 -32.13
N HIS E 179 -21.38 -86.77 -30.83
CA HIS E 179 -20.78 -86.04 -29.71
C HIS E 179 -19.46 -86.68 -29.24
N CYS E 180 -18.54 -86.91 -30.19
CA CYS E 180 -17.20 -87.47 -29.94
C CYS E 180 -16.15 -86.48 -30.43
N GLN E 181 -14.98 -86.43 -29.76
CA GLN E 181 -13.87 -85.53 -30.08
C GLN E 181 -13.21 -85.92 -31.40
N THR E 182 -13.26 -85.02 -32.41
CA THR E 182 -12.65 -85.23 -33.72
C THR E 182 -11.21 -84.72 -33.66
N LEU E 183 -10.23 -85.64 -33.76
CA LEU E 183 -8.80 -85.32 -33.69
C LEU E 183 -8.28 -84.76 -35.02
N THR E 184 -7.56 -83.62 -34.93
CA THR E 184 -7.05 -82.86 -36.08
C THR E 184 -5.56 -82.47 -35.94
N ARG E 185 -4.86 -82.93 -34.89
CA ARG E 185 -3.44 -82.59 -34.71
C ARG E 185 -2.54 -83.81 -34.54
N THR E 186 -2.95 -84.78 -33.69
CA THR E 186 -2.21 -86.00 -33.38
C THR E 186 -2.31 -87.11 -34.45
N VAL E 187 -3.21 -86.92 -35.44
CA VAL E 187 -3.44 -87.85 -36.55
C VAL E 187 -3.20 -87.18 -37.92
N CYS E 192 1.41 -83.51 -42.66
CA CYS E 192 0.46 -82.41 -42.87
C CYS E 192 0.91 -81.13 -42.20
N ASP E 193 0.39 -80.00 -42.71
CA ASP E 193 0.64 -78.69 -42.13
C ASP E 193 -0.44 -78.48 -41.06
N GLY E 194 -0.08 -78.82 -39.82
CA GLY E 194 -0.94 -78.71 -38.64
C GLY E 194 -2.21 -79.53 -38.69
N ARG E 195 -3.28 -78.91 -39.24
CA ARG E 195 -4.62 -79.52 -39.38
C ARG E 195 -4.68 -80.54 -40.51
N CYS E 196 -5.56 -81.55 -40.37
CA CYS E 196 -5.78 -82.63 -41.35
C CYS E 196 -7.18 -83.24 -41.26
N TYR E 197 -7.87 -83.36 -42.41
CA TYR E 197 -9.23 -83.95 -42.48
C TYR E 197 -9.26 -85.49 -42.44
N GLY E 198 -8.09 -86.11 -42.59
CA GLY E 198 -7.88 -87.55 -42.56
C GLY E 198 -6.47 -87.94 -42.15
N PRO E 199 -6.15 -89.26 -42.07
CA PRO E 199 -4.80 -89.65 -41.68
C PRO E 199 -3.77 -89.69 -42.81
N TYR E 200 -4.23 -89.77 -44.07
CA TYR E 200 -3.39 -89.87 -45.27
C TYR E 200 -2.65 -88.56 -45.63
N VAL E 201 -1.59 -88.69 -46.48
CA VAL E 201 -0.73 -87.58 -46.93
C VAL E 201 -1.46 -86.61 -47.87
N SER E 202 -2.41 -87.12 -48.69
CA SER E 202 -3.20 -86.30 -49.60
C SER E 202 -4.28 -85.52 -48.84
N ASP E 203 -4.64 -86.01 -47.63
CA ASP E 203 -5.65 -85.48 -46.71
C ASP E 203 -5.16 -84.29 -45.81
N CYS E 204 -4.40 -83.34 -46.41
CA CYS E 204 -3.85 -82.17 -45.68
C CYS E 204 -4.64 -80.90 -45.85
N CYS E 205 -4.69 -80.09 -44.77
CA CYS E 205 -5.33 -78.78 -44.77
C CYS E 205 -4.33 -77.73 -45.28
N HIS E 206 -4.81 -76.48 -45.49
CA HIS E 206 -4.00 -75.34 -45.93
C HIS E 206 -3.12 -74.85 -44.76
N ARG E 207 -1.92 -74.30 -45.07
CA ARG E 207 -0.93 -73.81 -44.08
C ARG E 207 -1.51 -72.81 -43.07
N GLU E 208 -2.30 -71.82 -43.53
CA GLU E 208 -2.92 -70.81 -42.64
C GLU E 208 -4.39 -71.14 -42.38
N CYS E 209 -4.63 -72.23 -41.62
CA CYS E 209 -5.96 -72.74 -41.24
C CYS E 209 -6.04 -73.28 -39.82
N ALA E 210 -7.23 -73.15 -39.21
CA ALA E 210 -7.53 -73.61 -37.84
C ALA E 210 -8.90 -74.28 -37.76
N GLY E 211 -9.05 -75.21 -36.81
CA GLY E 211 -10.27 -75.97 -36.58
C GLY E 211 -10.43 -77.21 -37.44
N GLY E 212 -9.79 -77.18 -38.61
CA GLY E 212 -9.80 -78.22 -39.61
C GLY E 212 -10.14 -77.67 -40.99
N CYS E 213 -10.55 -78.56 -41.91
CA CYS E 213 -10.95 -78.18 -43.25
C CYS E 213 -11.80 -79.27 -43.92
N SER E 214 -12.53 -78.90 -45.00
CA SER E 214 -13.37 -79.81 -45.79
C SER E 214 -12.72 -80.11 -47.17
N GLY E 215 -11.53 -79.54 -47.41
CA GLY E 215 -10.78 -79.70 -48.64
C GLY E 215 -9.35 -79.16 -48.56
N PRO E 216 -8.55 -79.33 -49.62
CA PRO E 216 -7.14 -78.87 -49.56
C PRO E 216 -6.90 -77.37 -49.76
N LYS E 217 -7.91 -76.65 -50.29
CA LYS E 217 -7.84 -75.20 -50.57
C LYS E 217 -7.91 -74.34 -49.28
N ASP E 218 -7.52 -73.05 -49.42
CA ASP E 218 -7.59 -72.08 -48.32
C ASP E 218 -9.04 -71.63 -48.10
N THR E 219 -9.90 -71.79 -49.14
CA THR E 219 -11.32 -71.45 -49.13
C THR E 219 -12.15 -72.46 -48.32
N ASP E 220 -11.72 -73.74 -48.36
CA ASP E 220 -12.38 -74.89 -47.71
C ASP E 220 -12.18 -75.00 -46.16
N CYS E 221 -11.72 -73.93 -45.50
CA CYS E 221 -11.47 -73.91 -44.05
C CYS E 221 -12.57 -73.34 -43.22
N PHE E 222 -12.73 -73.86 -42.00
CA PHE E 222 -13.73 -73.42 -41.03
C PHE E 222 -13.29 -72.11 -40.38
N ALA E 223 -12.04 -72.07 -39.89
CA ALA E 223 -11.47 -70.90 -39.22
C ALA E 223 -10.10 -70.58 -39.76
N CYS E 224 -9.83 -69.27 -39.91
CA CYS E 224 -8.55 -68.77 -40.41
C CYS E 224 -7.66 -68.36 -39.27
N MET E 225 -6.40 -68.78 -39.33
CA MET E 225 -5.33 -68.52 -38.37
C MET E 225 -5.08 -67.03 -38.14
N ASN E 226 -5.26 -66.23 -39.21
CA ASN E 226 -4.99 -64.81 -39.23
C ASN E 226 -6.18 -63.99 -39.70
N PHE E 227 -6.52 -64.03 -41.00
CA PHE E 227 -7.62 -63.22 -41.55
C PHE E 227 -8.49 -63.97 -42.54
N ASN E 228 -9.76 -63.56 -42.64
CA ASN E 228 -10.70 -64.14 -43.59
C ASN E 228 -11.04 -63.09 -44.64
N ASP E 229 -10.49 -63.26 -45.86
CA ASP E 229 -10.72 -62.36 -46.99
C ASP E 229 -11.64 -63.01 -48.02
N SER E 230 -12.94 -62.61 -48.02
CA SER E 230 -13.99 -63.09 -48.92
C SER E 230 -13.98 -64.63 -49.09
N GLY E 231 -13.93 -65.34 -47.97
CA GLY E 231 -13.92 -66.79 -47.92
C GLY E 231 -12.56 -67.45 -47.79
N ALA E 232 -11.53 -66.83 -48.41
CA ALA E 232 -10.16 -67.38 -48.41
C ALA E 232 -9.33 -66.88 -47.21
N CYS E 233 -8.60 -67.81 -46.59
CA CYS E 233 -7.76 -67.54 -45.41
C CYS E 233 -6.36 -67.04 -45.80
N VAL E 234 -6.14 -65.72 -45.61
CA VAL E 234 -4.87 -65.05 -45.94
C VAL E 234 -3.99 -64.73 -44.72
N THR E 235 -2.73 -64.29 -45.00
CA THR E 235 -1.73 -63.88 -44.00
C THR E 235 -1.88 -62.38 -43.71
N GLN E 236 -2.32 -61.60 -44.72
CA GLN E 236 -2.57 -60.16 -44.68
C GLN E 236 -3.46 -59.72 -45.82
N CYS E 237 -4.34 -58.75 -45.55
CA CYS E 237 -5.30 -58.21 -46.51
C CYS E 237 -4.59 -57.43 -47.63
N PRO E 238 -5.17 -57.27 -48.85
CA PRO E 238 -4.50 -56.47 -49.89
C PRO E 238 -4.12 -55.10 -49.35
N GLN E 239 -2.82 -54.77 -49.45
CA GLN E 239 -2.24 -53.54 -48.95
C GLN E 239 -2.86 -52.25 -49.50
N THR E 240 -2.79 -51.16 -48.69
CA THR E 240 -3.31 -49.83 -49.02
C THR E 240 -2.67 -49.21 -50.27
N PHE E 241 -1.44 -49.62 -50.59
CA PHE E 241 -0.69 -49.14 -51.75
C PHE E 241 -0.27 -50.22 -52.71
N VAL E 242 -0.40 -49.95 -53.99
CA VAL E 242 0.01 -50.90 -55.03
C VAL E 242 1.13 -50.30 -55.85
N TYR E 243 1.99 -51.14 -56.40
CA TYR E 243 3.07 -50.66 -57.24
C TYR E 243 2.59 -50.73 -58.68
N ASN E 244 2.72 -49.60 -59.40
CA ASN E 244 2.33 -49.50 -60.81
C ASN E 244 3.59 -49.66 -61.66
N PRO E 245 3.76 -50.83 -62.32
CA PRO E 245 4.94 -51.07 -63.16
C PRO E 245 5.24 -50.03 -64.23
N THR E 246 4.21 -49.36 -64.76
CA THR E 246 4.34 -48.33 -65.80
C THR E 246 4.83 -46.99 -65.24
N THR E 247 4.47 -46.65 -63.99
CA THR E 247 4.91 -45.39 -63.37
C THR E 247 6.20 -45.50 -62.56
N PHE E 248 6.60 -46.74 -62.19
CA PHE E 248 7.78 -47.09 -61.38
C PHE E 248 7.72 -46.51 -59.97
N GLN E 249 6.48 -46.35 -59.45
CA GLN E 249 6.20 -45.82 -58.11
C GLN E 249 4.87 -46.30 -57.54
N LEU E 250 4.71 -46.17 -56.20
CA LEU E 250 3.52 -46.60 -55.45
C LEU E 250 2.33 -45.68 -55.64
N GLU E 251 1.16 -46.28 -55.93
CA GLU E 251 -0.12 -45.59 -56.15
C GLU E 251 -1.10 -46.04 -55.06
N HIS E 252 -2.28 -45.40 -54.98
CA HIS E 252 -3.28 -45.79 -54.00
C HIS E 252 -4.11 -46.97 -54.51
N ASN E 253 -4.21 -48.03 -53.69
CA ASN E 253 -5.00 -49.21 -54.03
C ASN E 253 -6.45 -48.95 -53.67
N PHE E 254 -7.36 -49.07 -54.66
CA PHE E 254 -8.79 -48.84 -54.39
C PHE E 254 -9.60 -50.11 -54.06
N ASN E 255 -8.93 -51.27 -54.10
CA ASN E 255 -9.45 -52.60 -53.75
C ASN E 255 -8.77 -53.00 -52.42
N ALA E 256 -8.34 -51.98 -51.63
CA ALA E 256 -7.65 -52.12 -50.37
C ALA E 256 -8.61 -52.46 -49.22
N LYS E 257 -8.21 -53.45 -48.41
CA LYS E 257 -8.98 -53.93 -47.28
C LYS E 257 -8.25 -53.74 -45.95
N TYR E 258 -8.99 -53.31 -44.90
CA TYR E 258 -8.48 -53.03 -43.57
C TYR E 258 -8.76 -54.16 -42.57
N THR E 259 -7.93 -54.28 -41.54
CA THR E 259 -8.06 -55.34 -40.53
C THR E 259 -8.95 -54.93 -39.35
N TYR E 260 -9.98 -55.72 -39.11
CA TYR E 260 -10.90 -55.58 -37.97
C TYR E 260 -10.95 -56.95 -37.27
N GLY E 261 -10.14 -57.08 -36.23
CA GLY E 261 -9.99 -58.32 -35.48
C GLY E 261 -9.26 -59.39 -36.28
N ALA E 262 -10.03 -60.26 -36.94
CA ALA E 262 -9.48 -61.34 -37.77
C ALA E 262 -10.27 -61.46 -39.06
N PHE E 263 -11.01 -60.39 -39.40
CA PHE E 263 -11.80 -60.33 -40.62
C PHE E 263 -11.40 -59.08 -41.38
N CYS E 264 -11.24 -59.19 -42.69
CA CYS E 264 -10.89 -58.03 -43.50
C CYS E 264 -12.16 -57.22 -43.80
N VAL E 265 -12.03 -55.88 -43.87
CA VAL E 265 -13.18 -55.01 -44.16
C VAL E 265 -12.92 -54.06 -45.32
N LYS E 266 -13.91 -53.93 -46.22
CA LYS E 266 -13.86 -53.01 -47.36
C LYS E 266 -14.07 -51.59 -46.80
N LYS E 267 -14.94 -51.48 -45.77
CA LYS E 267 -15.31 -50.27 -45.03
C LYS E 267 -15.24 -50.56 -43.53
N CYS E 268 -14.61 -49.64 -42.75
CA CYS E 268 -14.44 -49.72 -41.29
C CYS E 268 -15.82 -49.61 -40.57
N PRO E 269 -16.08 -50.33 -39.43
CA PRO E 269 -17.39 -50.23 -38.78
C PRO E 269 -17.88 -48.83 -38.38
N HIS E 270 -19.16 -48.75 -37.98
CA HIS E 270 -19.86 -47.53 -37.58
C HIS E 270 -19.13 -46.68 -36.56
N ASN E 271 -18.63 -47.30 -35.47
CA ASN E 271 -17.92 -46.61 -34.40
C ASN E 271 -16.40 -46.96 -34.35
N PHE E 272 -15.76 -46.87 -35.53
CA PHE E 272 -14.34 -47.18 -35.75
C PHE E 272 -13.75 -46.34 -36.89
N VAL E 273 -12.43 -46.08 -36.81
CA VAL E 273 -11.66 -45.31 -37.80
C VAL E 273 -10.44 -46.08 -38.28
N VAL E 274 -10.01 -45.84 -39.53
CA VAL E 274 -8.87 -46.50 -40.17
C VAL E 274 -7.52 -45.85 -39.76
N ASP E 275 -6.60 -46.63 -39.20
CA ASP E 275 -5.25 -46.18 -38.85
C ASP E 275 -4.22 -47.03 -39.60
N SER E 276 -3.68 -46.49 -40.72
CA SER E 276 -2.71 -47.15 -41.61
C SER E 276 -3.34 -48.34 -42.32
N SER E 277 -3.63 -49.42 -41.58
CA SER E 277 -4.25 -50.63 -42.07
C SER E 277 -5.24 -51.23 -41.05
N SER E 278 -5.11 -50.86 -39.76
CA SER E 278 -5.96 -51.34 -38.66
C SER E 278 -7.21 -50.49 -38.46
N CYS E 279 -8.30 -51.11 -38.01
CA CYS E 279 -9.58 -50.45 -37.77
C CYS E 279 -9.71 -50.12 -36.27
N VAL E 280 -9.17 -48.93 -35.86
CA VAL E 280 -9.11 -48.44 -34.47
C VAL E 280 -10.39 -47.73 -33.99
N ARG E 281 -10.59 -47.68 -32.64
CA ARG E 281 -11.72 -47.00 -32.00
C ARG E 281 -11.61 -45.49 -32.17
N ALA E 282 -10.39 -44.94 -32.03
CA ALA E 282 -10.04 -43.53 -32.18
C ALA E 282 -8.54 -43.38 -32.48
N CYS E 283 -8.18 -42.34 -33.26
CA CYS E 283 -6.81 -42.00 -33.69
C CYS E 283 -5.90 -41.58 -32.52
N PRO E 284 -4.55 -41.69 -32.63
CA PRO E 284 -3.69 -41.23 -31.53
C PRO E 284 -3.53 -39.71 -31.48
N SER E 285 -2.70 -39.21 -30.57
CA SER E 285 -2.41 -37.78 -30.39
C SER E 285 -1.58 -37.19 -31.55
N SER E 286 -0.97 -38.05 -32.38
CA SER E 286 -0.12 -37.63 -33.51
C SER E 286 -0.84 -37.52 -34.87
N LYS E 287 -1.95 -38.25 -35.06
CA LYS E 287 -2.74 -38.25 -36.30
C LYS E 287 -4.13 -37.66 -36.09
N MET E 288 -4.65 -36.96 -37.12
CA MET E 288 -5.98 -36.34 -37.09
C MET E 288 -7.01 -37.11 -37.90
N GLU E 289 -8.24 -37.24 -37.34
CA GLU E 289 -9.37 -37.94 -37.96
C GLU E 289 -9.97 -37.12 -39.11
N VAL E 290 -9.67 -37.53 -40.37
CA VAL E 290 -10.13 -36.87 -41.59
C VAL E 290 -11.24 -37.65 -42.35
N GLU E 291 -11.33 -37.43 -43.67
CA GLU E 291 -12.30 -38.06 -44.58
C GLU E 291 -11.66 -38.13 -45.98
N GLU E 292 -11.50 -39.36 -46.51
CA GLU E 292 -10.87 -39.61 -47.81
C GLU E 292 -11.37 -40.92 -48.42
N ASN E 293 -11.85 -40.85 -49.68
CA ASN E 293 -12.36 -41.97 -50.50
C ASN E 293 -13.62 -42.69 -49.90
N GLY E 294 -14.48 -41.91 -49.24
CA GLY E 294 -15.72 -42.38 -48.64
C GLY E 294 -15.59 -43.03 -47.26
N ILE E 295 -14.35 -43.23 -46.78
CA ILE E 295 -14.03 -43.85 -45.49
C ILE E 295 -13.21 -42.91 -44.58
N LYS E 296 -13.64 -42.75 -43.31
CA LYS E 296 -12.99 -41.95 -42.27
C LYS E 296 -11.70 -42.63 -41.81
N MET E 297 -10.58 -41.89 -41.86
CA MET E 297 -9.22 -42.39 -41.56
C MET E 297 -8.29 -41.40 -40.87
N CYS E 298 -7.22 -41.90 -40.23
CA CYS E 298 -6.22 -41.09 -39.56
C CYS E 298 -5.17 -40.67 -40.59
N LYS E 299 -4.64 -39.45 -40.45
CA LYS E 299 -3.60 -38.90 -41.33
C LYS E 299 -2.72 -37.92 -40.50
N PRO E 300 -1.37 -37.95 -40.62
CA PRO E 300 -0.55 -37.01 -39.82
C PRO E 300 -0.60 -35.56 -40.30
N ILE E 304 1.13 -30.28 -34.20
CA ILE E 304 0.75 -29.79 -35.53
C ILE E 304 -0.76 -29.99 -35.76
N CYS E 305 -1.33 -31.07 -35.22
CA CYS E 305 -2.74 -31.41 -35.40
C CYS E 305 -3.75 -30.41 -34.83
N PRO E 306 -4.72 -29.96 -35.67
CA PRO E 306 -5.68 -28.93 -35.24
C PRO E 306 -6.57 -29.24 -34.04
N LYS E 307 -6.65 -28.26 -33.12
CA LYS E 307 -7.46 -28.31 -31.92
C LYS E 307 -8.17 -26.96 -31.75
N ALA E 308 -9.51 -26.97 -31.75
CA ALA E 308 -10.34 -25.77 -31.61
C ALA E 308 -10.73 -25.58 -30.14
N CYS E 309 -10.29 -24.45 -29.54
CA CYS E 309 -10.51 -24.13 -28.13
C CYS E 309 -11.29 -22.83 -27.97
N ASP E 310 -11.88 -22.63 -26.78
CA ASP E 310 -12.63 -21.42 -26.47
C ASP E 310 -11.71 -20.38 -25.83
N GLY E 311 -11.84 -19.15 -26.29
CA GLY E 311 -11.09 -18.02 -25.79
C GLY E 311 -11.78 -17.30 -24.65
N ILE E 312 -11.29 -16.10 -24.29
CA ILE E 312 -11.90 -15.33 -23.21
C ILE E 312 -13.25 -14.81 -23.70
N GLY E 313 -14.28 -15.07 -22.88
CA GLY E 313 -15.66 -14.69 -23.15
C GLY E 313 -16.32 -15.54 -24.21
N THR E 314 -16.06 -16.86 -24.19
CA THR E 314 -16.61 -17.80 -25.18
C THR E 314 -16.94 -19.14 -24.51
N GLY E 315 -18.23 -19.51 -24.58
CA GLY E 315 -18.77 -20.74 -24.03
C GLY E 315 -18.33 -21.11 -22.62
N SER E 316 -17.30 -21.99 -22.54
CA SER E 316 -16.72 -22.50 -21.28
C SER E 316 -16.02 -21.41 -20.46
N LEU E 317 -15.56 -20.34 -21.13
CA LEU E 317 -14.87 -19.21 -20.49
C LEU E 317 -15.62 -17.87 -20.65
N MET E 318 -16.97 -17.93 -20.70
CA MET E 318 -17.86 -16.76 -20.83
C MET E 318 -17.66 -15.76 -19.67
N SER E 319 -17.57 -16.30 -18.43
CA SER E 319 -17.40 -15.59 -17.16
C SER E 319 -16.05 -14.87 -17.05
N ALA E 320 -14.99 -15.50 -17.62
CA ALA E 320 -13.61 -15.03 -17.63
C ALA E 320 -13.48 -13.65 -18.27
N GLN E 321 -12.65 -12.81 -17.65
CA GLN E 321 -12.38 -11.44 -18.09
C GLN E 321 -10.96 -11.32 -18.62
N THR E 322 -10.05 -12.16 -18.09
CA THR E 322 -8.63 -12.20 -18.44
C THR E 322 -8.06 -13.61 -18.33
N VAL E 323 -6.90 -13.83 -18.97
CA VAL E 323 -6.17 -15.10 -18.87
C VAL E 323 -5.52 -15.05 -17.47
N ASP E 324 -5.68 -16.09 -16.66
CA ASP E 324 -5.12 -16.14 -15.31
C ASP E 324 -4.43 -17.48 -15.03
N SER E 325 -3.97 -17.71 -13.78
CA SER E 325 -3.30 -18.95 -13.38
C SER E 325 -4.17 -20.20 -13.50
N SER E 326 -5.51 -20.06 -13.37
CA SER E 326 -6.41 -21.20 -13.47
C SER E 326 -6.68 -21.62 -14.93
N ASN E 327 -7.34 -20.74 -15.71
CA ASN E 327 -7.72 -20.98 -17.10
C ASN E 327 -6.59 -21.22 -18.11
N ILE E 328 -5.34 -20.85 -17.77
CA ILE E 328 -4.16 -21.01 -18.65
C ILE E 328 -4.01 -22.41 -19.24
N ASP E 329 -4.26 -23.45 -18.42
CA ASP E 329 -4.13 -24.84 -18.84
C ASP E 329 -5.20 -25.31 -19.83
N LYS E 330 -6.30 -24.54 -19.99
CA LYS E 330 -7.37 -24.85 -20.94
C LYS E 330 -6.95 -24.53 -22.39
N PHE E 331 -5.75 -23.93 -22.56
CA PHE E 331 -5.15 -23.54 -23.84
C PHE E 331 -4.08 -24.52 -24.34
N ILE E 332 -3.89 -25.66 -23.65
CA ILE E 332 -2.89 -26.65 -24.01
C ILE E 332 -3.12 -27.31 -25.38
N ASN E 333 -2.16 -27.10 -26.30
CA ASN E 333 -2.09 -27.63 -27.67
C ASN E 333 -3.20 -27.16 -28.63
N CYS E 334 -3.63 -25.88 -28.48
CA CYS E 334 -4.65 -25.26 -29.34
C CYS E 334 -4.01 -24.61 -30.56
N THR E 335 -4.73 -24.63 -31.70
CA THR E 335 -4.30 -24.06 -32.98
C THR E 335 -5.11 -22.81 -33.27
N LYS E 336 -6.43 -22.92 -33.09
CA LYS E 336 -7.43 -21.89 -33.31
C LYS E 336 -8.08 -21.53 -31.97
N ILE E 337 -8.44 -20.25 -31.81
CA ILE E 337 -9.13 -19.76 -30.62
C ILE E 337 -10.46 -19.19 -31.08
N ASN E 338 -11.56 -19.79 -30.61
CA ASN E 338 -12.93 -19.43 -30.96
C ASN E 338 -13.47 -18.18 -30.23
N GLY E 339 -12.61 -17.55 -29.44
CA GLY E 339 -12.90 -16.31 -28.72
C GLY E 339 -11.85 -15.26 -29.00
N ASN E 340 -11.40 -14.58 -27.93
CA ASN E 340 -10.37 -13.54 -27.96
C ASN E 340 -9.29 -13.92 -26.96
N LEU E 341 -8.24 -13.10 -26.85
CA LEU E 341 -7.17 -13.29 -25.87
C LEU E 341 -6.92 -11.99 -25.19
N ILE E 342 -7.18 -11.94 -23.89
CA ILE E 342 -7.06 -10.73 -23.10
C ILE E 342 -6.11 -10.94 -21.92
N PHE E 343 -5.03 -10.13 -21.89
CA PHE E 343 -4.02 -10.18 -20.84
C PHE E 343 -4.15 -8.91 -20.00
N LEU E 344 -4.82 -9.03 -18.84
CA LEU E 344 -5.05 -7.92 -17.92
C LEU E 344 -4.14 -7.99 -16.70
N VAL E 345 -3.96 -6.86 -16.01
CA VAL E 345 -3.13 -6.71 -14.82
C VAL E 345 -3.60 -7.68 -13.72
N THR E 346 -4.93 -7.93 -13.69
CA THR E 346 -5.62 -8.86 -12.78
C THR E 346 -5.23 -10.31 -13.09
N GLY E 347 -4.82 -10.58 -14.33
CA GLY E 347 -4.42 -11.90 -14.79
C GLY E 347 -2.93 -12.15 -14.69
N ILE E 348 -2.11 -11.17 -15.18
CA ILE E 348 -0.63 -11.20 -15.16
C ILE E 348 -0.08 -11.18 -13.74
N HIS E 349 -0.56 -10.25 -12.90
CA HIS E 349 -0.07 -10.13 -11.53
C HIS E 349 -0.93 -10.89 -10.51
N GLY E 350 -2.04 -11.44 -10.98
CA GLY E 350 -2.96 -12.24 -10.17
C GLY E 350 -3.88 -11.42 -9.30
N ASP E 351 -5.07 -11.98 -8.98
CA ASP E 351 -6.04 -11.33 -8.11
C ASP E 351 -6.06 -12.02 -6.74
N PRO E 352 -5.38 -11.45 -5.72
CA PRO E 352 -5.39 -12.10 -4.39
C PRO E 352 -6.73 -11.94 -3.66
N TYR E 353 -7.54 -10.95 -4.09
CA TYR E 353 -8.87 -10.65 -3.57
C TYR E 353 -9.86 -11.74 -4.00
N ASN E 354 -9.57 -12.42 -5.11
CA ASN E 354 -10.37 -13.53 -5.63
C ASN E 354 -9.60 -14.86 -5.60
N ALA E 355 -8.61 -14.96 -4.69
CA ALA E 355 -7.78 -16.16 -4.46
C ALA E 355 -7.18 -16.79 -5.74
N ILE E 356 -6.60 -15.95 -6.60
CA ILE E 356 -5.94 -16.35 -7.85
C ILE E 356 -4.44 -16.00 -7.73
N GLU E 357 -3.57 -16.98 -8.01
CA GLU E 357 -2.12 -16.82 -7.91
C GLU E 357 -1.53 -16.09 -9.13
N ALA E 358 -0.34 -15.49 -8.95
CA ALA E 358 0.40 -14.76 -9.99
C ALA E 358 0.84 -15.73 -11.07
N ILE E 359 0.57 -15.40 -12.35
CA ILE E 359 0.91 -16.25 -13.49
C ILE E 359 2.42 -16.53 -13.61
N ASP E 360 2.78 -17.77 -13.99
CA ASP E 360 4.18 -18.14 -14.21
C ASP E 360 4.49 -17.76 -15.66
N PRO E 361 5.40 -16.78 -15.90
CA PRO E 361 5.69 -16.36 -17.29
C PRO E 361 6.14 -17.48 -18.22
N GLU E 362 6.73 -18.54 -17.65
CA GLU E 362 7.22 -19.71 -18.36
C GLU E 362 6.05 -20.56 -18.86
N LYS E 363 4.88 -20.47 -18.20
CA LYS E 363 3.66 -21.21 -18.56
C LYS E 363 2.99 -20.61 -19.82
N LEU E 364 3.29 -19.33 -20.13
CA LEU E 364 2.76 -18.58 -21.27
C LEU E 364 3.09 -19.17 -22.63
N ASN E 365 4.16 -19.99 -22.73
CA ASN E 365 4.60 -20.62 -23.99
C ASN E 365 3.53 -21.50 -24.60
N VAL E 366 2.44 -21.74 -23.85
CA VAL E 366 1.24 -22.49 -24.22
C VAL E 366 0.66 -22.00 -25.58
N PHE E 367 0.84 -20.70 -25.88
CA PHE E 367 0.38 -20.01 -27.08
C PHE E 367 1.30 -20.16 -28.31
N ARG E 368 2.44 -20.86 -28.13
CA ARG E 368 3.37 -21.08 -29.23
C ARG E 368 2.76 -21.98 -30.30
N THR E 369 1.71 -22.75 -29.92
CA THR E 369 0.94 -23.66 -30.78
C THR E 369 -0.15 -22.90 -31.58
N VAL E 370 -0.68 -21.79 -31.01
CA VAL E 370 -1.75 -20.95 -31.56
C VAL E 370 -1.36 -20.30 -32.87
N ARG E 371 -2.23 -20.47 -33.89
CA ARG E 371 -2.06 -19.97 -35.25
C ARG E 371 -3.15 -18.97 -35.65
N GLU E 372 -4.33 -19.05 -35.02
CA GLU E 372 -5.49 -18.19 -35.32
C GLU E 372 -6.26 -17.76 -34.05
N ILE E 373 -6.75 -16.50 -34.04
CA ILE E 373 -7.58 -15.92 -32.99
C ILE E 373 -8.73 -15.22 -33.74
N THR E 374 -9.93 -15.83 -33.73
CA THR E 374 -11.11 -15.32 -34.44
C THR E 374 -11.58 -13.92 -34.03
N GLY E 375 -11.54 -13.64 -32.72
CA GLY E 375 -11.93 -12.35 -32.16
C GLY E 375 -10.81 -11.34 -32.20
N PHE E 376 -10.31 -10.91 -31.02
CA PHE E 376 -9.22 -9.92 -30.89
C PHE E 376 -8.12 -10.32 -29.90
N LEU E 377 -6.99 -9.59 -29.95
CA LEU E 377 -5.86 -9.76 -29.06
C LEU E 377 -5.63 -8.42 -28.37
N ASN E 378 -5.99 -8.35 -27.08
CA ASN E 378 -5.87 -7.16 -26.23
C ASN E 378 -4.82 -7.40 -25.14
N ILE E 379 -3.63 -6.83 -25.30
CA ILE E 379 -2.55 -6.97 -24.33
C ILE E 379 -2.38 -5.68 -23.51
N GLN E 380 -3.06 -5.60 -22.36
CA GLN E 380 -3.01 -4.45 -21.46
C GLN E 380 -1.89 -4.60 -20.40
N SER E 381 -1.48 -5.85 -20.11
CA SER E 381 -0.39 -6.17 -19.19
C SER E 381 0.40 -7.40 -19.67
N TRP E 382 1.69 -7.42 -19.39
CA TRP E 382 2.59 -8.47 -19.82
C TRP E 382 3.73 -8.64 -18.79
N PRO E 383 4.24 -9.88 -18.56
CA PRO E 383 5.31 -10.08 -17.56
C PRO E 383 6.57 -9.25 -17.79
N PRO E 384 7.15 -8.68 -16.70
CA PRO E 384 8.33 -7.79 -16.86
C PRO E 384 9.65 -8.36 -17.37
N ASN E 385 9.94 -9.67 -17.16
CA ASN E 385 11.19 -10.24 -17.69
C ASN E 385 11.07 -10.49 -19.22
N MET E 386 9.81 -10.43 -19.75
CA MET E 386 9.44 -10.60 -21.17
C MET E 386 9.44 -9.31 -21.98
N THR E 387 10.26 -9.29 -23.05
CA THR E 387 10.52 -8.15 -23.94
C THR E 387 9.83 -8.22 -25.30
N ASP E 388 9.07 -9.29 -25.56
CA ASP E 388 8.42 -9.50 -26.85
C ASP E 388 7.19 -10.36 -26.76
N PHE E 389 6.49 -10.49 -27.89
CA PHE E 389 5.34 -11.36 -28.02
C PHE E 389 5.78 -12.52 -28.92
N SER E 390 6.99 -13.06 -28.65
CA SER E 390 7.55 -14.19 -29.39
C SER E 390 6.77 -15.48 -29.12
N VAL E 391 5.90 -15.50 -28.08
CA VAL E 391 5.01 -16.62 -27.77
C VAL E 391 3.97 -16.80 -28.87
N PHE E 392 3.65 -15.71 -29.60
CA PHE E 392 2.70 -15.69 -30.72
C PHE E 392 3.45 -15.86 -32.04
N SER E 393 4.64 -16.46 -31.97
CA SER E 393 5.47 -16.71 -33.14
C SER E 393 4.78 -17.51 -34.22
N ASN E 394 3.83 -18.39 -33.85
CA ASN E 394 3.07 -19.18 -34.83
C ASN E 394 1.75 -18.51 -35.23
N LEU E 395 1.37 -17.43 -34.50
CA LEU E 395 0.15 -16.67 -34.79
C LEU E 395 0.23 -16.06 -36.19
N VAL E 396 -0.72 -16.47 -37.05
CA VAL E 396 -0.81 -16.11 -38.46
C VAL E 396 -1.93 -15.14 -38.79
N THR E 397 -3.14 -15.41 -38.27
CA THR E 397 -4.32 -14.58 -38.55
C THR E 397 -5.08 -14.12 -37.31
N ILE E 398 -5.32 -12.81 -37.21
CA ILE E 398 -6.14 -12.24 -36.15
C ILE E 398 -7.45 -11.92 -36.88
N GLY E 399 -8.45 -12.78 -36.63
CA GLY E 399 -9.77 -12.70 -37.24
C GLY E 399 -10.40 -11.32 -37.21
N GLY E 400 -10.83 -10.89 -36.02
CA GLY E 400 -11.48 -9.60 -35.86
C GLY E 400 -12.98 -9.71 -35.95
N ARG E 401 -13.52 -10.91 -35.65
CA ARG E 401 -14.94 -11.24 -35.62
C ARG E 401 -15.61 -10.37 -34.53
N VAL E 402 -14.92 -10.23 -33.38
CA VAL E 402 -15.29 -9.42 -32.21
C VAL E 402 -14.20 -8.32 -32.11
N LEU E 403 -14.59 -7.07 -31.74
CA LEU E 403 -13.62 -5.97 -31.61
C LEU E 403 -13.81 -5.15 -30.33
N TYR E 404 -12.71 -4.97 -29.55
CA TYR E 404 -12.73 -4.15 -28.33
C TYR E 404 -12.55 -2.71 -28.72
N SER E 405 -13.65 -1.93 -28.71
CA SER E 405 -13.71 -0.51 -29.09
C SER E 405 -13.33 -0.31 -30.58
N GLY E 406 -13.72 -1.29 -31.39
CA GLY E 406 -13.44 -1.31 -32.84
C GLY E 406 -12.03 -1.72 -33.20
N LEU E 407 -11.30 -2.32 -32.23
CA LEU E 407 -9.92 -2.77 -32.40
C LEU E 407 -9.78 -4.28 -32.38
N SER E 408 -8.94 -4.80 -33.26
CA SER E 408 -8.62 -6.23 -33.29
C SER E 408 -7.30 -6.47 -32.56
N LEU E 409 -6.45 -5.42 -32.47
CA LEU E 409 -5.15 -5.49 -31.80
C LEU E 409 -4.89 -4.30 -30.88
N LEU E 410 -4.45 -4.57 -29.65
CA LEU E 410 -4.16 -3.54 -28.65
C LEU E 410 -2.88 -3.87 -27.89
N ILE E 411 -1.86 -3.04 -28.04
CA ILE E 411 -0.61 -3.18 -27.29
C ILE E 411 -0.44 -1.87 -26.51
N LEU E 412 -0.86 -1.90 -25.24
CA LEU E 412 -0.94 -0.73 -24.40
C LEU E 412 -0.09 -0.62 -23.14
N LYS E 413 0.61 0.52 -23.01
CA LYS E 413 1.43 0.95 -21.88
C LYS E 413 2.37 -0.13 -21.38
N GLN E 414 3.16 -0.70 -22.30
CA GLN E 414 4.12 -1.76 -21.99
C GLN E 414 5.55 -1.24 -22.05
N GLN E 415 6.14 -1.04 -20.86
CA GLN E 415 7.49 -0.50 -20.71
C GLN E 415 8.55 -1.57 -20.87
N GLY E 416 8.20 -2.81 -20.51
CA GLY E 416 9.10 -3.96 -20.58
C GLY E 416 9.45 -4.48 -21.97
N ILE E 417 8.68 -4.08 -23.00
CA ILE E 417 8.88 -4.55 -24.38
C ILE E 417 9.85 -3.73 -25.24
N THR E 418 10.63 -4.44 -26.10
CA THR E 418 11.65 -3.94 -27.03
C THR E 418 11.17 -4.08 -28.49
N SER E 419 10.59 -5.25 -28.84
CA SER E 419 10.12 -5.58 -30.17
C SER E 419 8.78 -6.29 -30.11
N LEU E 420 8.03 -6.31 -31.24
CA LEU E 420 6.74 -6.98 -31.35
C LEU E 420 6.93 -8.49 -31.50
N GLN E 421 7.73 -8.91 -32.51
CA GLN E 421 8.13 -10.29 -32.79
C GLN E 421 7.04 -11.30 -33.22
N PHE E 422 5.98 -10.82 -33.91
CA PHE E 422 4.86 -11.62 -34.40
C PHE E 422 5.12 -12.56 -35.59
N GLN E 423 6.37 -12.54 -36.16
CA GLN E 423 6.90 -13.30 -37.31
C GLN E 423 5.97 -13.98 -38.30
N SER E 424 5.08 -14.85 -37.82
CA SER E 424 4.13 -15.55 -38.67
C SER E 424 2.89 -14.77 -39.02
N LEU E 425 2.63 -13.65 -38.32
CA LEU E 425 1.48 -12.79 -38.58
C LEU E 425 1.52 -12.25 -40.01
N LYS E 426 0.45 -12.54 -40.79
CA LYS E 426 0.31 -12.17 -42.18
C LYS E 426 -0.98 -11.43 -42.53
N GLU E 427 -2.10 -11.77 -41.87
CA GLU E 427 -3.40 -11.12 -42.13
C GLU E 427 -4.18 -10.79 -40.88
N ILE E 428 -4.78 -9.59 -40.85
CA ILE E 428 -5.69 -9.07 -39.80
C ILE E 428 -6.98 -8.76 -40.57
N SER E 429 -7.87 -9.77 -40.66
CA SER E 429 -9.12 -9.74 -41.43
C SER E 429 -10.01 -8.50 -41.29
N ALA E 430 -10.23 -8.02 -40.04
CA ALA E 430 -11.06 -6.84 -39.80
C ALA E 430 -10.69 -6.11 -38.52
N GLY E 431 -11.10 -4.85 -38.43
CA GLY E 431 -10.84 -4.02 -37.27
C GLY E 431 -9.63 -3.13 -37.41
N ASN E 432 -9.27 -2.45 -36.31
CA ASN E 432 -8.14 -1.52 -36.29
C ASN E 432 -7.06 -1.94 -35.31
N ILE E 433 -5.87 -1.31 -35.46
CA ILE E 433 -4.69 -1.55 -34.63
C ILE E 433 -4.46 -0.41 -33.65
N TYR E 434 -3.85 -0.70 -32.50
CA TYR E 434 -3.59 0.31 -31.49
C TYR E 434 -2.34 -0.04 -30.69
N ILE E 435 -1.20 0.58 -31.04
CA ILE E 435 0.08 0.38 -30.38
C ILE E 435 0.51 1.75 -29.82
N THR E 436 0.23 1.96 -28.52
CA THR E 436 0.38 3.25 -27.83
C THR E 436 1.05 3.09 -26.47
N ASP E 437 1.84 4.14 -26.06
CA ASP E 437 2.55 4.29 -24.77
C ASP E 437 3.56 3.19 -24.43
N ASN E 438 4.16 2.56 -25.44
CA ASN E 438 5.16 1.51 -25.24
C ASN E 438 6.52 2.15 -25.47
N SER E 439 6.92 2.98 -24.51
CA SER E 439 8.14 3.80 -24.47
C SER E 439 9.48 3.17 -24.89
N ASN E 440 9.61 1.83 -24.79
CA ASN E 440 10.83 1.12 -25.16
C ASN E 440 10.70 0.24 -26.43
N LEU E 441 9.57 0.38 -27.15
CA LEU E 441 9.27 -0.36 -28.36
C LEU E 441 9.82 0.29 -29.62
N CYS E 442 10.52 -0.51 -30.44
CA CYS E 442 11.12 -0.17 -31.73
C CYS E 442 10.55 -1.08 -32.83
N TYR E 443 11.07 -0.97 -34.07
CA TYR E 443 10.70 -1.80 -35.23
C TYR E 443 9.26 -1.62 -35.75
N TYR E 444 8.30 -1.35 -34.84
CA TYR E 444 6.86 -1.12 -35.03
C TYR E 444 6.51 -0.12 -36.16
N HIS E 445 7.36 0.92 -36.34
CA HIS E 445 7.16 1.98 -37.31
C HIS E 445 7.51 1.59 -38.75
N THR E 446 8.52 0.72 -38.94
CA THR E 446 8.99 0.24 -40.25
C THR E 446 7.93 -0.60 -40.98
N ILE E 447 7.09 -1.28 -40.20
CA ILE E 447 6.03 -2.16 -40.67
C ILE E 447 5.04 -1.44 -41.56
N ASN E 448 4.83 -2.01 -42.75
CA ASN E 448 3.87 -1.60 -43.74
C ASN E 448 2.61 -2.34 -43.29
N TRP E 449 1.86 -1.73 -42.38
CA TRP E 449 0.66 -2.33 -41.81
C TRP E 449 -0.41 -2.69 -42.81
N THR E 450 -0.46 -1.97 -43.95
CA THR E 450 -1.43 -2.21 -45.02
C THR E 450 -1.32 -3.59 -45.69
N THR E 451 -0.20 -4.30 -45.46
CA THR E 451 0.05 -5.65 -45.98
C THR E 451 -0.86 -6.65 -45.25
N LEU E 452 -1.06 -6.41 -43.93
CA LEU E 452 -1.84 -7.24 -43.03
C LEU E 452 -3.34 -7.06 -43.19
N PHE E 453 -3.79 -5.83 -43.54
CA PHE E 453 -5.21 -5.51 -43.70
C PHE E 453 -5.90 -6.20 -44.90
N SER E 454 -7.22 -6.38 -44.80
CA SER E 454 -8.08 -7.01 -45.78
C SER E 454 -9.16 -6.04 -46.31
N THR E 455 -9.17 -4.80 -45.79
CA THR E 455 -10.11 -3.73 -46.14
C THR E 455 -9.43 -2.34 -46.15
N ILE E 456 -10.03 -1.40 -46.89
CA ILE E 456 -9.55 -0.03 -47.06
C ILE E 456 -9.73 0.81 -45.78
N ASN E 457 -10.88 0.64 -45.08
CA ASN E 457 -11.25 1.37 -43.85
C ASN E 457 -10.58 0.85 -42.54
N GLN E 458 -9.41 0.20 -42.67
CA GLN E 458 -8.62 -0.33 -41.55
C GLN E 458 -7.49 0.64 -41.24
N ARG E 459 -7.51 1.21 -40.03
CA ARG E 459 -6.53 2.20 -39.57
C ARG E 459 -5.47 1.67 -38.61
N ILE E 460 -4.34 2.37 -38.54
CA ILE E 460 -3.19 2.09 -37.67
C ILE E 460 -3.07 3.25 -36.70
N VAL E 461 -2.89 2.95 -35.41
CA VAL E 461 -2.71 3.97 -34.38
C VAL E 461 -1.39 3.76 -33.65
N ILE E 462 -0.36 4.46 -34.11
CA ILE E 462 0.97 4.47 -33.53
C ILE E 462 1.07 5.81 -32.80
N ARG E 463 1.37 5.77 -31.48
CA ARG E 463 1.41 7.02 -30.74
C ARG E 463 2.65 7.28 -29.89
N ASP E 464 2.61 6.95 -28.60
CA ASP E 464 3.71 7.28 -27.71
C ASP E 464 4.74 6.16 -27.45
N ASN E 465 5.15 5.51 -28.54
CA ASN E 465 6.17 4.46 -28.52
C ASN E 465 7.49 5.18 -28.82
N ARG E 466 8.65 4.54 -28.54
CA ARG E 466 9.97 5.15 -28.75
C ARG E 466 10.15 5.75 -30.14
N LYS E 467 10.72 6.99 -30.21
CA LYS E 467 10.97 7.77 -31.45
C LYS E 467 11.62 6.96 -32.58
N ALA E 468 11.11 7.11 -33.82
CA ALA E 468 11.64 6.43 -35.01
C ALA E 468 13.10 6.84 -35.21
N GLU E 469 13.40 8.12 -34.91
CA GLU E 469 14.71 8.78 -35.00
C GLU E 469 15.65 8.25 -33.92
N ASN E 470 15.09 7.91 -32.74
CA ASN E 470 15.84 7.36 -31.62
C ASN E 470 16.22 5.90 -31.88
N CYS E 471 15.26 5.06 -32.37
CA CYS E 471 15.52 3.65 -32.69
C CYS E 471 16.57 3.52 -33.80
N THR E 472 16.48 4.39 -34.82
CA THR E 472 17.41 4.44 -35.95
C THR E 472 18.84 4.70 -35.44
N ALA E 473 19.00 5.67 -34.50
CA ALA E 473 20.28 6.07 -33.91
C ALA E 473 20.91 4.99 -33.01
N GLU E 474 20.08 4.24 -32.25
CA GLU E 474 20.53 3.18 -31.33
C GLU E 474 20.70 1.79 -31.99
N GLY E 475 20.88 1.80 -33.32
CA GLY E 475 21.09 0.61 -34.14
C GLY E 475 19.98 -0.41 -34.09
N MET E 476 18.74 0.08 -33.99
CA MET E 476 17.54 -0.75 -33.90
C MET E 476 16.76 -0.65 -35.20
N VAL E 477 17.39 -1.13 -36.29
CA VAL E 477 16.82 -1.14 -37.65
C VAL E 477 16.73 -2.55 -38.24
N CYS E 478 16.01 -2.69 -39.36
CA CYS E 478 15.79 -3.98 -40.05
C CYS E 478 17.01 -4.49 -40.79
N ASN E 479 17.04 -5.80 -41.05
CA ASN E 479 18.12 -6.49 -41.74
C ASN E 479 18.24 -6.10 -43.23
N HIS E 480 19.46 -6.22 -43.80
CA HIS E 480 19.74 -5.89 -45.20
C HIS E 480 18.99 -6.85 -46.13
N LEU E 481 18.79 -8.10 -45.68
CA LEU E 481 18.07 -9.17 -46.38
C LEU E 481 16.55 -8.98 -46.27
N CYS E 482 16.13 -7.98 -45.49
CA CYS E 482 14.73 -7.67 -45.27
C CYS E 482 14.22 -6.68 -46.28
N SER E 483 13.02 -6.94 -46.81
CA SER E 483 12.32 -6.09 -47.79
C SER E 483 11.97 -4.70 -47.25
N SER E 484 11.50 -3.81 -48.14
CA SER E 484 11.07 -2.46 -47.82
C SER E 484 9.83 -2.40 -46.90
N ASP E 485 9.07 -3.50 -46.79
CA ASP E 485 7.85 -3.62 -45.98
C ASP E 485 8.09 -3.50 -44.48
N GLY E 486 9.25 -3.94 -43.99
CA GLY E 486 9.60 -3.85 -42.57
C GLY E 486 9.90 -5.16 -41.87
N CYS E 487 9.99 -5.10 -40.53
CA CYS E 487 10.30 -6.25 -39.68
C CYS E 487 9.71 -6.14 -38.27
N TRP E 488 9.29 -7.30 -37.70
CA TRP E 488 8.68 -7.44 -36.38
C TRP E 488 9.64 -7.25 -35.22
N GLY E 489 10.93 -7.29 -35.51
CA GLY E 489 11.99 -7.13 -34.53
C GLY E 489 13.34 -7.42 -35.14
N PRO E 490 14.40 -7.71 -34.34
CA PRO E 490 15.71 -7.99 -34.95
C PRO E 490 15.81 -9.42 -35.48
N GLY E 491 16.81 -9.66 -36.32
CA GLY E 491 17.08 -10.96 -36.92
C GLY E 491 16.42 -11.16 -38.28
N PRO E 492 16.94 -12.11 -39.09
CA PRO E 492 16.35 -12.35 -40.43
C PRO E 492 15.04 -13.12 -40.43
N ASP E 493 14.81 -13.93 -39.38
CA ASP E 493 13.59 -14.73 -39.23
C ASP E 493 12.36 -13.84 -39.05
N GLN E 494 12.54 -12.73 -38.30
CA GLN E 494 11.57 -11.68 -37.99
C GLN E 494 11.67 -10.67 -39.13
N CYS E 495 10.98 -10.96 -40.25
CA CYS E 495 10.98 -10.16 -41.49
C CYS E 495 9.57 -10.15 -42.00
N LEU E 496 9.22 -9.17 -42.85
CA LEU E 496 7.86 -9.14 -43.41
C LEU E 496 7.78 -9.79 -44.77
N SER E 497 8.92 -9.82 -45.47
CA SER E 497 9.17 -10.42 -46.78
C SER E 497 10.68 -10.35 -46.96
N CYS E 498 11.29 -11.32 -47.65
CA CYS E 498 12.74 -11.26 -47.87
C CYS E 498 13.07 -10.51 -49.16
N ARG E 499 14.25 -9.88 -49.19
CA ARG E 499 14.73 -9.15 -50.35
C ARG E 499 15.23 -10.20 -51.36
N ARG E 500 15.76 -11.34 -50.86
CA ARG E 500 16.29 -12.44 -51.68
C ARG E 500 15.57 -13.80 -51.51
N PHE E 501 16.21 -14.74 -50.78
CA PHE E 501 15.71 -16.10 -50.57
C PHE E 501 15.32 -16.40 -49.11
N SER E 502 14.49 -17.44 -48.93
CA SER E 502 14.01 -17.89 -47.64
C SER E 502 14.28 -19.39 -47.38
N ARG E 503 14.84 -19.72 -46.22
CA ARG E 503 15.12 -21.08 -45.77
C ARG E 503 14.19 -21.30 -44.58
N GLY E 504 12.90 -21.29 -44.88
CA GLY E 504 11.83 -21.41 -43.91
C GLY E 504 11.34 -20.03 -43.51
N ARG E 505 11.46 -19.70 -42.22
CA ARG E 505 11.06 -18.41 -41.69
C ARG E 505 12.16 -17.38 -41.98
N ILE E 506 13.43 -17.82 -41.89
CA ILE E 506 14.66 -17.06 -42.07
C ILE E 506 14.86 -16.56 -43.51
N CYS E 507 15.62 -15.48 -43.67
CA CYS E 507 16.00 -14.89 -44.96
C CYS E 507 17.49 -15.14 -45.18
N ILE E 508 17.89 -15.50 -46.41
CA ILE E 508 19.29 -15.74 -46.75
C ILE E 508 19.68 -15.20 -48.13
N GLU E 509 20.99 -15.18 -48.41
CA GLU E 509 21.59 -14.69 -49.65
C GLU E 509 21.35 -15.63 -50.83
N SER E 510 21.56 -16.97 -50.62
CA SER E 510 21.37 -18.01 -51.64
C SER E 510 21.12 -19.39 -51.03
N CYS E 511 20.62 -20.36 -51.85
CA CYS E 511 20.39 -21.75 -51.42
C CYS E 511 21.72 -22.51 -51.41
N ASN E 512 21.69 -23.77 -50.92
CA ASN E 512 22.85 -24.64 -50.91
C ASN E 512 22.94 -25.29 -52.29
N LEU E 513 22.96 -24.47 -53.37
CA LEU E 513 23.00 -24.91 -54.76
C LEU E 513 24.28 -25.66 -55.08
N TYR E 514 25.42 -25.09 -54.63
CA TYR E 514 26.74 -25.67 -54.86
C TYR E 514 27.45 -25.91 -53.53
N ASP E 515 27.43 -24.92 -52.63
CA ASP E 515 28.06 -25.02 -51.31
C ASP E 515 27.01 -25.35 -50.25
N GLY E 516 27.09 -26.52 -49.62
CA GLY E 516 26.12 -26.89 -48.60
C GLY E 516 26.23 -28.25 -47.95
N GLU E 517 25.56 -28.39 -46.80
CA GLU E 517 25.49 -29.60 -45.99
C GLU E 517 24.34 -30.48 -46.50
N PHE E 518 23.18 -29.85 -46.75
CA PHE E 518 21.96 -30.45 -47.32
C PHE E 518 21.68 -29.61 -48.56
N ARG E 519 21.93 -30.15 -49.76
CA ARG E 519 21.74 -29.38 -50.98
C ARG E 519 20.30 -29.01 -51.25
N GLU E 520 20.07 -27.82 -51.81
CA GLU E 520 18.75 -27.26 -52.06
C GLU E 520 18.53 -26.88 -53.52
N PHE E 521 17.37 -26.26 -53.78
CA PHE E 521 16.97 -25.72 -55.09
C PHE E 521 16.05 -24.51 -54.90
N GLU E 522 15.87 -23.71 -55.96
CA GLU E 522 15.02 -22.52 -55.89
C GLU E 522 13.63 -22.75 -56.48
N ASN E 523 12.61 -22.69 -55.62
CA ASN E 523 11.21 -22.81 -56.00
C ASN E 523 10.61 -21.41 -55.83
N ASP E 524 11.03 -20.47 -56.73
CA ASP E 524 10.62 -19.06 -56.75
C ASP E 524 10.98 -18.37 -55.42
N SER E 525 12.30 -18.20 -55.17
CA SER E 525 12.88 -17.58 -53.96
C SER E 525 12.70 -18.38 -52.64
N ILE E 526 12.35 -19.69 -52.74
CA ILE E 526 12.16 -20.57 -51.58
C ILE E 526 13.15 -21.74 -51.67
N CYS E 527 14.01 -21.87 -50.65
CA CYS E 527 15.04 -22.90 -50.61
C CYS E 527 14.63 -24.28 -50.12
N VAL E 528 13.93 -25.01 -51.02
CA VAL E 528 13.45 -26.37 -50.83
C VAL E 528 14.67 -27.28 -50.97
N GLU E 529 14.83 -28.21 -50.03
CA GLU E 529 15.92 -29.17 -49.99
C GLU E 529 15.71 -30.31 -51.00
N CYS E 530 16.82 -30.81 -51.60
CA CYS E 530 16.81 -31.92 -52.55
C CYS E 530 16.52 -33.24 -51.83
N ASP E 531 15.95 -34.23 -52.54
CA ASP E 531 15.57 -35.56 -52.04
C ASP E 531 16.75 -36.30 -51.37
N PRO E 532 16.52 -37.11 -50.31
CA PRO E 532 17.64 -37.81 -49.68
C PRO E 532 18.30 -38.85 -50.57
N GLN E 533 17.60 -39.25 -51.65
CA GLN E 533 18.10 -40.24 -52.59
C GLN E 533 19.06 -39.72 -53.67
N CYS E 534 19.29 -38.39 -53.73
CA CYS E 534 20.27 -37.81 -54.66
C CYS E 534 21.67 -37.87 -54.07
N GLU E 535 22.68 -37.97 -54.93
CA GLU E 535 24.08 -37.99 -54.52
C GLU E 535 24.52 -36.56 -54.47
N LYS E 536 25.32 -36.16 -53.47
CA LYS E 536 25.75 -34.77 -53.45
C LYS E 536 26.90 -34.48 -54.41
N MET E 537 26.57 -33.70 -55.47
CA MET E 537 27.41 -33.30 -56.60
C MET E 537 28.45 -32.28 -56.22
N GLU E 538 29.70 -32.49 -56.65
CA GLU E 538 30.80 -31.58 -56.33
C GLU E 538 31.30 -30.74 -57.51
N ASP E 539 31.84 -29.55 -57.20
CA ASP E 539 32.40 -28.56 -58.12
C ASP E 539 31.48 -28.08 -59.27
N GLY E 540 30.75 -27.00 -59.00
CA GLY E 540 29.84 -26.34 -59.94
C GLY E 540 28.75 -27.19 -60.55
N LEU E 541 28.33 -28.26 -59.85
CA LEU E 541 27.30 -29.17 -60.33
C LEU E 541 26.10 -29.21 -59.38
N LEU E 542 24.89 -28.98 -59.92
CA LEU E 542 23.65 -28.97 -59.17
C LEU E 542 23.28 -30.39 -58.76
N THR E 543 22.83 -30.57 -57.51
CA THR E 543 22.44 -31.88 -56.98
C THR E 543 21.07 -32.29 -57.50
N CYS E 544 20.17 -31.31 -57.73
CA CYS E 544 18.83 -31.58 -58.24
C CYS E 544 18.24 -30.39 -58.98
N HIS E 545 17.35 -30.67 -59.94
CA HIS E 545 16.66 -29.66 -60.74
C HIS E 545 15.13 -29.59 -60.43
N GLY E 546 14.74 -30.18 -59.31
CA GLY E 546 13.36 -30.19 -58.86
C GLY E 546 13.11 -31.04 -57.62
N PRO E 547 11.86 -31.11 -57.16
CA PRO E 547 11.55 -31.92 -55.98
C PRO E 547 11.37 -33.40 -56.31
N GLY E 548 11.27 -34.23 -55.27
CA GLY E 548 11.06 -35.66 -55.43
C GLY E 548 12.28 -36.47 -55.87
N PRO E 549 12.12 -37.79 -56.10
CA PRO E 549 13.29 -38.61 -56.46
C PRO E 549 13.70 -38.65 -57.92
N ASP E 550 12.76 -38.40 -58.83
CA ASP E 550 13.04 -38.43 -60.27
C ASP E 550 13.82 -37.20 -60.75
N ASN E 551 14.00 -36.18 -59.89
CA ASN E 551 14.72 -34.95 -60.25
C ASN E 551 16.21 -34.85 -59.86
N CYS E 552 16.80 -35.95 -59.36
CA CYS E 552 18.21 -36.00 -58.98
C CYS E 552 19.12 -35.91 -60.20
N THR E 553 20.39 -35.54 -59.97
CA THR E 553 21.44 -35.47 -60.99
C THR E 553 22.11 -36.85 -61.10
N LYS E 554 22.34 -37.49 -59.95
CA LYS E 554 22.89 -38.83 -59.80
C LYS E 554 22.25 -39.46 -58.56
N CYS E 555 21.84 -40.75 -58.66
CA CYS E 555 21.20 -41.48 -57.57
C CYS E 555 22.26 -42.07 -56.65
N SER E 556 22.07 -41.94 -55.31
CA SER E 556 23.03 -42.42 -54.31
C SER E 556 22.99 -43.94 -54.05
N HIS E 557 21.90 -44.60 -54.47
CA HIS E 557 21.76 -46.04 -54.30
C HIS E 557 21.32 -46.68 -55.61
N PHE E 558 20.05 -47.10 -55.72
CA PHE E 558 19.50 -47.72 -56.93
C PHE E 558 18.51 -46.79 -57.62
N LYS E 559 18.12 -47.12 -58.86
CA LYS E 559 17.20 -46.33 -59.65
C LYS E 559 16.19 -47.23 -60.35
N ASP E 560 14.97 -47.29 -59.83
CA ASP E 560 13.85 -48.04 -60.39
C ASP E 560 13.10 -47.15 -61.40
N GLY E 561 13.35 -47.35 -62.68
CA GLY E 561 12.74 -46.56 -63.75
C GLY E 561 13.25 -45.13 -63.78
N PRO E 562 12.41 -44.11 -63.55
CA PRO E 562 12.92 -42.74 -63.54
C PRO E 562 13.48 -42.26 -62.19
N ASN E 563 12.90 -42.74 -61.09
CA ASN E 563 13.24 -42.29 -59.76
C ASN E 563 14.23 -43.12 -58.98
N CYS E 564 15.03 -42.45 -58.14
CA CYS E 564 16.04 -43.03 -57.26
C CYS E 564 15.38 -43.60 -56.00
N VAL E 565 15.62 -44.90 -55.75
CA VAL E 565 15.10 -45.67 -54.61
C VAL E 565 16.26 -46.13 -53.70
N GLU E 566 15.97 -46.39 -52.40
CA GLU E 566 16.97 -46.86 -51.44
C GLU E 566 17.35 -48.34 -51.69
N LYS E 567 16.34 -49.18 -51.77
CA LYS E 567 16.43 -50.60 -52.03
C LYS E 567 15.71 -50.91 -53.32
N CYS E 568 16.04 -52.02 -53.93
CA CYS E 568 15.33 -52.38 -55.13
C CYS E 568 14.03 -53.13 -54.75
N PRO E 569 12.85 -52.81 -55.36
CA PRO E 569 11.57 -53.46 -54.96
C PRO E 569 11.54 -54.96 -54.68
N ASP E 570 11.82 -55.36 -53.43
CA ASP E 570 11.79 -56.77 -53.05
C ASP E 570 10.51 -57.15 -52.28
N GLY E 571 9.46 -57.49 -53.03
CA GLY E 571 8.17 -57.91 -52.49
C GLY E 571 7.16 -56.83 -52.18
N LEU E 572 6.98 -55.90 -53.13
CA LEU E 572 5.99 -54.83 -53.02
C LEU E 572 4.66 -55.38 -53.50
N GLN E 573 3.54 -54.94 -52.91
CA GLN E 573 2.21 -55.43 -53.31
C GLN E 573 1.91 -55.01 -54.75
N GLY E 574 1.65 -55.98 -55.61
CA GLY E 574 1.29 -55.73 -57.00
C GLY E 574 -0.21 -55.64 -57.12
N ALA E 575 -0.73 -55.66 -58.36
CA ALA E 575 -2.17 -55.59 -58.63
C ALA E 575 -2.92 -56.88 -58.20
N ASN E 576 -2.30 -58.04 -58.41
CA ASN E 576 -2.82 -59.38 -58.10
C ASN E 576 -1.65 -60.38 -57.90
N SER E 577 -0.48 -59.86 -57.51
CA SER E 577 0.77 -60.60 -57.30
C SER E 577 1.72 -59.74 -56.44
N PHE E 578 2.99 -60.10 -56.37
CA PHE E 578 3.98 -59.32 -55.67
C PHE E 578 5.03 -58.87 -56.66
N ILE E 579 5.54 -57.66 -56.47
CA ILE E 579 6.51 -57.11 -57.39
C ILE E 579 7.96 -57.23 -56.91
N PHE E 580 8.72 -58.11 -57.60
CA PHE E 580 10.14 -58.38 -57.37
C PHE E 580 11.02 -57.90 -58.51
N LYS E 581 12.14 -57.25 -58.15
CA LYS E 581 13.09 -56.65 -59.08
C LYS E 581 14.52 -56.88 -58.65
N TYR E 582 15.38 -57.17 -59.63
CA TYR E 582 16.79 -57.39 -59.39
C TYR E 582 17.59 -56.15 -59.81
N ALA E 583 18.73 -55.93 -59.17
CA ALA E 583 19.63 -54.83 -59.49
C ALA E 583 20.70 -55.36 -60.46
N ASP E 584 21.02 -54.55 -61.48
CA ASP E 584 22.06 -54.85 -62.44
C ASP E 584 23.38 -54.18 -61.93
N PRO E 585 24.58 -54.46 -62.50
CA PRO E 585 25.81 -53.81 -61.99
C PRO E 585 25.88 -52.29 -62.10
N ASP E 586 25.10 -51.66 -62.99
CA ASP E 586 25.04 -50.20 -63.16
C ASP E 586 24.06 -49.56 -62.17
N ARG E 587 23.53 -50.40 -61.23
CA ARG E 587 22.59 -50.09 -60.16
C ARG E 587 21.12 -49.90 -60.55
N GLU E 588 20.75 -50.05 -61.83
CA GLU E 588 19.36 -49.94 -62.30
C GLU E 588 18.49 -51.12 -61.84
N CYS E 589 17.20 -50.88 -61.70
CA CYS E 589 16.26 -51.90 -61.24
C CYS E 589 15.45 -52.49 -62.36
N HIS E 590 15.61 -53.81 -62.56
CA HIS E 590 14.94 -54.53 -63.63
C HIS E 590 13.98 -55.60 -63.16
N PRO E 591 12.79 -55.75 -63.83
CA PRO E 591 11.83 -56.79 -63.43
C PRO E 591 12.38 -58.19 -63.62
N CYS E 592 11.74 -59.17 -63.01
CA CYS E 592 12.19 -60.52 -63.18
C CYS E 592 11.09 -61.54 -63.31
N HIS E 593 11.49 -62.71 -63.82
CA HIS E 593 10.67 -63.87 -64.10
C HIS E 593 9.54 -63.98 -63.09
N PRO E 594 8.27 -64.07 -63.58
CA PRO E 594 7.12 -64.18 -62.65
C PRO E 594 7.13 -65.40 -61.71
N ASN E 595 7.84 -66.48 -62.11
CA ASN E 595 7.99 -67.68 -61.29
C ASN E 595 8.83 -67.45 -60.07
N CYS E 596 9.70 -66.45 -60.09
CA CYS E 596 10.48 -66.06 -58.93
C CYS E 596 9.56 -65.29 -57.94
N THR E 597 8.82 -66.07 -57.08
CA THR E 597 7.80 -65.58 -56.15
C THR E 597 8.24 -65.19 -54.74
N GLN E 598 9.51 -65.43 -54.38
CA GLN E 598 10.09 -65.00 -53.09
C GLN E 598 11.18 -63.96 -53.40
N GLY E 599 11.49 -63.83 -54.68
CA GLY E 599 12.49 -62.92 -55.19
C GLY E 599 13.36 -63.58 -56.24
N CYS E 600 14.22 -62.77 -56.87
CA CYS E 600 15.20 -63.11 -57.90
C CYS E 600 16.52 -62.36 -57.60
N ASN E 601 17.60 -62.77 -58.25
CA ASN E 601 18.91 -62.13 -58.18
C ASN E 601 19.36 -61.94 -59.64
N GLY E 602 18.43 -62.14 -60.57
CA GLY E 602 18.68 -62.07 -62.01
C GLY E 602 17.47 -62.15 -62.94
N PRO E 603 17.77 -62.21 -64.28
CA PRO E 603 16.70 -62.15 -65.30
C PRO E 603 15.98 -63.43 -65.68
N THR E 604 16.53 -64.57 -65.26
CA THR E 604 16.01 -65.89 -65.56
C THR E 604 15.19 -66.52 -64.39
N SER E 605 14.60 -67.69 -64.66
CA SER E 605 13.84 -68.49 -63.71
C SER E 605 14.79 -69.25 -62.82
N HIS E 606 16.08 -69.31 -63.18
CA HIS E 606 17.11 -70.00 -62.40
C HIS E 606 17.69 -69.05 -61.37
N ASP E 607 17.36 -67.76 -61.47
CA ASP E 607 17.86 -66.77 -60.54
C ASP E 607 16.91 -66.46 -59.40
N CYS E 608 16.06 -67.42 -59.04
CA CYS E 608 15.13 -67.19 -57.95
C CYS E 608 15.83 -67.25 -56.61
N ILE E 609 15.26 -66.56 -55.63
CA ILE E 609 15.76 -66.56 -54.27
C ILE E 609 14.68 -67.29 -53.48
N TYR E 610 15.10 -68.17 -52.55
CA TYR E 610 14.20 -68.92 -51.69
C TYR E 610 14.47 -68.62 -50.22
N TYR E 611 13.44 -68.79 -49.37
CA TYR E 611 13.53 -68.62 -47.91
C TYR E 611 12.67 -69.68 -47.14
N PRO E 612 13.00 -70.00 -45.87
CA PRO E 612 12.15 -70.93 -45.11
C PRO E 612 11.02 -70.19 -44.36
N SER F 2 -33.45 23.51 40.70
CA SER F 2 -33.91 24.52 41.66
C SER F 2 -32.76 25.23 42.38
N VAL F 3 -32.76 26.57 42.27
CA VAL F 3 -31.76 27.47 42.83
C VAL F 3 -32.33 28.21 44.04
N CYS F 4 -31.52 28.31 45.10
CA CYS F 4 -31.87 29.01 46.33
C CYS F 4 -30.59 29.43 47.04
N ALA F 5 -30.56 30.66 47.57
CA ALA F 5 -29.40 31.17 48.30
C ALA F 5 -29.34 30.51 49.68
N GLY F 6 -28.13 30.20 50.12
CA GLY F 6 -27.92 29.56 51.42
C GLY F 6 -28.06 30.50 52.60
N THR F 7 -27.15 30.35 53.58
CA THR F 7 -27.06 31.15 54.80
C THR F 7 -25.60 31.39 55.14
N GLU F 8 -25.32 32.33 56.08
CA GLU F 8 -23.98 32.73 56.50
C GLU F 8 -23.89 32.81 58.04
N ASN F 9 -24.93 32.29 58.73
CA ASN F 9 -25.09 32.31 60.18
C ASN F 9 -24.00 31.61 60.98
N LYS F 10 -23.42 30.54 60.42
CA LYS F 10 -22.43 29.66 61.05
C LYS F 10 -23.05 28.95 62.25
N LEU F 11 -22.45 29.08 63.45
CA LEU F 11 -22.95 28.42 64.66
C LEU F 11 -24.13 29.15 65.34
N SER F 12 -24.47 30.38 64.86
CA SER F 12 -25.57 31.17 65.41
C SER F 12 -26.96 30.61 65.08
N SER F 13 -27.55 29.90 66.04
CA SER F 13 -28.87 29.28 65.94
C SER F 13 -29.84 29.94 66.92
N LEU F 14 -31.12 30.05 66.55
CA LEU F 14 -32.07 30.71 67.44
C LEU F 14 -32.57 29.88 68.61
N SER F 15 -32.76 30.57 69.77
CA SER F 15 -33.15 30.07 71.09
C SER F 15 -34.37 29.20 71.00
N ASP F 16 -35.37 29.64 70.22
CA ASP F 16 -36.60 28.89 69.98
C ASP F 16 -36.19 27.78 69.02
N LEU F 17 -36.02 26.56 69.54
CA LEU F 17 -35.60 25.38 68.78
C LEU F 17 -36.61 25.00 67.70
N GLU F 18 -37.91 25.29 67.92
CA GLU F 18 -39.01 25.06 66.98
C GLU F 18 -38.86 25.99 65.79
N GLN F 19 -38.62 27.30 66.05
CA GLN F 19 -38.44 28.33 65.02
C GLN F 19 -37.19 28.10 64.14
N GLN F 20 -36.16 27.41 64.70
CA GLN F 20 -34.92 27.04 64.02
C GLN F 20 -35.24 25.99 62.94
N TYR F 21 -36.08 24.98 63.27
CA TYR F 21 -36.51 23.94 62.33
C TYR F 21 -37.41 24.53 61.24
N ARG F 22 -38.27 25.53 61.58
CA ARG F 22 -39.16 26.19 60.62
C ARG F 22 -38.34 27.05 59.65
N ALA F 23 -37.27 27.72 60.16
CA ALA F 23 -36.33 28.55 59.38
C ALA F 23 -35.55 27.70 58.38
N LEU F 24 -35.03 26.52 58.80
CA LEU F 24 -34.28 25.59 57.94
C LEU F 24 -35.14 25.12 56.76
N ARG F 25 -36.43 24.85 57.02
CA ARG F 25 -37.46 24.41 56.06
C ARG F 25 -37.81 25.51 55.04
N LYS F 26 -37.55 26.80 55.36
CA LYS F 26 -37.84 27.88 54.42
C LYS F 26 -36.66 28.15 53.49
N TYR F 27 -35.42 27.94 53.98
CA TYR F 27 -34.22 28.16 53.16
C TYR F 27 -33.93 27.07 52.15
N TYR F 28 -34.08 25.80 52.55
CA TYR F 28 -33.79 24.67 51.68
C TYR F 28 -35.02 23.74 51.53
N GLU F 29 -36.19 24.30 51.17
CA GLU F 29 -37.45 23.55 50.99
C GLU F 29 -37.41 22.56 49.80
N ASN F 30 -37.54 23.06 48.56
CA ASN F 30 -37.47 22.28 47.32
C ASN F 30 -36.33 22.87 46.51
N CYS F 31 -35.10 22.64 46.97
CA CYS F 31 -33.89 23.18 46.35
C CYS F 31 -33.01 22.06 45.84
N GLU F 32 -32.69 22.08 44.53
CA GLU F 32 -31.83 21.09 43.89
C GLU F 32 -30.36 21.50 44.07
N VAL F 33 -30.08 22.79 43.83
CA VAL F 33 -28.75 23.40 43.91
C VAL F 33 -28.73 24.57 44.89
N VAL F 34 -27.95 24.42 45.98
CA VAL F 34 -27.79 25.48 46.98
C VAL F 34 -26.77 26.47 46.44
N MET F 35 -27.22 27.74 46.24
CA MET F 35 -26.41 28.86 45.74
C MET F 35 -25.46 29.43 46.78
N GLY F 36 -25.68 29.05 48.04
CA GLY F 36 -24.84 29.45 49.17
C GLY F 36 -24.28 28.25 49.90
N ASN F 37 -24.48 28.21 51.22
CA ASN F 37 -23.98 27.15 52.10
C ASN F 37 -25.12 26.38 52.74
N LEU F 38 -24.93 25.05 52.91
CA LEU F 38 -25.91 24.19 53.56
C LEU F 38 -25.53 24.07 55.02
N GLU F 39 -26.20 24.86 55.88
CA GLU F 39 -25.94 24.91 57.31
C GLU F 39 -27.06 24.24 58.09
N ILE F 40 -26.81 23.00 58.56
CA ILE F 40 -27.75 22.23 59.38
C ILE F 40 -27.24 22.35 60.82
N THR F 41 -27.84 23.26 61.59
CA THR F 41 -27.42 23.53 62.95
C THR F 41 -28.54 23.56 63.99
N SER F 42 -28.27 22.93 65.16
CA SER F 42 -29.13 22.83 66.34
C SER F 42 -30.56 22.35 66.09
N ILE F 43 -30.68 21.09 65.65
CA ILE F 43 -31.95 20.43 65.34
C ILE F 43 -32.16 19.23 66.29
N GLU F 44 -33.39 19.11 66.87
CA GLU F 44 -33.81 18.09 67.84
C GLU F 44 -33.79 16.65 67.37
N HIS F 45 -34.02 15.71 68.32
CA HIS F 45 -34.07 14.25 68.17
C HIS F 45 -35.03 13.82 67.04
N ASN F 46 -36.34 13.70 67.36
CA ASN F 46 -37.33 13.26 66.39
C ASN F 46 -37.85 14.41 65.56
N ARG F 47 -37.18 14.62 64.41
CA ARG F 47 -37.46 15.66 63.42
C ARG F 47 -37.39 15.12 61.99
N ASP F 48 -38.37 15.54 61.15
CA ASP F 48 -38.49 15.15 59.74
C ASP F 48 -37.55 15.95 58.84
N LEU F 49 -36.36 15.40 58.55
CA LEU F 49 -35.38 16.07 57.70
C LEU F 49 -35.37 15.52 56.25
N SER F 50 -36.49 14.88 55.86
CA SER F 50 -36.76 14.23 54.57
C SER F 50 -36.61 15.18 53.37
N PHE F 51 -36.92 16.48 53.57
CA PHE F 51 -36.83 17.52 52.54
C PHE F 51 -35.41 17.75 51.98
N LEU F 52 -34.39 17.32 52.74
CA LEU F 52 -32.97 17.42 52.38
C LEU F 52 -32.56 16.49 51.23
N ARG F 53 -33.48 15.61 50.80
CA ARG F 53 -33.29 14.67 49.68
C ARG F 53 -33.39 15.40 48.35
N SER F 54 -33.93 16.63 48.36
CA SER F 54 -34.06 17.48 47.19
C SER F 54 -32.69 18.01 46.73
N VAL F 55 -31.76 18.25 47.69
CA VAL F 55 -30.40 18.78 47.47
C VAL F 55 -29.45 17.78 46.79
N ARG F 56 -28.85 18.21 45.66
CA ARG F 56 -27.88 17.43 44.89
C ARG F 56 -26.55 18.13 44.58
N GLU F 57 -26.51 19.47 44.74
CA GLU F 57 -25.30 20.29 44.56
C GLU F 57 -25.28 21.44 45.56
N VAL F 58 -24.13 21.63 46.23
CA VAL F 58 -23.89 22.74 47.18
C VAL F 58 -22.65 23.48 46.67
N THR F 59 -22.83 24.74 46.25
CA THR F 59 -21.77 25.58 45.69
C THR F 59 -20.74 26.01 46.73
N GLY F 60 -21.24 26.34 47.92
CA GLY F 60 -20.41 26.75 49.04
C GLY F 60 -19.94 25.57 49.87
N TYR F 61 -20.30 25.56 51.18
CA TYR F 61 -19.95 24.50 52.13
C TYR F 61 -21.16 23.85 52.81
N VAL F 62 -20.96 22.66 53.41
CA VAL F 62 -21.97 21.89 54.15
C VAL F 62 -21.53 21.80 55.61
N LEU F 63 -22.34 22.40 56.51
CA LEU F 63 -22.09 22.43 57.94
C LEU F 63 -23.17 21.70 58.75
N VAL F 64 -22.82 20.52 59.31
CA VAL F 64 -23.71 19.72 60.16
C VAL F 64 -23.12 19.76 61.58
N ALA F 65 -23.58 20.72 62.40
CA ALA F 65 -23.08 20.86 63.77
C ALA F 65 -24.19 21.08 64.82
N LEU F 66 -23.89 20.74 66.11
CA LEU F 66 -24.75 20.89 67.29
C LEU F 66 -26.14 20.23 67.19
N ASN F 67 -26.24 19.11 66.45
CA ASN F 67 -27.50 18.40 66.23
C ASN F 67 -27.81 17.28 67.22
N GLN F 68 -29.02 16.71 67.16
CA GLN F 68 -29.46 15.64 68.05
C GLN F 68 -30.21 14.54 67.29
N PHE F 69 -30.57 14.78 66.02
CA PHE F 69 -31.30 13.80 65.20
C PHE F 69 -30.51 12.54 64.84
N ARG F 70 -31.24 11.44 64.55
CA ARG F 70 -30.69 10.12 64.24
C ARG F 70 -29.99 10.01 62.88
N TYR F 71 -30.73 10.24 61.78
CA TYR F 71 -30.22 10.09 60.41
C TYR F 71 -30.22 11.40 59.59
N LEU F 72 -29.13 11.60 58.77
CA LEU F 72 -28.93 12.75 57.86
C LEU F 72 -29.38 12.38 56.42
N PRO F 73 -30.58 12.84 55.99
CA PRO F 73 -31.08 12.43 54.69
C PRO F 73 -30.66 13.32 53.52
N LEU F 74 -29.36 13.35 53.24
CA LEU F 74 -28.80 14.10 52.11
C LEU F 74 -28.30 13.10 51.06
N GLU F 75 -29.16 12.10 50.73
CA GLU F 75 -28.87 11.00 49.80
C GLU F 75 -28.56 11.44 48.37
N ASN F 76 -29.28 12.47 47.88
CA ASN F 76 -29.11 12.96 46.51
C ASN F 76 -27.90 13.87 46.29
N LEU F 77 -27.29 14.42 47.38
CA LEU F 77 -26.12 15.30 47.26
C LEU F 77 -24.92 14.53 46.73
N ARG F 78 -24.34 15.05 45.62
CA ARG F 78 -23.17 14.49 44.92
C ARG F 78 -21.95 15.43 44.88
N ILE F 79 -22.21 16.76 44.83
CA ILE F 79 -21.13 17.73 44.79
C ILE F 79 -21.22 18.87 45.78
N ILE F 80 -20.06 19.13 46.40
CA ILE F 80 -19.81 20.26 47.29
C ILE F 80 -18.63 20.98 46.58
N ARG F 81 -18.92 22.10 45.91
CA ARG F 81 -17.93 22.86 45.13
C ARG F 81 -16.83 23.49 45.97
N GLY F 82 -17.19 23.93 47.17
CA GLY F 82 -16.26 24.54 48.10
C GLY F 82 -15.71 25.87 47.65
N THR F 83 -16.56 26.71 46.99
CA THR F 83 -16.20 28.06 46.52
C THR F 83 -15.98 28.94 47.75
N LYS F 84 -16.76 28.67 48.82
CA LYS F 84 -16.67 29.30 50.14
C LYS F 84 -16.50 28.18 51.16
N LEU F 85 -15.65 28.37 52.17
CA LEU F 85 -15.37 27.31 53.15
C LEU F 85 -15.62 27.72 54.58
N TYR F 86 -16.16 26.79 55.39
CA TYR F 86 -16.36 27.00 56.82
C TYR F 86 -14.97 27.01 57.43
N GLU F 87 -14.65 28.07 58.21
CA GLU F 87 -13.36 28.31 58.87
C GLU F 87 -12.24 28.49 57.82
N ASP F 88 -12.65 28.75 56.54
CA ASP F 88 -11.81 28.93 55.36
C ASP F 88 -11.02 27.68 54.97
N ARG F 89 -11.25 26.55 55.68
CA ARG F 89 -10.54 25.28 55.47
C ARG F 89 -11.42 24.11 55.05
N TYR F 90 -12.60 23.94 55.65
CA TYR F 90 -13.46 22.78 55.35
C TYR F 90 -14.67 23.09 54.51
N ALA F 91 -15.03 22.15 53.63
CA ALA F 91 -16.20 22.22 52.76
C ALA F 91 -17.30 21.35 53.36
N LEU F 92 -16.90 20.36 54.16
CA LEU F 92 -17.81 19.49 54.86
C LEU F 92 -17.35 19.40 56.30
N ALA F 93 -18.21 19.83 57.24
CA ALA F 93 -17.90 19.81 58.66
C ALA F 93 -19.04 19.22 59.45
N ILE F 94 -18.79 18.02 60.01
CA ILE F 94 -19.73 17.31 60.87
C ILE F 94 -19.07 17.16 62.24
N PHE F 95 -19.56 17.94 63.23
CA PHE F 95 -19.02 17.95 64.59
C PHE F 95 -20.04 18.28 65.67
N LEU F 96 -19.77 17.79 66.91
CA LEU F 96 -20.55 17.99 68.14
C LEU F 96 -22.06 17.76 68.00
N ASN F 97 -22.43 16.66 67.30
CA ASN F 97 -23.81 16.29 67.04
C ASN F 97 -24.37 15.26 68.03
N TYR F 98 -24.29 15.60 69.33
CA TYR F 98 -24.77 14.78 70.45
C TYR F 98 -25.25 15.67 71.60
N ARG F 99 -26.15 15.13 72.45
CA ARG F 99 -26.59 15.84 73.65
C ARG F 99 -25.59 15.44 74.76
N LYS F 100 -24.81 16.41 75.30
CA LYS F 100 -23.82 16.16 76.35
C LYS F 100 -24.50 15.47 77.54
N ASP F 101 -24.25 14.15 77.66
CA ASP F 101 -24.83 13.22 78.65
C ASP F 101 -26.31 12.96 78.36
N GLY F 102 -26.56 12.45 77.15
CA GLY F 102 -27.89 12.12 76.64
C GLY F 102 -27.83 11.26 75.40
N LEU F 106 -26.37 12.11 66.62
CA LEU F 106 -26.20 11.57 65.28
C LEU F 106 -25.51 10.22 65.30
N GLN F 107 -26.07 9.26 64.55
CA GLN F 107 -25.59 7.88 64.46
C GLN F 107 -25.12 7.51 63.05
N GLU F 108 -25.88 7.87 62.01
CA GLU F 108 -25.47 7.59 60.62
C GLU F 108 -25.91 8.66 59.64
N LEU F 109 -24.97 9.15 58.81
CA LEU F 109 -25.22 10.18 57.80
C LEU F 109 -25.24 9.57 56.40
N GLY F 110 -26.37 9.75 55.71
CA GLY F 110 -26.57 9.16 54.38
C GLY F 110 -26.12 10.00 53.22
N LEU F 111 -24.84 9.84 52.80
CA LEU F 111 -24.26 10.55 51.66
C LEU F 111 -23.81 9.53 50.61
N LYS F 112 -24.79 8.75 50.09
CA LYS F 112 -24.65 7.68 49.09
C LYS F 112 -24.04 8.18 47.76
N ASN F 113 -24.65 9.20 47.17
CA ASN F 113 -24.15 9.84 45.97
C ASN F 113 -22.85 10.64 46.13
N LEU F 114 -22.72 11.33 47.26
CA LEU F 114 -21.59 12.24 47.51
C LEU F 114 -20.24 11.64 47.15
N THR F 115 -19.76 12.01 45.96
CA THR F 115 -18.51 11.51 45.40
C THR F 115 -17.45 12.56 45.12
N GLU F 116 -17.79 13.86 45.04
CA GLU F 116 -16.78 14.91 44.79
C GLU F 116 -16.93 16.25 45.54
N ILE F 117 -15.80 16.71 46.11
CA ILE F 117 -15.62 17.97 46.81
C ILE F 117 -14.50 18.75 46.08
N LEU F 118 -14.92 19.56 45.10
CA LEU F 118 -14.09 20.35 44.19
C LEU F 118 -12.93 21.12 44.79
N ASN F 119 -13.13 21.69 45.98
CA ASN F 119 -12.12 22.46 46.68
C ASN F 119 -12.39 22.47 48.18
N GLY F 120 -11.34 22.31 48.97
CA GLY F 120 -11.42 22.32 50.42
C GLY F 120 -11.24 20.96 51.07
N GLY F 121 -11.28 20.94 52.40
CA GLY F 121 -11.11 19.73 53.21
C GLY F 121 -12.38 19.21 53.86
N VAL F 122 -12.22 18.17 54.72
CA VAL F 122 -13.32 17.52 55.44
C VAL F 122 -12.99 17.45 56.94
N TYR F 123 -13.99 17.71 57.80
CA TYR F 123 -13.87 17.63 59.24
C TYR F 123 -14.98 16.75 59.83
N VAL F 124 -14.62 15.52 60.22
CA VAL F 124 -15.55 14.58 60.86
C VAL F 124 -14.90 14.09 62.17
N ASP F 125 -15.08 14.88 63.24
CA ASP F 125 -14.55 14.61 64.57
C ASP F 125 -15.56 15.10 65.62
N GLN F 126 -15.41 14.68 66.89
CA GLN F 126 -16.28 15.03 68.03
C GLN F 126 -17.74 14.51 67.88
N ASN F 127 -17.88 13.31 67.27
CA ASN F 127 -19.15 12.61 67.06
C ASN F 127 -19.10 11.22 67.71
N LYS F 128 -19.52 11.14 69.00
CA LYS F 128 -19.52 9.94 69.85
C LYS F 128 -20.38 8.80 69.29
N PHE F 129 -21.67 9.06 69.07
CA PHE F 129 -22.67 8.08 68.59
C PHE F 129 -22.51 7.69 67.12
N LEU F 130 -21.92 8.58 66.30
CA LEU F 130 -21.73 8.38 64.86
C LEU F 130 -20.70 7.30 64.48
N CYS F 131 -21.20 6.25 63.80
CA CYS F 131 -20.41 5.13 63.29
C CYS F 131 -20.57 5.08 61.77
N TYR F 132 -19.98 4.05 61.11
CA TYR F 132 -19.98 3.77 59.66
C TYR F 132 -19.14 4.74 58.81
N ALA F 133 -19.26 6.06 59.06
CA ALA F 133 -18.58 7.13 58.33
C ALA F 133 -17.05 7.17 58.46
N ASP F 134 -16.50 6.52 59.51
CA ASP F 134 -15.05 6.44 59.77
C ASP F 134 -14.33 5.61 58.70
N THR F 135 -15.01 4.57 58.16
CA THR F 135 -14.49 3.66 57.14
C THR F 135 -14.77 4.19 55.72
N ILE F 136 -14.47 5.49 55.50
CA ILE F 136 -14.67 6.15 54.22
C ILE F 136 -13.31 6.71 53.73
N HIS F 137 -12.98 6.46 52.46
CA HIS F 137 -11.75 6.93 51.82
C HIS F 137 -12.02 8.30 51.19
N TRP F 138 -11.79 9.35 51.98
CA TRP F 138 -12.03 10.73 51.58
C TRP F 138 -11.10 11.22 50.47
N GLN F 139 -9.95 10.53 50.24
CA GLN F 139 -9.00 10.85 49.16
C GLN F 139 -9.62 10.64 47.77
N ASP F 140 -10.73 9.88 47.71
CA ASP F 140 -11.52 9.61 46.52
C ASP F 140 -12.46 10.81 46.23
N ILE F 141 -13.12 11.32 47.30
CA ILE F 141 -14.07 12.44 47.24
C ILE F 141 -13.33 13.79 47.14
N VAL F 142 -12.26 13.98 47.93
CA VAL F 142 -11.44 15.19 47.92
C VAL F 142 -10.53 15.15 46.69
N ARG F 143 -10.87 15.95 45.67
CA ARG F 143 -10.12 16.06 44.41
C ARG F 143 -8.70 16.64 44.67
N ASN F 144 -8.58 17.49 45.72
CA ASN F 144 -7.36 18.15 46.16
C ASN F 144 -6.35 17.18 46.79
N PRO F 145 -5.02 17.42 46.59
CA PRO F 145 -4.02 16.51 47.18
C PRO F 145 -3.75 16.74 48.68
N TRP F 146 -2.50 17.10 49.05
CA TRP F 146 -2.05 17.32 50.43
C TRP F 146 -1.65 18.79 50.72
N PRO F 147 -1.96 19.36 51.91
CA PRO F 147 -2.62 18.75 53.08
C PRO F 147 -4.15 18.91 53.14
N THR F 151 -7.07 17.09 57.90
CA THR F 151 -8.45 16.81 57.54
C THR F 151 -8.92 15.48 58.21
N LEU F 152 -8.93 15.48 59.56
CA LEU F 152 -9.26 14.35 60.43
C LEU F 152 -10.69 13.83 60.28
N VAL F 153 -10.83 12.48 60.35
CA VAL F 153 -12.08 11.72 60.29
C VAL F 153 -12.05 10.60 61.34
N GLY F 170 -15.89 -3.42 52.21
CA GLY F 170 -14.76 -2.76 52.84
C GLY F 170 -15.03 -1.35 53.33
N ARG F 171 -15.61 -0.50 52.45
CA ARG F 171 -15.97 0.91 52.69
C ARG F 171 -17.49 1.09 52.56
N CYS F 172 -18.13 1.85 53.49
CA CYS F 172 -19.59 2.07 53.50
C CYS F 172 -20.07 3.27 54.33
N TRP F 173 -21.24 3.82 53.96
CA TRP F 173 -21.93 4.93 54.65
C TRP F 173 -22.95 4.38 55.65
N GLY F 174 -23.66 3.32 55.25
CA GLY F 174 -24.66 2.65 56.06
C GLY F 174 -24.45 1.15 56.11
N PRO F 175 -25.26 0.39 56.90
CA PRO F 175 -25.06 -1.07 56.96
C PRO F 175 -25.61 -1.85 55.76
N THR F 176 -26.54 -1.23 55.00
CA THR F 176 -27.18 -1.81 53.80
C THR F 176 -26.23 -1.99 52.60
N GLU F 177 -26.65 -2.79 51.61
CA GLU F 177 -25.86 -3.09 50.41
C GLU F 177 -25.74 -1.88 49.49
N ASN F 178 -26.82 -1.12 49.33
CA ASN F 178 -26.86 0.10 48.51
C ASN F 178 -26.16 1.28 49.19
N HIS F 179 -26.05 1.25 50.54
CA HIS F 179 -25.41 2.28 51.34
C HIS F 179 -23.90 1.99 51.56
N CYS F 180 -23.18 1.74 50.45
CA CYS F 180 -21.74 1.50 50.42
C CYS F 180 -21.07 2.56 49.52
N GLN F 181 -19.82 2.95 49.86
CA GLN F 181 -19.04 3.96 49.13
C GLN F 181 -18.61 3.45 47.76
N THR F 182 -19.08 4.13 46.69
CA THR F 182 -18.72 3.79 45.32
C THR F 182 -17.46 4.56 44.92
N LEU F 183 -16.34 3.83 44.73
CA LEU F 183 -15.04 4.39 44.38
C LEU F 183 -14.95 4.78 42.91
N THR F 184 -14.51 6.03 42.64
CA THR F 184 -14.45 6.63 41.31
C THR F 184 -13.08 7.30 41.00
N ARG F 185 -12.09 7.21 41.91
CA ARG F 185 -10.78 7.83 41.68
C ARG F 185 -9.60 6.87 41.81
N THR F 186 -9.60 6.04 42.87
CA THR F 186 -8.53 5.07 43.15
C THR F 186 -8.65 3.74 42.40
N VAL F 187 -9.86 3.43 41.88
CA VAL F 187 -10.20 2.20 41.15
C VAL F 187 -9.80 2.21 39.65
N CYS F 188 -9.71 3.42 39.05
CA CYS F 188 -9.42 3.73 37.63
C CYS F 188 -8.16 3.10 37.03
N ALA F 189 -8.04 3.22 35.71
CA ALA F 189 -6.89 2.75 34.95
C ALA F 189 -5.71 3.71 35.14
N GLU F 190 -4.47 3.16 35.04
CA GLU F 190 -3.16 3.83 35.17
C GLU F 190 -3.08 5.21 34.52
N GLN F 191 -3.60 5.32 33.27
CA GLN F 191 -3.57 6.56 32.49
C GLN F 191 -4.37 7.71 33.11
N CYS F 192 -5.71 7.60 33.20
CA CYS F 192 -6.55 8.66 33.78
C CYS F 192 -6.38 8.79 35.30
N CYS F 196 -14.22 8.06 36.54
CA CYS F 196 -14.27 6.82 35.75
C CYS F 196 -15.38 5.86 36.21
N TYR F 197 -15.95 5.05 35.28
CA TYR F 197 -17.01 4.10 35.61
C TYR F 197 -16.58 2.61 35.55
N GLY F 198 -15.34 2.37 35.96
CA GLY F 198 -14.71 1.05 35.99
C GLY F 198 -13.19 1.07 36.05
N PRO F 199 -12.53 -0.11 36.24
CA PRO F 199 -11.06 -0.13 36.33
C PRO F 199 -10.32 -0.17 35.00
N TYR F 200 -11.01 -0.57 33.91
CA TYR F 200 -10.48 -0.69 32.54
C TYR F 200 -10.19 0.67 31.85
N VAL F 201 -9.43 0.63 30.74
CA VAL F 201 -9.01 1.80 29.94
C VAL F 201 -10.19 2.44 29.20
N SER F 202 -11.19 1.64 28.77
CA SER F 202 -12.38 2.13 28.09
C SER F 202 -13.36 2.83 29.04
N ASP F 203 -13.36 2.42 30.33
CA ASP F 203 -14.26 2.90 31.39
C ASP F 203 -13.86 4.29 32.01
N CYS F 204 -13.58 5.30 31.17
CA CYS F 204 -13.19 6.64 31.63
C CYS F 204 -14.30 7.66 31.39
N CYS F 205 -14.34 8.71 32.25
CA CYS F 205 -15.29 9.82 32.18
C CYS F 205 -14.72 10.94 31.33
N HIS F 206 -15.53 11.99 31.06
CA HIS F 206 -15.13 13.19 30.30
C HIS F 206 -14.26 14.08 31.21
N ARG F 207 -13.30 14.82 30.63
CA ARG F 207 -12.36 15.69 31.36
C ARG F 207 -13.05 16.74 32.25
N GLU F 208 -14.11 17.37 31.71
CA GLU F 208 -14.94 18.41 32.33
C GLU F 208 -16.06 17.83 33.18
N CYS F 209 -15.75 16.80 33.98
CA CYS F 209 -16.74 16.14 34.83
C CYS F 209 -16.22 15.83 36.23
N ALA F 210 -17.09 16.05 37.24
CA ALA F 210 -16.80 15.78 38.65
C ALA F 210 -17.76 14.78 39.27
N GLY F 211 -17.19 13.72 39.84
CA GLY F 211 -17.95 12.66 40.50
C GLY F 211 -18.71 11.80 39.53
N GLY F 212 -17.99 10.85 38.92
CA GLY F 212 -18.49 9.85 37.98
C GLY F 212 -19.17 10.32 36.71
N CYS F 213 -19.79 9.34 36.01
CA CYS F 213 -20.54 9.43 34.75
C CYS F 213 -21.20 8.07 34.44
N SER F 214 -22.18 8.09 33.52
CA SER F 214 -22.89 6.89 33.05
C SER F 214 -22.45 6.49 31.63
N GLY F 215 -21.51 7.25 31.06
CA GLY F 215 -20.97 7.03 29.72
C GLY F 215 -19.73 7.87 29.43
N PRO F 216 -19.09 7.68 28.25
CA PRO F 216 -17.86 8.43 27.95
C PRO F 216 -18.04 9.88 27.48
N LYS F 217 -19.27 10.26 27.08
CA LYS F 217 -19.62 11.61 26.60
C LYS F 217 -19.67 12.66 27.73
N ASP F 218 -19.63 13.96 27.34
CA ASP F 218 -19.75 15.07 28.28
C ASP F 218 -21.21 15.25 28.73
N THR F 219 -22.17 14.71 27.94
CA THR F 219 -23.61 14.74 28.21
C THR F 219 -24.00 13.76 29.32
N ASP F 220 -23.29 12.61 29.39
CA ASP F 220 -23.50 11.48 30.31
C ASP F 220 -23.02 11.69 31.77
N CYS F 221 -22.72 12.95 32.17
CA CYS F 221 -22.22 13.28 33.51
C CYS F 221 -23.25 13.73 34.49
N PHE F 222 -23.13 13.30 35.74
CA PHE F 222 -24.09 13.67 36.78
C PHE F 222 -24.08 15.17 37.06
N ALA F 223 -22.87 15.73 37.11
CA ALA F 223 -22.69 17.15 37.38
C ALA F 223 -21.57 17.72 36.52
N CYS F 224 -21.60 19.04 36.32
CA CYS F 224 -20.58 19.72 35.53
C CYS F 224 -19.62 20.47 36.45
N MET F 225 -18.34 20.20 36.29
CA MET F 225 -17.31 20.84 37.11
C MET F 225 -17.28 22.35 36.89
N ASN F 226 -17.43 22.78 35.64
CA ASN F 226 -17.40 24.19 35.31
C ASN F 226 -18.80 24.72 35.02
N PHE F 227 -19.36 24.37 33.85
CA PHE F 227 -20.68 24.87 33.44
C PHE F 227 -21.53 23.82 32.76
N ASN F 228 -22.86 23.96 32.85
CA ASN F 228 -23.79 23.03 32.22
C ASN F 228 -24.53 23.76 31.12
N ASP F 229 -24.16 23.46 29.87
CA ASP F 229 -24.78 24.07 28.68
C ASP F 229 -25.68 23.06 27.96
N SER F 230 -27.01 23.19 28.16
CA SER F 230 -28.04 22.34 27.57
C SER F 230 -27.73 20.84 27.66
N GLY F 231 -27.34 20.39 28.85
CA GLY F 231 -27.01 19.00 29.12
C GLY F 231 -25.53 18.64 29.08
N ALA F 232 -24.77 19.29 28.19
CA ALA F 232 -23.35 19.04 28.01
C ALA F 232 -22.47 19.91 28.90
N CYS F 233 -21.45 19.29 29.53
CA CYS F 233 -20.52 19.94 30.44
C CYS F 233 -19.36 20.60 29.70
N VAL F 234 -19.41 21.95 29.60
CA VAL F 234 -18.41 22.76 28.90
C VAL F 234 -17.42 23.47 29.82
N THR F 235 -16.35 24.04 29.23
CA THR F 235 -15.28 24.79 29.90
C THR F 235 -15.69 26.27 29.98
N GLN F 236 -16.48 26.75 29.00
CA GLN F 236 -17.02 28.11 28.88
C GLN F 236 -18.19 28.16 27.89
N CYS F 237 -19.19 29.00 28.19
CA CYS F 237 -20.41 29.17 27.38
C CYS F 237 -20.07 29.89 26.07
N PRO F 238 -20.86 29.76 24.97
CA PRO F 238 -20.54 30.51 23.73
C PRO F 238 -20.36 32.00 24.01
N GLN F 239 -19.18 32.52 23.65
CA GLN F 239 -18.76 33.91 23.91
C GLN F 239 -19.68 34.98 23.31
N THR F 240 -19.70 36.17 23.95
CA THR F 240 -20.49 37.34 23.55
C THR F 240 -20.12 37.87 22.16
N PHE F 241 -18.88 37.62 21.72
CA PHE F 241 -18.35 38.06 20.43
C PHE F 241 -17.88 36.94 19.53
N VAL F 242 -18.22 37.07 18.24
CA VAL F 242 -17.90 36.17 17.14
C VAL F 242 -16.83 36.78 16.23
N TYR F 243 -15.95 35.96 15.67
CA TYR F 243 -14.97 36.47 14.70
C TYR F 243 -15.54 36.22 13.31
N ASN F 244 -15.62 37.26 12.49
CA ASN F 244 -16.09 37.16 11.12
C ASN F 244 -14.87 37.09 10.19
N PRO F 245 -14.60 35.90 9.63
CA PRO F 245 -13.43 35.74 8.73
C PRO F 245 -13.34 36.70 7.56
N THR F 246 -14.49 37.18 7.04
CA THR F 246 -14.56 38.11 5.90
C THR F 246 -14.22 39.55 6.32
N THR F 247 -14.55 39.95 7.55
CA THR F 247 -14.27 41.32 8.03
C THR F 247 -12.91 41.45 8.75
N PHE F 248 -12.33 40.31 9.20
CA PHE F 248 -11.06 40.21 9.96
C PHE F 248 -11.13 40.89 11.31
N GLN F 249 -12.34 40.96 11.89
CA GLN F 249 -12.61 41.58 13.19
C GLN F 249 -13.83 40.98 13.89
N LEU F 250 -13.93 41.21 15.22
CA LEU F 250 -14.98 40.71 16.10
C LEU F 250 -16.32 41.42 15.92
N GLU F 251 -17.40 40.64 15.79
CA GLU F 251 -18.80 41.08 15.63
C GLU F 251 -19.61 40.59 16.85
N HIS F 252 -20.88 41.01 16.98
CA HIS F 252 -21.71 40.58 18.11
C HIS F 252 -22.35 39.20 17.86
N ASN F 253 -22.19 38.26 18.83
CA ASN F 253 -22.79 36.93 18.76
C ASN F 253 -24.22 37.00 19.27
N PHE F 254 -25.19 36.58 18.46
CA PHE F 254 -26.59 36.62 18.87
C PHE F 254 -27.13 35.33 19.48
N ASN F 255 -26.28 34.29 19.52
CA ASN F 255 -26.53 32.97 20.13
C ASN F 255 -25.64 32.88 21.40
N ALA F 256 -25.31 34.07 21.96
CA ALA F 256 -24.47 34.24 23.14
C ALA F 256 -25.20 33.94 24.44
N LYS F 257 -24.52 33.19 25.30
CA LYS F 257 -25.03 32.78 26.60
C LYS F 257 -24.16 33.41 27.69
N TYR F 258 -24.75 33.60 28.87
CA TYR F 258 -24.11 34.17 30.05
C TYR F 258 -24.02 33.18 31.21
N THR F 259 -23.03 33.40 32.10
CA THR F 259 -22.75 32.55 33.24
C THR F 259 -23.52 32.90 34.53
N TYR F 260 -24.38 31.97 34.99
CA TYR F 260 -25.11 32.09 36.24
C TYR F 260 -24.63 30.95 37.12
N GLY F 261 -23.63 31.24 37.96
CA GLY F 261 -23.03 30.27 38.87
C GLY F 261 -22.31 29.18 38.12
N ALA F 262 -23.06 28.13 37.70
CA ALA F 262 -22.56 26.98 36.93
C ALA F 262 -23.51 26.56 35.79
N PHE F 263 -24.38 27.47 35.33
CA PHE F 263 -25.34 27.23 34.25
C PHE F 263 -25.16 28.29 33.19
N CYS F 264 -25.41 27.96 31.90
CA CYS F 264 -25.31 28.95 30.82
C CYS F 264 -26.71 29.43 30.41
N VAL F 265 -27.03 30.70 30.74
CA VAL F 265 -28.34 31.30 30.50
C VAL F 265 -28.45 32.11 29.21
N LYS F 266 -29.55 31.92 28.48
CA LYS F 266 -29.85 32.65 27.24
C LYS F 266 -30.26 34.07 27.65
N LYS F 267 -30.99 34.17 28.78
CA LYS F 267 -31.49 35.39 29.41
C LYS F 267 -31.15 35.36 30.91
N CYS F 268 -30.63 36.49 31.45
CA CYS F 268 -30.23 36.68 32.84
C CYS F 268 -31.47 36.63 33.79
N PRO F 269 -31.39 36.04 35.01
CA PRO F 269 -32.59 35.91 35.86
C PRO F 269 -33.00 37.16 36.62
N HIS F 270 -34.30 37.22 37.02
CA HIS F 270 -34.92 38.29 37.83
C HIS F 270 -34.47 39.72 37.46
N ASN F 271 -33.91 40.47 38.44
CA ASN F 271 -33.37 41.83 38.30
C ASN F 271 -31.83 41.78 38.23
N PHE F 272 -31.30 40.63 37.76
CA PHE F 272 -29.88 40.37 37.57
C PHE F 272 -29.47 40.97 36.25
N VAL F 273 -28.44 41.80 36.31
CA VAL F 273 -27.87 42.52 35.19
C VAL F 273 -26.59 41.80 34.69
N VAL F 274 -26.30 41.89 33.39
CA VAL F 274 -25.13 41.24 32.79
C VAL F 274 -23.85 42.06 32.85
N ASP F 275 -22.77 41.46 33.39
CA ASP F 275 -21.44 42.08 33.52
C ASP F 275 -20.44 41.27 32.68
N SER F 276 -20.12 41.77 31.47
CA SER F 276 -19.22 41.15 30.48
C SER F 276 -19.79 39.81 29.96
N SER F 277 -19.78 38.80 30.81
CA SER F 277 -20.28 37.46 30.52
C SER F 277 -20.99 36.86 31.74
N SER F 278 -20.81 37.50 32.92
CA SER F 278 -21.37 37.09 34.21
C SER F 278 -22.78 37.64 34.42
N CYS F 279 -23.58 36.92 35.22
CA CYS F 279 -24.93 37.34 35.57
C CYS F 279 -24.91 37.87 37.01
N VAL F 280 -24.58 39.15 37.20
CA VAL F 280 -24.46 39.81 38.53
C VAL F 280 -25.79 40.38 39.07
N ARG F 281 -25.91 40.54 40.41
CA ARG F 281 -27.07 41.11 41.10
C ARG F 281 -27.18 42.61 40.77
N ALA F 282 -26.02 43.32 40.81
CA ALA F 282 -25.82 44.74 40.51
C ALA F 282 -24.37 44.99 40.09
N CYS F 283 -24.15 45.99 39.20
CA CYS F 283 -22.85 46.37 38.64
C CYS F 283 -21.85 46.91 39.70
N PRO F 284 -20.51 46.88 39.44
CA PRO F 284 -19.58 47.44 40.45
C PRO F 284 -19.54 48.98 40.43
N SER F 285 -18.65 49.57 41.24
CA SER F 285 -18.47 51.01 41.34
C SER F 285 -17.81 51.63 40.09
N SER F 286 -17.22 50.79 39.21
CA SER F 286 -16.55 51.25 38.00
C SER F 286 -17.42 51.25 36.72
N LYS F 287 -18.47 50.41 36.67
CA LYS F 287 -19.37 50.30 35.52
C LYS F 287 -20.78 50.79 35.85
N MET F 288 -21.47 51.39 34.87
CA MET F 288 -22.82 51.91 35.02
C MET F 288 -23.87 51.02 34.32
N GLU F 289 -25.02 50.82 35.00
CA GLU F 289 -26.14 50.01 34.51
C GLU F 289 -26.92 50.75 33.38
N VAL F 290 -26.69 50.32 32.13
CA VAL F 290 -27.33 50.91 30.93
C VAL F 290 -28.42 50.00 30.31
N GLU F 291 -28.66 50.09 28.97
CA GLU F 291 -29.61 49.26 28.22
C GLU F 291 -29.20 49.06 26.75
N GLY F 294 -30.75 47.62 24.19
CA GLY F 294 -31.95 46.81 24.29
C GLY F 294 -32.04 46.00 25.57
N ILE F 295 -30.96 45.26 25.89
CA ILE F 295 -30.83 44.38 27.07
C ILE F 295 -30.04 45.10 28.19
N LYS F 296 -30.46 44.95 29.46
CA LYS F 296 -29.78 45.63 30.58
C LYS F 296 -28.42 45.03 30.91
N MET F 297 -27.35 45.87 30.79
CA MET F 297 -25.95 45.48 30.98
C MET F 297 -25.05 46.55 31.59
N CYS F 298 -23.89 46.14 32.15
CA CYS F 298 -22.91 47.07 32.71
C CYS F 298 -22.00 47.54 31.58
N LYS F 299 -21.57 48.80 31.63
CA LYS F 299 -20.66 49.41 30.63
C LYS F 299 -19.81 50.48 31.32
N PRO F 300 -18.47 50.57 31.08
CA PRO F 300 -17.67 51.60 31.77
C PRO F 300 -17.89 53.01 31.22
N ILE F 304 -15.98 58.82 37.81
CA ILE F 304 -16.54 59.04 36.47
C ILE F 304 -18.03 58.68 36.45
N CYS F 305 -18.44 57.67 37.24
CA CYS F 305 -19.82 57.17 37.28
C CYS F 305 -20.89 58.17 37.74
N PRO F 306 -21.96 58.35 36.91
CA PRO F 306 -23.00 59.35 37.22
C PRO F 306 -23.78 59.18 38.51
N LYS F 307 -23.94 60.28 39.25
CA LYS F 307 -24.68 60.36 40.50
C LYS F 307 -25.48 61.67 40.51
N ALA F 308 -26.83 61.57 40.61
CA ALA F 308 -27.72 62.72 40.64
C ALA F 308 -28.03 63.10 42.09
N CYS F 309 -27.65 64.33 42.50
CA CYS F 309 -27.82 64.84 43.85
C CYS F 309 -28.70 66.09 43.90
N ASP F 310 -29.22 66.41 45.09
CA ASP F 310 -30.04 67.61 45.29
C ASP F 310 -29.18 68.78 45.70
N GLY F 311 -29.43 69.93 45.09
CA GLY F 311 -28.72 71.17 45.38
C GLY F 311 -29.41 72.00 46.45
N ILE F 312 -29.01 73.27 46.60
CA ILE F 312 -29.60 74.17 47.59
C ILE F 312 -31.02 74.51 47.14
N GLY F 313 -31.97 74.30 48.05
CA GLY F 313 -33.40 74.54 47.82
C GLY F 313 -34.05 73.51 46.94
N THR F 314 -33.69 72.21 47.12
CA THR F 314 -34.22 71.11 46.31
C THR F 314 -34.40 69.86 47.18
N GLY F 315 -35.66 69.40 47.26
CA GLY F 315 -36.08 68.22 48.01
C GLY F 315 -35.53 68.08 49.42
N SER F 316 -34.44 67.30 49.55
CA SER F 316 -33.75 67.03 50.83
C SER F 316 -33.09 68.27 51.45
N LEU F 317 -32.76 69.26 50.61
CA LEU F 317 -32.11 70.52 51.03
C LEU F 317 -32.97 71.76 50.74
N MET F 318 -34.31 71.61 50.78
CA MET F 318 -35.29 72.67 50.55
C MET F 318 -35.11 73.84 51.54
N SER F 319 -34.91 73.50 52.84
CA SER F 319 -34.71 74.40 53.98
C SER F 319 -33.42 75.21 53.89
N ALA F 320 -32.36 74.57 53.35
CA ALA F 320 -31.01 75.13 53.18
C ALA F 320 -31.01 76.40 52.34
N GLN F 321 -30.23 77.40 52.79
CA GLN F 321 -30.10 78.69 52.12
C GLN F 321 -28.72 78.85 51.50
N THR F 322 -27.72 78.16 52.08
CA THR F 322 -26.32 78.19 51.65
C THR F 322 -25.64 76.85 51.92
N VAL F 323 -24.50 76.61 51.25
CA VAL F 323 -23.68 75.43 51.47
C VAL F 323 -22.96 75.73 52.82
N ASP F 324 -23.01 74.78 53.77
CA ASP F 324 -22.37 74.94 55.08
C ASP F 324 -21.57 73.70 55.48
N SER F 325 -21.03 73.69 56.72
CA SER F 325 -20.25 72.57 57.25
C SER F 325 -21.03 71.25 57.35
N SER F 326 -22.35 71.31 57.54
CA SER F 326 -23.18 70.11 57.65
C SER F 326 -23.49 69.47 56.29
N ASN F 327 -24.25 70.19 55.44
CA ASN F 327 -24.69 69.74 54.13
C ASN F 327 -23.60 69.42 53.10
N ILE F 328 -22.36 69.94 53.29
CA ILE F 328 -21.23 69.73 52.38
C ILE F 328 -21.00 68.27 51.98
N ASP F 329 -21.12 67.34 52.94
CA ASP F 329 -20.92 65.91 52.71
C ASP F 329 -22.00 65.23 51.86
N LYS F 330 -23.16 65.90 51.68
CA LYS F 330 -24.26 65.38 50.84
C LYS F 330 -23.93 65.51 49.34
N PHE F 331 -22.79 66.16 49.01
CA PHE F 331 -22.30 66.40 47.65
C PHE F 331 -21.19 65.44 47.22
N ILE F 332 -20.88 64.43 48.05
CA ILE F 332 -19.82 63.46 47.77
C ILE F 332 -20.07 62.59 46.52
N ASN F 333 -19.18 62.75 45.51
CA ASN F 333 -19.16 62.03 44.22
C ASN F 333 -20.34 62.30 43.29
N CYS F 334 -20.86 63.53 43.28
CA CYS F 334 -21.97 63.94 42.41
C CYS F 334 -21.46 64.47 41.08
N THR F 335 -22.23 64.22 40.00
CA THR F 335 -21.93 64.62 38.63
C THR F 335 -22.85 65.76 38.22
N LYS F 336 -24.15 65.58 38.51
CA LYS F 336 -25.24 66.51 38.23
C LYS F 336 -25.83 67.02 39.54
N ILE F 337 -26.27 68.27 39.57
CA ILE F 337 -26.92 68.89 40.72
C ILE F 337 -28.31 69.29 40.27
N ASN F 338 -29.34 68.68 40.90
CA ASN F 338 -30.75 68.92 40.60
C ASN F 338 -31.35 70.21 41.18
N GLY F 339 -30.49 71.01 41.81
CA GLY F 339 -30.83 72.31 42.37
C GLY F 339 -29.88 73.38 41.87
N ASN F 340 -29.42 74.25 42.81
CA ASN F 340 -28.48 75.34 42.56
C ASN F 340 -27.31 75.18 43.53
N LEU F 341 -26.33 76.08 43.45
CA LEU F 341 -25.20 76.10 44.37
C LEU F 341 -25.01 77.50 44.83
N ILE F 342 -25.20 77.73 46.13
CA ILE F 342 -25.13 79.06 46.74
C ILE F 342 -24.11 79.10 47.87
N PHE F 343 -23.11 79.97 47.71
CA PHE F 343 -22.05 80.16 48.69
C PHE F 343 -22.23 81.54 49.35
N LEU F 344 -22.83 81.54 50.55
CA LEU F 344 -23.11 82.76 51.29
C LEU F 344 -22.15 82.97 52.44
N VAL F 345 -22.03 84.22 52.91
CA VAL F 345 -21.16 84.61 54.03
C VAL F 345 -21.51 83.80 55.28
N THR F 346 -22.81 83.46 55.46
CA THR F 346 -23.36 82.63 56.54
C THR F 346 -22.89 81.16 56.41
N GLY F 347 -22.63 80.73 55.17
CA GLY F 347 -22.17 79.38 54.86
C GLY F 347 -20.66 79.31 54.95
N ILE F 348 -19.98 80.20 54.20
CA ILE F 348 -18.53 80.35 54.09
C ILE F 348 -17.88 80.62 55.45
N HIS F 349 -18.23 81.76 56.09
CA HIS F 349 -17.69 82.14 57.41
C HIS F 349 -18.46 81.53 58.56
N GLY F 350 -19.80 81.62 58.52
CA GLY F 350 -20.67 81.09 59.55
C GLY F 350 -20.82 81.97 60.77
N ASP F 351 -21.88 81.72 61.57
CA ASP F 351 -22.16 82.47 62.79
C ASP F 351 -21.65 81.68 64.02
N PRO F 352 -20.52 82.12 64.64
CA PRO F 352 -19.98 81.40 65.81
C PRO F 352 -20.84 81.47 67.09
N TYR F 353 -21.98 82.23 67.05
CA TYR F 353 -22.95 82.39 68.15
C TYR F 353 -24.41 82.01 67.71
N ASN F 354 -24.54 81.14 66.68
CA ASN F 354 -25.82 80.62 66.18
C ASN F 354 -25.71 79.18 65.65
N ALA F 355 -24.73 78.41 66.21
CA ALA F 355 -24.42 77.01 65.92
C ALA F 355 -24.10 76.71 64.44
N ILE F 356 -23.48 77.69 63.75
CA ILE F 356 -23.08 77.60 62.34
C ILE F 356 -21.56 77.65 62.25
N GLU F 357 -20.94 76.60 61.70
CA GLU F 357 -19.48 76.47 61.58
C GLU F 357 -18.93 76.94 60.22
N ALA F 358 -17.65 77.40 60.23
CA ALA F 358 -16.94 77.81 59.03
C ALA F 358 -16.43 76.56 58.30
N ILE F 359 -16.80 76.41 57.01
CA ILE F 359 -16.40 75.23 56.22
C ILE F 359 -14.90 75.20 55.97
N ASP F 360 -14.32 73.98 56.06
CA ASP F 360 -12.90 73.73 55.80
C ASP F 360 -12.70 73.92 54.30
N PRO F 361 -11.90 74.94 53.87
CA PRO F 361 -11.72 75.18 52.42
C PRO F 361 -11.24 73.97 51.61
N GLU F 362 -10.53 73.06 52.29
CA GLU F 362 -9.99 71.84 51.71
C GLU F 362 -11.11 70.82 51.41
N LYS F 363 -12.25 70.92 52.14
CA LYS F 363 -13.42 70.05 51.95
C LYS F 363 -14.20 70.41 50.68
N LEU F 364 -14.02 71.67 50.19
CA LEU F 364 -14.68 72.20 48.99
C LEU F 364 -14.37 71.46 47.70
N ASN F 365 -13.25 70.71 47.64
CA ASN F 365 -12.83 69.95 46.46
C ASN F 365 -13.86 68.90 46.05
N VAL F 366 -14.88 68.69 46.90
CA VAL F 366 -16.04 67.81 46.71
C VAL F 366 -16.74 68.07 45.34
N PHE F 367 -16.67 69.33 44.85
CA PHE F 367 -17.25 69.79 43.59
C PHE F 367 -16.40 69.53 42.35
N ARG F 368 -15.19 68.95 42.55
CA ARG F 368 -14.31 68.64 41.42
C ARG F 368 -14.90 67.54 40.53
N THR F 369 -15.87 66.79 41.08
CA THR F 369 -16.62 65.71 40.41
C THR F 369 -17.80 66.26 39.58
N VAL F 370 -18.39 67.40 40.02
CA VAL F 370 -19.54 68.08 39.43
C VAL F 370 -19.28 68.56 38.03
N ARG F 371 -20.19 68.19 37.11
CA ARG F 371 -20.13 68.50 35.69
C ARG F 371 -21.31 69.36 35.22
N GLU F 372 -22.45 69.28 35.94
CA GLU F 372 -23.68 70.01 35.60
C GLU F 372 -24.41 70.56 36.85
N ILE F 373 -24.98 71.77 36.73
CA ILE F 373 -25.80 72.44 37.74
C ILE F 373 -27.04 72.94 36.97
N THR F 374 -28.19 72.26 37.15
CA THR F 374 -29.44 72.58 36.45
C THR F 374 -30.00 74.00 36.71
N GLY F 375 -29.90 74.47 37.95
CA GLY F 375 -30.36 75.80 38.35
C GLY F 375 -29.32 76.87 38.09
N PHE F 376 -28.79 77.50 39.17
CA PHE F 376 -27.78 78.56 39.09
C PHE F 376 -26.60 78.40 40.04
N LEU F 377 -25.52 79.19 39.81
CA LEU F 377 -24.34 79.23 40.65
C LEU F 377 -24.17 80.66 41.11
N ASN F 378 -24.47 80.90 42.39
CA ASN F 378 -24.40 82.20 43.05
C ASN F 378 -23.28 82.20 44.11
N ILE F 379 -22.14 82.83 43.79
CA ILE F 379 -21.00 82.90 44.69
C ILE F 379 -20.88 84.31 45.30
N GLN F 380 -21.51 84.52 46.46
CA GLN F 380 -21.49 85.78 47.18
C GLN F 380 -20.32 85.88 48.18
N SER F 381 -19.80 84.71 48.61
CA SER F 381 -18.64 84.60 49.50
C SER F 381 -17.79 83.36 49.15
N TRP F 382 -16.48 83.47 49.35
CA TRP F 382 -15.53 82.42 49.01
C TRP F 382 -14.33 82.48 49.98
N PRO F 383 -13.74 81.31 50.35
CA PRO F 383 -12.60 81.34 51.30
C PRO F 383 -11.41 82.22 50.87
N PRO F 384 -10.80 82.97 51.82
CA PRO F 384 -9.70 83.88 51.45
C PRO F 384 -8.36 83.30 50.97
N ASN F 385 -7.98 82.06 51.34
CA ASN F 385 -6.74 81.49 50.81
C ASN F 385 -6.92 81.05 49.34
N MET F 386 -8.21 80.94 48.88
CA MET F 386 -8.65 80.54 47.54
C MET F 386 -8.77 81.70 46.57
N THR F 387 -8.01 81.61 45.45
CA THR F 387 -7.87 82.63 44.40
C THR F 387 -8.63 82.32 43.11
N ASP F 388 -9.33 81.18 43.05
CA ASP F 388 -10.04 80.75 41.85
C ASP F 388 -11.20 79.83 42.14
N PHE F 389 -11.94 79.50 41.08
CA PHE F 389 -13.02 78.54 41.16
C PHE F 389 -12.55 77.30 40.40
N SER F 390 -11.29 76.88 40.66
CA SER F 390 -10.68 75.70 40.05
C SER F 390 -11.36 74.41 40.55
N VAL F 391 -12.15 74.49 41.64
CA VAL F 391 -12.93 73.35 42.15
C VAL F 391 -14.02 72.96 41.16
N PHE F 392 -14.46 73.91 40.31
CA PHE F 392 -15.46 73.69 39.27
C PHE F 392 -14.77 73.37 37.93
N SER F 393 -13.54 72.85 38.01
CA SER F 393 -12.75 72.50 36.84
C SER F 393 -13.43 71.51 35.93
N ASN F 394 -14.30 70.65 36.46
CA ASN F 394 -15.04 69.68 35.65
C ASN F 394 -16.43 70.19 35.24
N LEU F 395 -16.86 71.34 35.85
CA LEU F 395 -18.15 71.97 35.55
C LEU F 395 -18.18 72.37 34.09
N VAL F 396 -19.14 71.77 33.33
CA VAL F 396 -19.33 71.93 31.89
C VAL F 396 -20.55 72.75 31.51
N THR F 397 -21.70 72.48 32.14
CA THR F 397 -22.96 73.19 31.84
C THR F 397 -23.69 73.77 33.05
N ILE F 398 -24.01 75.06 32.98
CA ILE F 398 -24.82 75.72 34.00
C ILE F 398 -26.19 75.84 33.35
N GLY F 399 -27.10 74.98 33.76
CA GLY F 399 -28.45 74.87 33.24
C GLY F 399 -29.19 76.19 33.12
N GLY F 400 -29.59 76.75 34.26
CA GLY F 400 -30.32 78.00 34.28
C GLY F 400 -31.81 77.78 34.31
N ARG F 401 -32.23 76.60 34.81
CA ARG F 401 -33.63 76.19 34.98
C ARG F 401 -34.29 77.16 35.98
N VAL F 402 -33.54 77.52 37.04
CA VAL F 402 -33.90 78.45 38.11
C VAL F 402 -32.91 79.63 37.98
N LEU F 403 -33.37 80.90 38.20
CA LEU F 403 -32.49 82.07 38.09
C LEU F 403 -32.66 83.05 39.25
N TYR F 404 -31.53 83.42 39.91
CA TYR F 404 -31.54 84.41 41.01
C TYR F 404 -31.50 85.80 40.40
N SER F 405 -32.66 86.50 40.38
CA SER F 405 -32.86 87.83 39.79
C SER F 405 -32.57 87.83 38.26
N GLY F 406 -32.90 86.71 37.62
CA GLY F 406 -32.72 86.50 36.20
C GLY F 406 -31.29 86.13 35.81
N LEU F 407 -30.49 85.72 36.81
CA LEU F 407 -29.08 85.35 36.60
C LEU F 407 -28.82 83.88 36.83
N SER F 408 -27.98 83.29 35.98
CA SER F 408 -27.58 81.89 36.15
C SER F 408 -26.20 81.86 36.80
N LEU F 409 -25.43 82.96 36.70
CA LEU F 409 -24.09 83.08 37.28
C LEU F 409 -23.88 84.41 38.00
N LEU F 410 -23.34 84.35 39.23
CA LEU F 410 -23.08 85.54 40.06
C LEU F 410 -21.74 85.41 40.75
N ILE F 411 -20.80 86.29 40.43
CA ILE F 411 -19.50 86.33 41.08
C ILE F 411 -19.39 87.75 41.66
N LEU F 412 -19.73 87.87 42.95
CA LEU F 412 -19.86 89.16 43.62
C LEU F 412 -18.95 89.51 44.79
N LYS F 413 -18.36 90.71 44.71
CA LYS F 413 -17.51 91.34 45.71
C LYS F 413 -16.46 90.40 46.28
N GLN F 414 -15.69 89.76 45.40
CA GLN F 414 -14.64 88.81 45.80
C GLN F 414 -13.24 89.41 45.57
N GLN F 415 -12.62 89.83 46.69
CA GLN F 415 -11.30 90.46 46.67
C GLN F 415 -10.18 89.44 46.60
N GLY F 416 -10.41 88.25 47.16
CA GLY F 416 -9.45 87.16 47.21
C GLY F 416 -9.14 86.47 45.90
N ILE F 417 -9.99 86.66 44.86
CA ILE F 417 -9.81 86.00 43.56
C ILE F 417 -8.96 86.76 42.54
N THR F 418 -8.17 85.99 41.75
CA THR F 418 -7.25 86.43 40.68
C THR F 418 -7.79 86.05 39.30
N SER F 419 -8.30 84.81 39.16
CA SER F 419 -8.82 84.27 37.91
C SER F 419 -10.11 83.49 38.15
N LEU F 420 -10.89 83.25 37.09
CA LEU F 420 -12.13 82.48 37.17
C LEU F 420 -11.84 80.98 37.21
N GLN F 421 -11.06 80.48 36.22
CA GLN F 421 -10.58 79.10 36.12
C GLN F 421 -11.60 77.97 35.90
N PHE F 422 -12.73 78.28 35.23
CA PHE F 422 -13.81 77.33 34.93
C PHE F 422 -13.53 76.25 33.86
N GLN F 423 -12.33 76.28 33.24
CA GLN F 423 -11.79 75.41 32.17
C GLN F 423 -12.73 74.52 31.34
N SER F 424 -13.53 73.67 32.00
CA SER F 424 -14.46 72.79 31.30
C SER F 424 -15.77 73.43 30.93
N LEU F 425 -16.08 74.62 31.50
CA LEU F 425 -17.32 75.34 31.18
C LEU F 425 -17.40 75.69 29.70
N LYS F 426 -18.48 75.21 29.05
CA LYS F 426 -18.73 75.36 27.61
C LYS F 426 -20.09 75.94 27.26
N GLU F 427 -21.15 75.62 28.04
CA GLU F 427 -22.49 76.13 27.77
C GLU F 427 -23.24 76.58 29.02
N ILE F 428 -23.93 77.73 28.91
CA ILE F 428 -24.81 78.34 29.92
C ILE F 428 -26.17 78.44 29.22
N SER F 429 -26.97 77.37 29.33
CA SER F 429 -28.26 77.19 28.64
C SER F 429 -29.23 78.38 28.67
N ALA F 430 -29.43 79.02 29.84
CA ALA F 430 -30.34 80.16 29.96
C ALA F 430 -29.95 81.11 31.10
N GLY F 431 -30.43 82.33 31.03
CA GLY F 431 -30.16 83.34 32.05
C GLY F 431 -29.03 84.28 31.70
N ASN F 432 -28.67 85.14 32.67
CA ASN F 432 -27.62 86.13 32.48
C ASN F 432 -26.45 85.94 33.43
N ILE F 433 -25.32 86.60 33.12
CA ILE F 433 -24.08 86.58 33.87
C ILE F 433 -23.88 87.88 34.68
N TYR F 434 -23.19 87.80 35.82
CA TYR F 434 -22.96 88.96 36.66
C TYR F 434 -21.65 88.83 37.42
N ILE F 435 -20.59 89.47 36.90
CA ILE F 435 -19.25 89.46 37.49
C ILE F 435 -18.90 90.91 37.82
N THR F 436 -19.13 91.30 39.08
CA THR F 436 -19.03 92.68 39.58
C THR F 436 -18.29 92.77 40.91
N ASP F 437 -17.56 93.90 41.10
CA ASP F 437 -16.80 94.30 42.30
C ASP F 437 -15.68 93.32 42.74
N ASN F 438 -15.09 92.59 41.78
CA ASN F 438 -14.01 91.66 42.07
C ASN F 438 -12.72 92.33 41.67
N SER F 439 -12.32 93.33 42.48
CA SER F 439 -11.17 94.22 42.32
C SER F 439 -9.81 93.62 41.92
N ASN F 440 -9.58 92.32 42.20
CA ASN F 440 -8.33 91.63 41.86
C ASN F 440 -8.47 90.57 40.74
N LEU F 441 -9.64 90.54 40.08
CA LEU F 441 -9.96 89.60 39.00
C LEU F 441 -9.52 90.12 37.64
N CYS F 442 -8.80 89.25 36.91
CA CYS F 442 -8.28 89.45 35.55
C CYS F 442 -8.84 88.35 34.63
N TYR F 443 -8.40 88.31 33.35
CA TYR F 443 -8.77 87.30 32.34
C TYR F 443 -10.25 87.30 31.90
N TYR F 444 -11.17 87.64 32.81
CA TYR F 444 -12.63 87.75 32.68
C TYR F 444 -13.12 88.54 31.46
N HIS F 445 -12.36 89.59 31.08
CA HIS F 445 -12.68 90.50 29.98
C HIS F 445 -12.40 89.93 28.59
N THR F 446 -11.32 89.11 28.47
CA THR F 446 -10.91 88.48 27.20
C THR F 446 -11.94 87.48 26.69
N ILE F 447 -12.68 86.85 27.62
CA ILE F 447 -13.70 85.84 27.34
C ILE F 447 -14.78 86.35 26.41
N ASN F 448 -15.01 85.58 25.35
CA ASN F 448 -16.06 85.76 24.36
C ASN F 448 -17.23 85.02 24.99
N TRP F 449 -17.98 85.71 25.84
CA TRP F 449 -19.10 85.13 26.58
C TRP F 449 -20.19 84.55 25.71
N THR F 450 -20.36 85.07 24.48
CA THR F 450 -21.35 84.61 23.52
C THR F 450 -21.18 83.17 23.05
N THR F 451 -19.99 82.57 23.31
CA THR F 451 -19.66 81.18 22.98
C THR F 451 -20.46 80.24 23.91
N LEU F 452 -20.61 80.66 25.18
CA LEU F 452 -21.29 79.92 26.24
C LEU F 452 -22.82 79.99 26.15
N PHE F 453 -23.37 81.11 25.66
CA PHE F 453 -24.81 81.31 25.52
C PHE F 453 -25.51 80.40 24.49
N SER F 454 -26.82 80.15 24.70
CA SER F 454 -27.68 79.31 23.88
C SER F 454 -28.87 80.12 23.31
N THR F 455 -28.94 81.42 23.66
CA THR F 455 -29.99 82.37 23.23
C THR F 455 -29.45 83.77 22.97
N ILE F 456 -30.17 84.55 22.16
CA ILE F 456 -29.84 85.92 21.76
C ILE F 456 -30.00 86.91 22.93
N ASN F 457 -31.08 86.76 23.72
CA ASN F 457 -31.41 87.62 24.87
C ASN F 457 -30.62 87.35 26.18
N GLN F 458 -29.41 86.80 26.04
CA GLN F 458 -28.50 86.49 27.15
C GLN F 458 -27.44 87.57 27.24
N ARG F 459 -27.42 88.31 28.35
CA ARG F 459 -26.49 89.42 28.57
C ARG F 459 -25.34 89.11 29.54
N ILE F 460 -24.27 89.91 29.43
CA ILE F 460 -23.07 89.83 30.27
C ILE F 460 -22.98 91.13 31.05
N VAL F 461 -22.70 91.03 32.36
CA VAL F 461 -22.55 92.22 33.21
C VAL F 461 -21.16 92.20 33.88
N ILE F 462 -20.22 92.89 33.25
CA ILE F 462 -18.86 93.08 33.73
C ILE F 462 -18.83 94.51 34.26
N ARG F 463 -18.44 94.69 35.53
CA ARG F 463 -18.45 96.04 36.08
C ARG F 463 -17.18 96.50 36.80
N ASP F 464 -17.13 96.36 38.13
CA ASP F 464 -16.02 96.89 38.91
C ASP F 464 -14.89 95.90 39.25
N ASN F 465 -14.49 95.12 38.24
CA ASN F 465 -13.39 94.16 38.35
C ASN F 465 -12.15 94.90 37.88
N ARG F 466 -10.93 94.39 38.18
CA ARG F 466 -9.66 95.04 37.80
C ARG F 466 -9.60 95.44 36.34
N LYS F 467 -9.12 96.67 36.05
CA LYS F 467 -8.99 97.28 34.72
C LYS F 467 -8.33 96.37 33.67
N ALA F 468 -8.92 96.29 32.46
CA ALA F 468 -8.40 95.49 31.35
C ALA F 468 -7.00 95.98 30.98
N GLU F 469 -6.77 97.30 31.08
CA GLU F 469 -5.53 98.03 30.83
C GLU F 469 -4.49 97.72 31.90
N ASN F 470 -4.96 97.52 33.15
CA ASN F 470 -4.10 97.19 34.29
C ASN F 470 -3.62 95.74 34.21
N CYS F 471 -4.54 94.77 33.90
CA CYS F 471 -4.20 93.35 33.78
C CYS F 471 -3.23 93.15 32.64
N THR F 472 -3.43 93.84 31.51
CA THR F 472 -2.57 93.79 30.33
C THR F 472 -1.13 94.22 30.68
N ALA F 473 -1.00 95.32 31.45
CA ALA F 473 0.29 95.89 31.87
C ALA F 473 1.08 95.01 32.83
N GLU F 474 0.39 94.35 33.77
CA GLU F 474 1.00 93.51 34.81
C GLU F 474 1.32 92.07 34.35
N GLY F 475 1.24 91.82 33.05
CA GLY F 475 1.51 90.52 32.44
C GLY F 475 0.47 89.47 32.74
N MET F 476 -0.79 89.87 32.86
CA MET F 476 -1.92 88.98 33.16
C MET F 476 -2.79 88.83 31.90
N VAL F 477 -2.18 88.26 30.85
CA VAL F 477 -2.84 88.05 29.56
C VAL F 477 -2.88 86.56 29.18
N CYS F 478 -3.65 86.22 28.13
CA CYS F 478 -3.79 84.86 27.66
C CYS F 478 -2.56 84.34 26.93
N ASN F 479 -2.42 83.02 26.89
CA ASN F 479 -1.31 82.31 26.25
C ASN F 479 -1.28 82.52 24.73
N HIS F 480 -0.08 82.44 24.12
CA HIS F 480 0.12 82.59 22.68
C HIS F 480 -0.60 81.48 21.91
N LEU F 481 -0.68 80.28 22.54
CA LEU F 481 -1.35 79.10 22.01
C LEU F 481 -2.87 79.20 22.19
N CYS F 482 -3.35 80.26 22.86
CA CYS F 482 -4.77 80.48 23.10
C CYS F 482 -5.40 81.30 22.01
N SER F 483 -6.61 80.88 21.59
CA SER F 483 -7.42 81.50 20.53
C SER F 483 -7.89 82.91 20.88
N SER F 484 -8.48 83.60 19.90
CA SER F 484 -9.05 84.94 20.03
C SER F 484 -10.24 85.03 20.99
N ASP F 485 -10.87 83.87 21.31
CA ASP F 485 -12.03 83.76 22.20
C ASP F 485 -11.74 84.11 23.66
N GLY F 486 -10.53 83.83 24.13
CA GLY F 486 -10.11 84.15 25.50
C GLY F 486 -9.66 83.00 26.35
N CYS F 487 -9.50 83.26 27.66
CA CYS F 487 -9.05 82.26 28.64
C CYS F 487 -9.60 82.52 30.06
N TRP F 488 -9.88 81.43 30.79
CA TRP F 488 -10.42 81.42 32.14
C TRP F 488 -9.41 81.85 33.21
N GLY F 489 -8.13 81.86 32.85
CA GLY F 489 -7.05 82.24 33.75
C GLY F 489 -5.71 81.96 33.10
N PRO F 490 -4.60 81.88 33.87
CA PRO F 490 -3.29 81.60 33.24
C PRO F 490 -3.10 80.12 32.91
N GLY F 491 -2.12 79.84 32.05
CA GLY F 491 -1.79 78.49 31.64
C GLY F 491 -2.48 78.05 30.37
N PRO F 492 -1.94 77.03 29.67
CA PRO F 492 -2.55 76.58 28.41
C PRO F 492 -3.81 75.73 28.59
N ASP F 493 -3.93 75.05 29.73
CA ASP F 493 -5.08 74.19 30.06
C ASP F 493 -6.36 75.01 30.19
N GLN F 494 -6.22 76.23 30.78
CA GLN F 494 -7.26 77.22 31.00
C GLN F 494 -7.30 78.07 29.72
N CYS F 495 -8.02 77.59 28.70
CA CYS F 495 -8.14 78.20 27.36
C CYS F 495 -9.58 78.04 26.94
N LEU F 496 -10.05 78.84 25.99
CA LEU F 496 -11.42 78.69 25.51
C LEU F 496 -11.50 77.85 24.27
N SER F 497 -10.39 77.83 23.50
CA SER F 497 -10.14 77.08 22.26
C SER F 497 -8.66 77.27 21.99
N CYS F 498 -7.97 76.29 21.38
CA CYS F 498 -6.56 76.48 21.08
C CYS F 498 -6.35 77.09 19.69
N ARG F 499 -5.24 77.81 19.52
CA ARG F 499 -4.85 78.44 18.25
C ARG F 499 -4.28 77.34 17.35
N ARG F 500 -3.64 76.32 17.98
CA ARG F 500 -3.02 75.20 17.30
C ARG F 500 -3.64 73.85 17.68
N PHE F 501 -2.92 73.03 18.49
CA PHE F 501 -3.35 71.68 18.87
C PHE F 501 -3.66 71.51 20.36
N SER F 502 -4.44 70.47 20.69
CA SER F 502 -4.84 70.13 22.06
C SER F 502 -4.50 68.69 22.45
N ARG F 503 -3.86 68.51 23.62
CA ARG F 503 -3.49 67.20 24.18
C ARG F 503 -4.35 67.08 25.43
N GLY F 504 -5.66 67.00 25.20
CA GLY F 504 -6.68 66.94 26.24
C GLY F 504 -7.21 68.32 26.53
N ARG F 505 -7.06 68.78 27.78
CA ARG F 505 -7.49 70.11 28.19
C ARG F 505 -6.47 71.16 27.71
N ILE F 506 -5.17 70.79 27.78
CA ILE F 506 -4.00 71.60 27.46
C ILE F 506 -3.90 71.93 25.96
N CYS F 507 -3.20 73.03 25.64
CA CYS F 507 -2.91 73.49 24.28
C CYS F 507 -1.41 73.31 24.03
N ILE F 508 -1.04 72.82 22.83
CA ILE F 508 0.36 72.62 22.45
C ILE F 508 0.66 73.04 21.01
N GLU F 509 1.96 73.09 20.67
CA GLU F 509 2.47 73.47 19.35
C GLU F 509 2.24 72.41 18.30
N SER F 510 2.51 71.13 18.63
CA SER F 510 2.34 69.99 17.74
C SER F 510 2.19 68.66 18.49
N CYS F 511 1.68 67.60 17.80
CA CYS F 511 1.52 66.26 18.36
C CYS F 511 2.87 65.54 18.35
N ASN F 512 2.93 64.35 18.95
CA ASN F 512 4.14 63.53 18.96
C ASN F 512 4.21 62.79 17.62
N LEU F 513 4.13 63.53 16.50
CA LEU F 513 4.14 62.99 15.13
C LEU F 513 5.45 62.30 14.82
N TYR F 514 6.57 62.94 15.17
CA TYR F 514 7.90 62.41 14.91
C TYR F 514 8.69 62.31 16.22
N ASP F 515 8.66 63.37 17.05
CA ASP F 515 9.35 63.40 18.34
C ASP F 515 8.35 63.11 19.47
N GLY F 516 8.52 61.99 20.17
CA GLY F 516 7.61 61.66 21.26
C GLY F 516 7.83 60.36 22.00
N GLU F 517 7.22 60.28 23.19
CA GLU F 517 7.25 59.14 24.12
C GLU F 517 6.14 58.16 23.72
N PHE F 518 4.93 58.70 23.47
CA PHE F 518 3.73 57.99 23.00
C PHE F 518 3.35 58.72 21.72
N ARG F 519 3.55 58.11 20.55
CA ARG F 519 3.27 58.77 19.28
C ARG F 519 1.79 59.04 19.06
N GLU F 520 1.48 60.18 18.44
CA GLU F 520 0.12 60.66 18.21
C GLU F 520 -0.20 60.93 16.75
N PHE F 521 -1.39 61.48 16.50
CA PHE F 521 -1.87 61.90 15.18
C PHE F 521 -2.85 63.07 15.31
N GLU F 522 -3.12 63.77 14.21
CA GLU F 522 -4.04 64.89 14.20
C GLU F 522 -5.46 64.56 13.71
N ASN F 523 -6.43 64.65 14.62
CA ASN F 523 -7.84 64.44 14.31
C ASN F 523 -8.51 65.81 14.40
N ASP F 524 -8.18 66.68 13.40
CA ASP F 524 -8.65 68.06 13.28
C ASP F 524 -8.26 68.88 14.54
N SER F 525 -6.94 69.11 14.70
CA SER F 525 -6.31 69.84 15.81
C SER F 525 -6.38 69.15 17.19
N ILE F 526 -6.69 67.84 17.24
CA ILE F 526 -6.78 67.05 18.49
C ILE F 526 -5.74 65.93 18.45
N CYS F 527 -4.83 65.92 19.44
CA CYS F 527 -3.73 64.95 19.52
C CYS F 527 -4.06 63.59 20.13
N VAL F 528 -4.76 62.78 19.34
CA VAL F 528 -5.15 61.41 19.65
C VAL F 528 -3.90 60.54 19.52
N GLU F 529 -3.66 59.69 20.51
CA GLU F 529 -2.52 58.78 20.55
C GLU F 529 -2.72 57.57 19.62
N CYS F 530 -1.63 57.08 19.00
CA CYS F 530 -1.65 55.91 18.11
C CYS F 530 -1.87 54.62 18.91
N ASP F 531 -2.51 53.59 18.27
CA ASP F 531 -2.83 52.29 18.84
C ASP F 531 -1.62 51.61 19.51
N PRO F 532 -1.79 50.84 20.61
CA PRO F 532 -0.63 50.20 21.24
C PRO F 532 0.02 49.13 20.38
N GLN F 533 -0.70 48.67 19.35
CA GLN F 533 -0.20 47.65 18.44
C GLN F 533 0.74 48.15 17.33
N CYS F 534 0.94 49.48 17.19
CA CYS F 534 1.86 50.05 16.19
C CYS F 534 3.28 50.07 16.77
N GLU F 535 4.28 49.95 15.89
CA GLU F 535 5.70 50.01 16.24
C GLU F 535 6.09 51.48 16.17
N LYS F 536 7.05 51.90 17.03
CA LYS F 536 7.59 53.27 17.12
C LYS F 536 8.53 53.57 15.92
N MET F 537 8.04 54.35 14.92
CA MET F 537 8.79 54.71 13.70
C MET F 537 9.83 55.80 13.96
N GLU F 538 11.06 55.59 13.48
CA GLU F 538 12.14 56.56 13.68
C GLU F 538 12.56 57.32 12.41
N ASP F 539 13.08 58.56 12.60
CA ASP F 539 13.57 59.50 11.58
C ASP F 539 12.55 59.85 10.47
N GLY F 540 11.81 60.94 10.71
CA GLY F 540 10.82 61.49 9.78
C GLY F 540 9.74 60.56 9.26
N LEU F 541 9.39 59.52 10.05
CA LEU F 541 8.37 58.55 9.68
C LEU F 541 7.23 58.54 10.69
N LEU F 542 6.00 58.69 10.19
CA LEU F 542 4.77 58.71 11.00
C LEU F 542 4.48 57.31 11.53
N THR F 543 4.09 57.20 12.80
CA THR F 543 3.77 55.92 13.44
C THR F 543 2.39 55.42 13.00
N CYS F 544 1.46 56.35 12.76
CA CYS F 544 0.10 56.01 12.32
C CYS F 544 -0.56 57.14 11.54
N HIS F 545 -1.46 56.79 10.62
CA HIS F 545 -2.21 57.74 9.80
C HIS F 545 -3.73 57.78 10.15
N GLY F 546 -4.06 57.21 11.31
CA GLY F 546 -5.43 57.17 11.81
C GLY F 546 -5.61 56.38 13.09
N PRO F 547 -6.87 56.29 13.58
CA PRO F 547 -7.12 55.54 14.82
C PRO F 547 -7.27 54.05 14.56
N GLY F 548 -7.32 53.27 15.64
CA GLY F 548 -7.47 51.83 15.57
C GLY F 548 -6.23 51.07 15.14
N PRO F 549 -6.34 49.73 14.97
CA PRO F 549 -5.15 48.93 14.63
C PRO F 549 -4.79 48.84 13.16
N ASP F 550 -5.75 49.02 12.26
CA ASP F 550 -5.51 48.93 10.83
C ASP F 550 -4.78 50.14 10.25
N ASN F 551 -4.60 51.20 11.05
CA ASN F 551 -3.95 52.43 10.60
C ASN F 551 -2.45 52.59 10.94
N CYS F 552 -1.81 51.54 11.49
CA CYS F 552 -0.38 51.55 11.84
C CYS F 552 0.49 51.58 10.58
N THR F 553 1.75 52.01 10.76
CA THR F 553 2.76 52.05 9.70
C THR F 553 3.46 50.69 9.67
N LYS F 554 3.77 50.14 10.86
CA LYS F 554 4.38 48.83 11.07
C LYS F 554 3.82 48.25 12.36
N CYS F 555 3.45 46.95 12.33
CA CYS F 555 2.86 46.27 13.49
C CYS F 555 3.96 45.75 14.41
N SER F 556 3.81 45.94 15.74
CA SER F 556 4.79 45.53 16.75
C SER F 556 4.77 44.03 17.08
N HIS F 557 3.69 43.33 16.72
CA HIS F 557 3.57 41.89 16.97
C HIS F 557 3.13 41.18 15.70
N PHE F 558 1.87 40.71 15.63
CA PHE F 558 1.32 40.02 14.44
C PHE F 558 0.32 40.90 13.72
N LYS F 559 -0.07 40.50 12.50
CA LYS F 559 -1.02 41.24 11.68
C LYS F 559 -2.00 40.30 11.01
N ASP F 560 -3.22 40.22 11.56
CA ASP F 560 -4.32 39.41 11.05
C ASP F 560 -5.11 40.23 10.02
N GLY F 561 -4.86 40.00 8.74
CA GLY F 561 -5.52 40.71 7.66
C GLY F 561 -5.07 42.16 7.57
N PRO F 562 -5.96 43.15 7.78
CA PRO F 562 -5.50 44.54 7.71
C PRO F 562 -4.93 45.08 9.04
N ASN F 563 -5.47 44.63 10.16
CA ASN F 563 -5.13 45.13 11.48
C ASN F 563 -4.09 44.37 12.26
N CYS F 564 -3.31 45.11 13.08
CA CYS F 564 -2.26 44.60 13.96
C CYS F 564 -2.88 44.05 15.25
N VAL F 565 -2.60 42.77 15.54
CA VAL F 565 -3.10 42.04 16.71
C VAL F 565 -1.93 41.65 17.63
N GLU F 566 -2.21 41.43 18.93
CA GLU F 566 -1.19 41.02 19.90
C GLU F 566 -0.79 39.55 19.71
N LYS F 567 -1.79 38.66 19.65
CA LYS F 567 -1.66 37.23 19.43
C LYS F 567 -2.37 36.84 18.15
N CYS F 568 -2.00 35.73 17.58
CA CYS F 568 -2.68 35.26 16.39
C CYS F 568 -3.93 34.44 16.81
N PRO F 569 -5.13 34.70 16.18
CA PRO F 569 -6.38 34.00 16.59
C PRO F 569 -6.35 32.49 16.88
N ASP F 570 -6.07 32.11 18.15
CA ASP F 570 -6.06 30.69 18.52
C ASP F 570 -7.34 30.27 19.28
N GLY F 571 -8.36 29.87 18.52
CA GLY F 571 -9.63 29.39 19.06
C GLY F 571 -10.71 30.42 19.34
N LEU F 572 -10.90 31.35 18.40
CA LEU F 572 -11.94 32.39 18.51
C LEU F 572 -13.26 31.76 18.04
N GLN F 573 -14.39 32.07 18.67
CA GLN F 573 -15.67 31.46 18.26
C GLN F 573 -16.16 32.01 16.91
N GLY F 574 -16.11 31.17 15.89
CA GLY F 574 -16.49 31.60 14.54
C GLY F 574 -17.80 31.05 14.05
N ALA F 575 -18.90 31.76 14.38
CA ALA F 575 -20.28 31.46 13.99
C ALA F 575 -20.74 29.99 14.23
N ASN F 576 -20.22 29.03 13.40
CA ASN F 576 -20.60 27.62 13.45
C ASN F 576 -19.38 26.68 13.51
N SER F 577 -18.25 27.22 13.98
CA SER F 577 -16.95 26.53 14.14
C SER F 577 -16.03 27.39 15.03
N PHE F 578 -14.75 27.05 15.09
CA PHE F 578 -13.77 27.85 15.81
C PHE F 578 -12.73 28.32 14.85
N ILE F 579 -12.25 29.55 15.04
CA ILE F 579 -11.29 30.15 14.14
C ILE F 579 -9.84 30.07 14.63
N PHE F 580 -9.05 29.22 13.95
CA PHE F 580 -7.63 28.98 14.21
C PHE F 580 -6.76 29.50 13.07
N LYS F 581 -5.67 30.18 13.44
CA LYS F 581 -4.73 30.80 12.51
C LYS F 581 -3.30 30.62 12.96
N TYR F 582 -2.42 30.36 11.99
CA TYR F 582 -1.01 30.21 12.25
C TYR F 582 -0.27 31.46 11.82
N ALA F 583 0.86 31.73 12.47
CA ALA F 583 1.73 32.85 12.13
C ALA F 583 2.82 32.36 11.19
N ASP F 584 3.11 33.13 10.14
CA ASP F 584 4.17 32.82 9.18
C ASP F 584 5.47 33.53 9.67
N PRO F 585 6.68 33.28 9.10
CA PRO F 585 7.89 33.95 9.61
C PRO F 585 7.91 35.48 9.49
N ASP F 586 7.12 36.08 8.58
CA ASP F 586 7.04 37.53 8.38
C ASP F 586 6.02 38.16 9.34
N ARG F 587 5.50 37.33 10.29
CA ARG F 587 4.54 37.63 11.36
C ARG F 587 3.07 37.77 10.95
N GLU F 588 2.72 37.59 9.66
CA GLU F 588 1.32 37.68 9.19
C GLU F 588 0.48 36.48 9.68
N CYS F 589 -0.83 36.67 9.80
CA CYS F 589 -1.73 35.64 10.29
C CYS F 589 -2.50 34.99 9.17
N HIS F 590 -2.29 33.67 8.99
CA HIS F 590 -2.93 32.92 7.93
C HIS F 590 -3.86 31.83 8.42
N PRO F 591 -5.02 31.61 7.73
CA PRO F 591 -5.95 30.55 8.15
C PRO F 591 -5.34 29.17 7.98
N CYS F 592 -5.95 28.17 8.61
CA CYS F 592 -5.44 26.83 8.46
C CYS F 592 -6.48 25.76 8.32
N HIS F 593 -6.04 24.60 7.85
CA HIS F 593 -6.84 23.42 7.57
C HIS F 593 -7.99 23.29 8.56
N PRO F 594 -9.24 23.19 8.05
CA PRO F 594 -10.42 23.07 8.95
C PRO F 594 -10.39 21.85 9.89
N ASN F 595 -9.68 20.78 9.51
CA ASN F 595 -9.53 19.58 10.35
C ASN F 595 -8.72 19.84 11.59
N CYS F 596 -7.85 20.85 11.57
CA CYS F 596 -7.08 21.25 12.75
C CYS F 596 -8.04 22.00 13.70
N THR F 597 -8.76 21.23 14.54
CA THR F 597 -9.82 21.70 15.47
C THR F 597 -9.40 22.12 16.88
N GLN F 598 -8.14 21.90 17.26
CA GLN F 598 -7.56 22.35 18.53
C GLN F 598 -6.51 23.43 18.23
N GLY F 599 -6.18 23.55 16.95
CA GLY F 599 -5.19 24.49 16.44
C GLY F 599 -4.30 23.82 15.44
N CYS F 600 -3.43 24.63 14.83
CA CYS F 600 -2.45 24.25 13.81
C CYS F 600 -1.16 25.10 14.07
N ASN F 601 -0.09 24.80 13.34
CA ASN F 601 1.13 25.57 13.44
C ASN F 601 1.67 25.87 12.03
N GLY F 602 0.90 25.40 11.05
CA GLY F 602 1.21 25.54 9.63
C GLY F 602 0.00 25.44 8.72
N PRO F 603 0.25 25.32 7.39
CA PRO F 603 -0.85 25.33 6.40
C PRO F 603 -1.53 24.02 6.04
N THR F 604 -0.99 22.90 6.52
CA THR F 604 -1.45 21.53 6.23
C THR F 604 -2.11 20.80 7.40
N SER F 605 -2.82 19.68 7.09
CA SER F 605 -3.56 18.85 8.04
C SER F 605 -2.62 18.08 8.95
N HIS F 606 -1.34 18.00 8.57
CA HIS F 606 -0.30 17.30 9.32
C HIS F 606 0.30 18.25 10.34
N ASP F 607 -0.04 19.54 10.20
CA ASP F 607 0.41 20.63 11.06
C ASP F 607 -0.52 20.97 12.26
N CYS F 608 -1.44 20.06 12.62
CA CYS F 608 -2.35 20.29 13.74
C CYS F 608 -1.62 20.23 15.06
N ILE F 609 -2.11 21.01 16.05
CA ILE F 609 -1.62 20.95 17.45
C ILE F 609 -2.74 20.24 18.20
N TYR F 610 -2.37 19.22 19.01
CA TYR F 610 -3.34 18.47 19.81
C TYR F 610 -3.04 18.64 21.30
N TYR F 611 -4.08 18.60 22.15
CA TYR F 611 -3.95 18.74 23.61
C TYR F 611 -4.70 17.63 24.38
#